data_6WHJ
#
_entry.id   6WHJ
#
_cell.length_a   44.620
_cell.length_b   169.920
_cell.length_c   84.140
_cell.angle_alpha   90.000
_cell.angle_beta   98.360
_cell.angle_gamma   90.000
#
_symmetry.space_group_name_H-M   'P 1 21 1'
#
loop_
_entity.id
_entity.type
_entity.pdbx_description
1 polymer Ribokinase
2 non-polymer 1,2-ETHANEDIOL
3 water water
#
_entity_poly.entity_id   1
_entity_poly.type   'polypeptide(L)'
_entity_poly.pdbx_seq_one_letter_code
;MAAASTAKIVIIGSYNRDLVWYVKDFPIGGQTINGSFASSHGGKGSNQAIACGKVLRDPSRAFFVGAVGKDTFGDEILAH
YRELGIPNCIKQVSGAPTGNAGIYVAESGENMIVISEGANGMLKPSLVPDLMAVLVKATLVVMQCEISPDNTLLFVEVIK
QAKAQNSSLRFVFNPAPYRADYDFSKILSITDIFCPNELEALEISGTGRLEGICDDSMMKALVEKMSSLSPSLKFVLFTL
GSRGSRIVQTKSYESRTVGIYSHGRAIDTSGAGDCFIGSFCVRLMELAEESTRGPSALNDIDTIAEAARFASVAAGISVT
RKGTSASVPRRQEVDDALSKFSGKGHHHHHH
;
_entity_poly.pdbx_strand_id   A,B,C,D
#
loop_
_chem_comp.id
_chem_comp.type
_chem_comp.name
_chem_comp.formula
EDO non-polymer 1,2-ETHANEDIOL 'C2 H6 O2'
#
# COMPACT_ATOMS: atom_id res chain seq x y z
N THR A 6 -48.31 2.86 -21.59
CA THR A 6 -47.83 2.81 -22.96
C THR A 6 -46.46 3.51 -23.06
N ALA A 7 -45.52 2.85 -23.75
CA ALA A 7 -44.13 3.26 -23.79
C ALA A 7 -43.88 4.44 -24.71
N LYS A 8 -43.18 5.46 -24.19
CA LYS A 8 -42.81 6.64 -24.96
C LYS A 8 -41.31 6.75 -25.22
N ILE A 9 -40.47 6.04 -24.46
CA ILE A 9 -39.03 5.97 -24.70
C ILE A 9 -38.68 4.51 -24.93
N VAL A 10 -38.14 4.20 -26.10
CA VAL A 10 -37.76 2.84 -26.46
C VAL A 10 -36.24 2.77 -26.55
N ILE A 11 -35.64 1.88 -25.77
CA ILE A 11 -34.19 1.69 -25.74
C ILE A 11 -33.90 0.31 -26.33
N ILE A 12 -33.27 0.28 -27.50
CA ILE A 12 -32.89 -0.96 -28.18
C ILE A 12 -31.39 -1.12 -28.04
N GLY A 13 -30.96 -2.07 -27.21
CA GLY A 13 -29.53 -2.24 -27.00
C GLY A 13 -29.09 -3.42 -26.15
N SER A 14 -27.92 -3.26 -25.54
CA SER A 14 -27.19 -4.38 -24.96
C SER A 14 -27.52 -4.56 -23.49
N TYR A 15 -27.38 -5.81 -23.03
CA TYR A 15 -27.21 -6.10 -21.61
C TYR A 15 -25.92 -6.89 -21.45
N ASN A 16 -25.06 -6.43 -20.55
CA ASN A 16 -23.84 -7.16 -20.17
C ASN A 16 -23.79 -7.31 -18.66
N ARG A 17 -23.41 -8.50 -18.20
CA ARG A 17 -23.08 -8.68 -16.79
C ARG A 17 -21.66 -8.18 -16.57
N ASP A 18 -21.53 -7.09 -15.80
CA ASP A 18 -20.21 -6.49 -15.57
C ASP A 18 -19.50 -7.24 -14.45
N LEU A 19 -18.33 -7.80 -14.77
CA LEU A 19 -17.45 -8.44 -13.82
C LEU A 19 -16.24 -7.52 -13.66
N VAL A 20 -16.07 -6.93 -12.48
CA VAL A 20 -15.19 -5.78 -12.30
C VAL A 20 -14.16 -6.08 -11.22
N TRP A 21 -12.89 -5.84 -11.53
CA TRP A 21 -11.80 -5.94 -10.56
C TRP A 21 -11.24 -4.55 -10.32
N TYR A 22 -11.15 -4.18 -9.05
CA TYR A 22 -10.65 -2.86 -8.64
C TYR A 22 -9.22 -3.00 -8.16
N VAL A 23 -8.31 -2.30 -8.84
CA VAL A 23 -6.89 -2.44 -8.62
C VAL A 23 -6.29 -1.06 -8.35
N LYS A 24 -5.09 -1.06 -7.75
CA LYS A 24 -4.34 0.18 -7.61
C LYS A 24 -3.90 0.68 -8.97
N ASP A 25 -3.24 -0.16 -9.75
CA ASP A 25 -2.82 0.20 -11.08
C ASP A 25 -3.13 -0.93 -12.04
N PHE A 26 -3.34 -0.58 -13.30
CA PHE A 26 -3.54 -1.60 -14.31
C PHE A 26 -2.34 -2.55 -14.30
N PRO A 27 -2.56 -3.86 -14.43
CA PRO A 27 -1.41 -4.76 -14.60
C PRO A 27 -0.77 -4.47 -15.95
N ILE A 28 0.53 -4.71 -16.03
CA ILE A 28 1.20 -4.62 -17.32
C ILE A 28 1.21 -6.03 -17.92
N GLY A 29 1.55 -6.12 -19.20
CA GLY A 29 1.59 -7.40 -19.87
C GLY A 29 2.46 -8.43 -19.18
N GLY A 30 1.89 -9.60 -18.90
CA GLY A 30 2.63 -10.64 -18.23
C GLY A 30 2.59 -10.58 -16.72
N GLN A 31 1.93 -9.58 -16.14
CA GLN A 31 1.92 -9.35 -14.70
C GLN A 31 0.67 -9.93 -14.03
N THR A 32 0.87 -10.52 -12.85
CA THR A 32 -0.21 -10.96 -11.98
C THR A 32 -0.26 -10.04 -10.77
N ILE A 33 -1.39 -9.35 -10.60
CA ILE A 33 -1.61 -8.49 -9.44
C ILE A 33 -2.90 -8.92 -8.77
N ASN A 34 -3.10 -8.40 -7.54
CA ASN A 34 -4.30 -8.62 -6.76
C ASN A 34 -5.26 -7.42 -6.84
N GLY A 35 -6.55 -7.71 -6.73
CA GLY A 35 -7.56 -6.68 -6.76
C GLY A 35 -8.79 -7.11 -5.98
N SER A 36 -9.80 -6.24 -6.02
CA SER A 36 -11.08 -6.47 -5.37
C SER A 36 -12.17 -6.62 -6.42
N PHE A 37 -13.05 -7.60 -6.24
CA PHE A 37 -14.01 -7.99 -7.26
C PHE A 37 -15.42 -7.54 -6.89
N ALA A 38 -16.18 -7.15 -7.91
CA ALA A 38 -17.61 -6.88 -7.78
C ALA A 38 -18.28 -7.19 -9.11
N SER A 39 -19.48 -7.75 -9.03
CA SER A 39 -20.29 -8.07 -10.20
C SER A 39 -21.55 -7.21 -10.18
N SER A 40 -21.94 -6.71 -11.34
CA SER A 40 -23.04 -5.77 -11.40
C SER A 40 -23.68 -5.79 -12.79
N HIS A 41 -24.92 -5.32 -12.85
CA HIS A 41 -25.64 -5.21 -14.12
C HIS A 41 -25.06 -4.08 -14.95
N GLY A 42 -24.83 -4.34 -16.23
CA GLY A 42 -24.28 -3.34 -17.13
C GLY A 42 -24.81 -3.49 -18.53
N GLY A 43 -24.00 -3.09 -19.51
CA GLY A 43 -24.47 -2.95 -20.87
C GLY A 43 -25.00 -1.55 -21.08
N LYS A 44 -24.54 -0.87 -22.15
CA LYS A 44 -24.96 0.50 -22.34
C LYS A 44 -26.46 0.62 -22.59
N GLY A 45 -27.02 -0.33 -23.35
CA GLY A 45 -28.45 -0.27 -23.60
C GLY A 45 -29.27 -0.38 -22.33
N SER A 46 -28.95 -1.39 -21.50
CA SER A 46 -29.70 -1.60 -20.27
C SER A 46 -29.43 -0.50 -19.25
N ASN A 47 -28.20 0.00 -19.19
CA ASN A 47 -27.91 1.10 -18.27
C ASN A 47 -28.78 2.29 -18.60
N GLN A 48 -28.94 2.58 -19.89
CA GLN A 48 -29.73 3.74 -20.28
C GLN A 48 -31.22 3.52 -20.02
N ALA A 49 -31.69 2.28 -20.13
CA ALA A 49 -33.09 2.00 -19.83
C ALA A 49 -33.36 2.09 -18.33
N ILE A 50 -32.40 1.63 -17.53
CA ILE A 50 -32.58 1.68 -16.08
C ILE A 50 -32.50 3.12 -15.58
N ALA A 51 -31.62 3.93 -16.16
CA ALA A 51 -31.59 5.35 -15.82
C ALA A 51 -32.89 6.05 -16.21
N CYS A 52 -33.48 5.68 -17.35
CA CYS A 52 -34.77 6.22 -17.73
C CYS A 52 -35.83 5.84 -16.70
N GLY A 53 -35.96 4.54 -16.42
CA GLY A 53 -36.97 4.10 -15.47
C GLY A 53 -36.83 4.75 -14.11
N LYS A 54 -35.59 5.03 -13.68
CA LYS A 54 -35.39 5.60 -12.35
C LYS A 54 -35.61 7.12 -12.33
N VAL A 55 -35.36 7.80 -13.45
CA VAL A 55 -35.54 9.25 -13.48
C VAL A 55 -36.95 9.62 -13.95
N LEU A 56 -37.66 8.68 -14.57
CA LEU A 56 -39.02 8.91 -15.00
C LEU A 56 -39.95 9.09 -13.81
N ARG A 57 -41.04 9.83 -14.04
CA ARG A 57 -42.09 9.95 -13.02
CA ARG A 57 -42.06 9.94 -13.00
C ARG A 57 -42.92 8.69 -12.90
N ASP A 58 -43.01 7.91 -13.97
CA ASP A 58 -43.66 6.62 -14.00
C ASP A 58 -42.80 5.73 -14.91
N PRO A 59 -42.16 4.71 -14.36
CA PRO A 59 -41.23 3.90 -15.17
C PRO A 59 -41.90 3.19 -16.35
N SER A 60 -43.23 3.09 -16.37
CA SER A 60 -43.91 2.38 -17.46
C SER A 60 -43.78 3.09 -18.81
N ARG A 61 -43.24 4.30 -18.85
CA ARG A 61 -43.02 4.99 -20.12
C ARG A 61 -41.72 4.58 -20.80
N ALA A 62 -40.81 3.91 -20.09
CA ALA A 62 -39.61 3.35 -20.70
C ALA A 62 -39.86 1.93 -21.18
N PHE A 63 -39.10 1.52 -22.19
CA PHE A 63 -39.26 0.20 -22.79
C PHE A 63 -37.90 -0.22 -23.31
N PHE A 64 -37.37 -1.34 -22.79
CA PHE A 64 -36.05 -1.83 -23.16
C PHE A 64 -36.15 -3.03 -24.09
N VAL A 65 -35.35 -3.03 -25.15
CA VAL A 65 -35.30 -4.10 -26.13
C VAL A 65 -33.88 -4.64 -26.18
N GLY A 66 -33.72 -5.92 -25.86
CA GLY A 66 -32.44 -6.59 -25.83
C GLY A 66 -32.60 -8.10 -25.82
N ALA A 67 -31.48 -8.79 -25.95
CA ALA A 67 -31.45 -10.25 -25.99
C ALA A 67 -30.41 -10.78 -25.01
N VAL A 68 -30.80 -11.78 -24.23
CA VAL A 68 -29.91 -12.41 -23.26
C VAL A 68 -30.01 -13.92 -23.43
N GLY A 69 -29.06 -14.63 -22.80
CA GLY A 69 -29.01 -16.08 -22.90
C GLY A 69 -29.96 -16.78 -21.94
N LYS A 70 -30.09 -18.09 -22.13
CA LYS A 70 -30.86 -18.93 -21.21
C LYS A 70 -29.95 -19.44 -20.10
N ASP A 71 -29.49 -18.52 -19.26
CA ASP A 71 -28.59 -18.83 -18.18
C ASP A 71 -28.96 -17.99 -16.97
N THR A 72 -28.20 -18.16 -15.89
CA THR A 72 -28.50 -17.47 -14.64
C THR A 72 -28.47 -15.96 -14.83
N PHE A 73 -27.39 -15.45 -15.46
CA PHE A 73 -27.32 -14.03 -15.74
C PHE A 73 -28.55 -13.55 -16.51
N GLY A 74 -28.99 -14.35 -17.50
CA GLY A 74 -30.16 -13.98 -18.27
C GLY A 74 -31.43 -13.97 -17.43
N ASP A 75 -31.58 -14.96 -16.54
CA ASP A 75 -32.76 -14.96 -15.68
C ASP A 75 -32.73 -13.81 -14.69
N GLU A 76 -31.55 -13.48 -14.16
CA GLU A 76 -31.47 -12.45 -13.13
C GLU A 76 -31.77 -11.07 -13.68
N ILE A 77 -31.41 -10.78 -14.94
CA ILE A 77 -31.68 -9.44 -15.43
C ILE A 77 -33.18 -9.28 -15.77
N LEU A 78 -33.84 -10.34 -16.25
CA LEU A 78 -35.29 -10.26 -16.45
C LEU A 78 -36.00 -10.06 -15.13
N ALA A 79 -35.57 -10.78 -14.09
CA ALA A 79 -36.18 -10.59 -12.77
C ALA A 79 -35.90 -9.17 -12.26
N HIS A 80 -34.71 -8.65 -12.55
CA HIS A 80 -34.36 -7.31 -12.10
C HIS A 80 -35.27 -6.27 -12.74
N TYR A 81 -35.56 -6.41 -14.04
CA TYR A 81 -36.45 -5.47 -14.71
C TYR A 81 -37.87 -5.56 -14.16
N ARG A 82 -38.31 -6.77 -13.80
CA ARG A 82 -39.60 -6.90 -13.13
C ARG A 82 -39.59 -6.13 -11.82
N GLU A 83 -38.52 -6.31 -11.02
CA GLU A 83 -38.37 -5.60 -9.76
C GLU A 83 -38.29 -4.08 -9.93
N LEU A 84 -37.80 -3.62 -11.08
CA LEU A 84 -37.72 -2.19 -11.35
C LEU A 84 -38.99 -1.62 -11.94
N GLY A 85 -39.89 -2.47 -12.45
CA GLY A 85 -41.11 -1.97 -13.05
C GLY A 85 -40.91 -1.35 -14.41
N ILE A 86 -39.92 -1.82 -15.17
CA ILE A 86 -39.59 -1.27 -16.49
C ILE A 86 -40.09 -2.28 -17.52
N PRO A 87 -41.06 -1.93 -18.36
CA PRO A 87 -41.48 -2.84 -19.43
C PRO A 87 -40.33 -3.13 -20.37
N ASN A 88 -40.37 -4.33 -20.96
CA ASN A 88 -39.29 -4.77 -21.83
C ASN A 88 -39.77 -5.95 -22.65
N CYS A 89 -39.04 -6.25 -23.73
CA CYS A 89 -39.20 -7.51 -24.44
C CYS A 89 -37.83 -8.17 -24.56
N ILE A 90 -37.20 -8.39 -23.41
CA ILE A 90 -35.92 -9.10 -23.35
C ILE A 90 -36.18 -10.55 -23.77
N LYS A 91 -35.72 -10.91 -24.96
CA LYS A 91 -35.83 -12.28 -25.46
C LYS A 91 -34.64 -13.11 -24.99
N GLN A 92 -34.93 -14.29 -24.46
CA GLN A 92 -33.90 -15.25 -24.09
C GLN A 92 -33.67 -16.21 -25.24
N VAL A 93 -32.40 -16.32 -25.65
CA VAL A 93 -32.01 -17.07 -26.83
C VAL A 93 -31.13 -18.24 -26.39
N SER A 94 -31.16 -19.30 -27.20
CA SER A 94 -30.39 -20.49 -26.88
C SER A 94 -29.03 -20.52 -27.58
N GLY A 95 -28.79 -19.59 -28.50
CA GLY A 95 -27.55 -19.64 -29.26
C GLY A 95 -26.33 -19.28 -28.43
N ALA A 96 -26.39 -18.15 -27.72
CA ALA A 96 -25.25 -17.62 -27.00
C ALA A 96 -25.55 -17.45 -25.51
N PRO A 97 -24.52 -17.32 -24.68
CA PRO A 97 -24.73 -16.87 -23.30
C PRO A 97 -25.03 -15.38 -23.24
N THR A 98 -25.55 -14.97 -22.08
CA THR A 98 -25.72 -13.55 -21.81
C THR A 98 -24.38 -12.85 -21.96
N GLY A 99 -24.40 -11.67 -22.58
CA GLY A 99 -23.18 -10.91 -22.74
C GLY A 99 -22.58 -10.52 -21.40
N ASN A 100 -21.26 -10.36 -21.39
CA ASN A 100 -20.59 -9.91 -20.18
C ASN A 100 -19.46 -8.96 -20.55
N ALA A 101 -18.85 -8.36 -19.54
CA ALA A 101 -17.68 -7.51 -19.72
C ALA A 101 -16.69 -7.78 -18.60
N GLY A 102 -15.42 -7.93 -18.97
CA GLY A 102 -14.34 -8.05 -18.00
C GLY A 102 -13.67 -6.70 -17.89
N ILE A 103 -13.75 -6.10 -16.71
CA ILE A 103 -13.42 -4.70 -16.50
C ILE A 103 -12.33 -4.60 -15.43
N TYR A 104 -11.30 -3.79 -15.70
CA TYR A 104 -10.33 -3.35 -14.69
C TYR A 104 -10.54 -1.87 -14.40
N VAL A 105 -10.72 -1.53 -13.12
CA VAL A 105 -10.86 -0.15 -12.68
C VAL A 105 -9.67 0.21 -11.81
N ALA A 106 -8.82 1.13 -12.28
CA ALA A 106 -7.68 1.61 -11.52
C ALA A 106 -8.12 2.69 -10.52
N GLU A 107 -7.27 2.96 -9.53
CA GLU A 107 -7.63 3.92 -8.50
C GLU A 107 -7.76 5.34 -9.02
N SER A 108 -7.19 5.62 -10.19
CA SER A 108 -7.37 6.91 -10.85
C SER A 108 -8.77 7.10 -11.41
N GLY A 109 -9.52 6.02 -11.59
CA GLY A 109 -10.81 6.09 -12.24
C GLY A 109 -10.80 5.56 -13.67
N GLU A 110 -9.63 5.31 -14.22
CA GLU A 110 -9.53 4.80 -15.58
C GLU A 110 -10.05 3.37 -15.68
N ASN A 111 -10.56 3.02 -16.86
CA ASN A 111 -11.15 1.71 -17.13
C ASN A 111 -10.38 0.97 -18.22
N MET A 112 -10.52 -0.34 -18.18
CA MET A 112 -10.22 -1.22 -19.29
C MET A 112 -11.44 -2.12 -19.42
N ILE A 113 -12.04 -2.19 -20.59
CA ILE A 113 -13.27 -2.95 -20.78
C ILE A 113 -13.10 -3.91 -21.93
N VAL A 114 -13.37 -5.18 -21.69
CA VAL A 114 -13.45 -6.20 -22.72
C VAL A 114 -14.85 -6.79 -22.65
N ILE A 115 -15.59 -6.67 -23.74
CA ILE A 115 -16.95 -7.19 -23.83
C ILE A 115 -16.93 -8.51 -24.58
N SER A 116 -17.68 -9.49 -24.07
CA SER A 116 -18.03 -10.70 -24.81
C SER A 116 -19.49 -10.54 -25.16
N GLU A 117 -19.78 -10.13 -26.40
CA GLU A 117 -21.14 -9.66 -26.73
C GLU A 117 -22.19 -10.73 -26.47
N GLY A 118 -21.86 -12.00 -26.75
CA GLY A 118 -22.78 -13.08 -26.46
C GLY A 118 -24.13 -12.88 -27.13
N ALA A 119 -25.20 -13.00 -26.34
CA ALA A 119 -26.55 -12.96 -26.89
C ALA A 119 -26.89 -11.59 -27.49
N ASN A 120 -26.12 -10.56 -27.17
CA ASN A 120 -26.32 -9.26 -27.79
C ASN A 120 -26.16 -9.34 -29.30
N GLY A 121 -25.38 -10.32 -29.77
CA GLY A 121 -25.19 -10.49 -31.20
C GLY A 121 -26.38 -11.09 -31.92
N MET A 122 -27.38 -11.57 -31.18
CA MET A 122 -28.59 -12.14 -31.75
C MET A 122 -29.75 -11.17 -31.82
N LEU A 123 -29.62 -9.98 -31.26
CA LEU A 123 -30.73 -9.03 -31.23
C LEU A 123 -30.98 -8.50 -32.65
N LYS A 124 -32.06 -8.99 -33.27
CA LYS A 124 -32.53 -8.58 -34.59
C LYS A 124 -33.99 -8.19 -34.50
N PRO A 125 -34.50 -7.42 -35.47
CA PRO A 125 -35.95 -7.14 -35.48
C PRO A 125 -36.82 -8.39 -35.47
N SER A 126 -36.42 -9.44 -36.19
CA SER A 126 -37.20 -10.67 -36.23
C SER A 126 -37.34 -11.29 -34.85
N LEU A 127 -36.35 -11.11 -33.97
CA LEU A 127 -36.46 -11.61 -32.62
C LEU A 127 -37.51 -10.86 -31.81
N VAL A 128 -37.84 -9.64 -32.22
CA VAL A 128 -38.80 -8.79 -31.52
C VAL A 128 -39.88 -8.35 -32.51
N PRO A 129 -40.77 -9.25 -32.94
CA PRO A 129 -41.68 -8.91 -34.05
C PRO A 129 -42.67 -7.79 -33.75
N ASP A 130 -42.93 -7.47 -32.48
CA ASP A 130 -43.91 -6.44 -32.14
C ASP A 130 -43.27 -5.08 -31.90
N LEU A 131 -42.04 -4.87 -32.39
CA LEU A 131 -41.37 -3.60 -32.14
C LEU A 131 -42.04 -2.46 -32.90
N MET A 132 -42.44 -2.71 -34.16
CA MET A 132 -43.02 -1.65 -34.97
C MET A 132 -44.26 -1.06 -34.30
N ALA A 133 -45.09 -1.90 -33.69
CA ALA A 133 -46.31 -1.40 -33.05
C ALA A 133 -46.02 -0.46 -31.89
N VAL A 134 -44.93 -0.71 -31.15
CA VAL A 134 -44.59 0.18 -30.05
C VAL A 134 -43.95 1.47 -30.57
N LEU A 135 -43.11 1.36 -31.60
CA LEU A 135 -42.38 2.51 -32.12
C LEU A 135 -43.30 3.54 -32.78
N VAL A 136 -44.41 3.11 -33.39
CA VAL A 136 -45.25 4.08 -34.09
C VAL A 136 -46.05 4.90 -33.10
N LYS A 137 -45.93 4.61 -31.81
CA LYS A 137 -46.59 5.42 -30.80
C LYS A 137 -45.63 6.10 -29.82
N ALA A 138 -44.33 5.90 -29.97
CA ALA A 138 -43.32 6.43 -29.03
C ALA A 138 -42.83 7.82 -29.44
N THR A 139 -42.10 8.45 -28.53
CA THR A 139 -41.47 9.74 -28.76
C THR A 139 -39.98 9.62 -29.02
N LEU A 140 -39.29 8.75 -28.30
CA LEU A 140 -37.85 8.60 -28.47
C LEU A 140 -37.50 7.13 -28.66
N VAL A 141 -36.53 6.87 -29.54
CA VAL A 141 -35.90 5.57 -29.66
C VAL A 141 -34.40 5.79 -29.58
N VAL A 142 -33.72 4.97 -28.77
CA VAL A 142 -32.31 5.17 -28.42
C VAL A 142 -31.55 3.89 -28.72
N MET A 143 -30.37 4.03 -29.33
CA MET A 143 -29.49 2.90 -29.61
C MET A 143 -28.05 3.30 -29.34
N GLN A 144 -27.20 2.28 -29.11
CA GLN A 144 -25.78 2.48 -28.88
C GLN A 144 -24.96 1.61 -29.84
N CYS A 145 -23.79 1.14 -29.42
CA CYS A 145 -22.92 0.37 -30.30
C CYS A 145 -22.48 -0.93 -29.65
N GLU A 146 -23.37 -1.56 -28.87
CA GLU A 146 -23.01 -2.79 -28.19
C GLU A 146 -23.86 -3.97 -28.67
N ILE A 147 -24.48 -3.85 -29.84
CA ILE A 147 -25.03 -5.01 -30.53
C ILE A 147 -24.27 -5.12 -31.85
N SER A 148 -24.66 -6.05 -32.70
CA SER A 148 -23.88 -6.27 -33.91
C SER A 148 -24.14 -5.20 -34.97
N PRO A 149 -23.12 -4.84 -35.76
CA PRO A 149 -23.32 -3.82 -36.81
C PRO A 149 -24.42 -4.15 -37.81
N ASP A 150 -24.48 -5.38 -38.33
CA ASP A 150 -25.50 -5.73 -39.31
C ASP A 150 -26.89 -5.70 -38.71
N ASN A 151 -27.02 -6.12 -37.45
CA ASN A 151 -28.33 -6.11 -36.83
C ASN A 151 -28.75 -4.70 -36.48
N THR A 152 -27.80 -3.83 -36.16
CA THR A 152 -28.11 -2.42 -36.00
C THR A 152 -28.76 -1.86 -37.25
N LEU A 153 -28.23 -2.22 -38.43
CA LEU A 153 -28.78 -1.70 -39.67
C LEU A 153 -30.19 -2.22 -39.95
N LEU A 154 -30.49 -3.45 -39.52
CA LEU A 154 -31.86 -3.93 -39.63
C LEU A 154 -32.79 -3.10 -38.76
N PHE A 155 -32.35 -2.77 -37.53
CA PHE A 155 -33.16 -1.92 -36.67
C PHE A 155 -33.29 -0.52 -37.25
N VAL A 156 -32.25 -0.01 -37.90
CA VAL A 156 -32.34 1.28 -38.57
C VAL A 156 -33.48 1.26 -39.59
N GLU A 157 -33.61 0.17 -40.34
CA GLU A 157 -34.67 0.08 -41.35
C GLU A 157 -36.06 0.06 -40.72
N VAL A 158 -36.21 -0.63 -39.58
CA VAL A 158 -37.50 -0.61 -38.87
C VAL A 158 -37.82 0.78 -38.35
N ILE A 159 -36.82 1.45 -37.76
CA ILE A 159 -37.05 2.79 -37.21
C ILE A 159 -37.39 3.77 -38.31
N LYS A 160 -36.69 3.67 -39.44
CA LYS A 160 -36.99 4.53 -40.59
C LYS A 160 -38.44 4.35 -41.04
N GLN A 161 -38.93 3.12 -41.04
CA GLN A 161 -40.34 2.90 -41.38
C GLN A 161 -41.25 3.43 -40.28
N ALA A 162 -40.80 3.38 -39.03
CA ALA A 162 -41.65 3.83 -37.93
C ALA A 162 -41.76 5.35 -37.89
N LYS A 163 -40.68 6.06 -38.23
CA LYS A 163 -40.78 7.51 -38.19
C LYS A 163 -41.65 8.05 -39.32
N ALA A 164 -41.71 7.36 -40.46
CA ALA A 164 -42.57 7.80 -41.54
C ALA A 164 -44.05 7.63 -41.19
N GLN A 165 -44.35 6.70 -40.28
CA GLN A 165 -45.70 6.48 -39.80
C GLN A 165 -46.01 7.29 -38.55
N ASN A 166 -44.99 7.64 -37.77
CA ASN A 166 -45.14 8.39 -36.52
C ASN A 166 -44.20 9.60 -36.59
N SER A 167 -44.70 10.76 -37.01
CA SER A 167 -43.85 11.93 -37.17
C SER A 167 -43.39 12.52 -35.85
N SER A 168 -43.89 11.99 -34.75
CA SER A 168 -43.48 12.46 -33.44
C SER A 168 -42.24 11.76 -32.92
N LEU A 169 -41.80 10.71 -33.59
CA LEU A 169 -40.68 9.90 -33.13
C LEU A 169 -39.33 10.54 -33.48
N ARG A 170 -38.45 10.64 -32.48
CA ARG A 170 -37.07 11.11 -32.67
C ARG A 170 -36.10 9.97 -32.31
N PHE A 171 -35.10 9.78 -33.16
CA PHE A 171 -34.08 8.76 -32.96
C PHE A 171 -32.84 9.41 -32.33
N VAL A 172 -32.51 8.99 -31.12
CA VAL A 172 -31.32 9.44 -30.39
C VAL A 172 -30.24 8.36 -30.51
N PHE A 173 -29.11 8.70 -31.13
CA PHE A 173 -28.04 7.74 -31.35
C PHE A 173 -26.83 8.13 -30.51
N ASN A 174 -26.45 7.24 -29.59
CA ASN A 174 -25.26 7.41 -28.76
C ASN A 174 -24.18 6.45 -29.26
N PRO A 175 -23.18 6.94 -30.02
CA PRO A 175 -22.21 6.04 -30.69
C PRO A 175 -21.14 5.52 -29.74
N ALA A 176 -21.57 4.79 -28.71
CA ALA A 176 -20.66 4.36 -27.66
C ALA A 176 -20.75 2.84 -27.48
N PRO A 177 -19.59 2.16 -27.34
CA PRO A 177 -18.24 2.70 -27.51
C PRO A 177 -17.93 2.86 -28.98
N TYR A 178 -16.89 3.61 -29.35
CA TYR A 178 -16.58 3.75 -30.77
C TYR A 178 -16.24 2.38 -31.37
N ARG A 179 -16.94 2.03 -32.45
CA ARG A 179 -16.74 0.79 -33.18
C ARG A 179 -16.45 1.17 -34.62
N ALA A 180 -15.30 0.74 -35.13
CA ALA A 180 -14.95 1.06 -36.51
C ALA A 180 -15.79 0.31 -37.53
N ASP A 181 -16.44 -0.78 -37.13
CA ASP A 181 -17.23 -1.62 -38.05
C ASP A 181 -18.71 -1.21 -38.15
N TYR A 182 -19.09 -0.08 -37.58
CA TYR A 182 -20.46 0.42 -37.70
C TYR A 182 -20.57 1.33 -38.93
N ASP A 183 -21.63 1.12 -39.72
CA ASP A 183 -21.94 1.99 -40.86
C ASP A 183 -22.61 3.25 -40.30
N PHE A 184 -21.78 4.19 -39.82
CA PHE A 184 -22.31 5.41 -39.22
C PHE A 184 -23.09 6.25 -40.22
N SER A 185 -22.66 6.22 -41.49
CA SER A 185 -23.38 6.99 -42.51
C SER A 185 -24.84 6.55 -42.60
N LYS A 186 -25.08 5.23 -42.62
CA LYS A 186 -26.45 4.75 -42.72
C LYS A 186 -27.23 5.04 -41.46
N ILE A 187 -26.60 4.91 -40.29
CA ILE A 187 -27.32 5.17 -39.03
C ILE A 187 -27.70 6.65 -38.96
N LEU A 188 -26.78 7.54 -39.34
CA LEU A 188 -27.03 8.96 -39.26
C LEU A 188 -28.15 9.42 -40.20
N SER A 189 -28.44 8.65 -41.25
CA SER A 189 -29.44 9.07 -42.23
C SER A 189 -30.85 9.12 -41.65
N ILE A 190 -31.10 8.45 -40.53
CA ILE A 190 -32.36 8.55 -39.81
C ILE A 190 -32.19 9.06 -38.39
N THR A 191 -30.97 9.43 -37.99
CA THR A 191 -30.71 9.98 -36.67
C THR A 191 -31.23 11.42 -36.57
N ASP A 192 -31.92 11.71 -35.47
CA ASP A 192 -32.36 13.08 -35.20
C ASP A 192 -31.41 13.84 -34.30
N ILE A 193 -30.94 13.20 -33.23
CA ILE A 193 -30.01 13.80 -32.28
C ILE A 193 -28.86 12.82 -32.10
N PHE A 194 -27.64 13.25 -32.42
CA PHE A 194 -26.43 12.46 -32.36
C PHE A 194 -25.63 12.89 -31.13
N CYS A 195 -25.23 11.91 -30.31
CA CYS A 195 -24.66 12.17 -28.97
C CYS A 195 -23.32 11.49 -28.78
N PRO A 196 -22.27 11.93 -29.46
CA PRO A 196 -20.95 11.37 -29.23
C PRO A 196 -20.24 12.08 -28.09
N ASN A 197 -19.30 11.37 -27.47
CA ASN A 197 -18.38 12.05 -26.58
C ASN A 197 -17.18 12.53 -27.38
N GLU A 198 -16.19 13.09 -26.69
CA GLU A 198 -15.06 13.74 -27.34
C GLU A 198 -14.28 12.75 -28.22
N LEU A 199 -13.87 11.61 -27.65
CA LEU A 199 -13.06 10.67 -28.43
C LEU A 199 -13.85 10.05 -29.56
N GLU A 200 -15.13 9.74 -29.32
CA GLU A 200 -15.98 9.18 -30.37
C GLU A 200 -16.18 10.15 -31.52
N ALA A 201 -16.39 11.44 -31.21
CA ALA A 201 -16.52 12.42 -32.27
C ALA A 201 -15.23 12.56 -33.06
N LEU A 202 -14.09 12.42 -32.40
CA LEU A 202 -12.80 12.56 -33.08
C LEU A 202 -12.53 11.38 -34.01
N GLU A 203 -12.93 10.16 -33.60
CA GLU A 203 -12.71 9.00 -34.45
C GLU A 203 -13.68 8.96 -35.61
N ILE A 204 -14.87 9.55 -35.43
CA ILE A 204 -15.85 9.58 -36.51
C ILE A 204 -15.58 10.72 -37.48
N SER A 205 -14.65 11.61 -37.16
CA SER A 205 -14.32 12.72 -38.06
C SER A 205 -13.06 12.45 -38.87
N GLY A 206 -12.03 11.87 -38.25
CA GLY A 206 -10.77 11.62 -38.92
C GLY A 206 -9.76 12.74 -38.77
N THR A 207 -10.18 13.92 -38.33
CA THR A 207 -9.28 15.05 -38.16
C THR A 207 -9.40 15.62 -36.74
N GLU A 211 -5.92 17.01 -31.51
CA GLU A 211 -5.92 15.57 -31.21
C GLU A 211 -6.09 15.34 -29.71
N GLY A 212 -7.24 14.78 -29.34
CA GLY A 212 -7.63 14.64 -27.96
C GLY A 212 -8.57 15.73 -27.45
N ILE A 213 -8.74 16.81 -28.23
CA ILE A 213 -9.53 17.96 -27.83
C ILE A 213 -10.34 18.45 -29.02
N CYS A 214 -11.63 18.68 -28.81
CA CYS A 214 -12.54 19.16 -29.86
C CYS A 214 -12.64 20.67 -29.76
N ASP A 215 -12.27 21.38 -30.82
CA ASP A 215 -12.41 22.82 -30.79
C ASP A 215 -13.73 23.20 -31.47
N ASP A 216 -14.03 24.50 -31.49
CA ASP A 216 -15.30 24.93 -32.05
C ASP A 216 -15.35 24.70 -33.55
N SER A 217 -14.22 24.84 -34.23
CA SER A 217 -14.19 24.66 -35.68
C SER A 217 -14.35 23.19 -36.05
N MET A 218 -13.76 22.29 -35.26
CA MET A 218 -13.93 20.87 -35.55
C MET A 218 -15.37 20.43 -35.32
N MET A 219 -16.02 20.96 -34.29
CA MET A 219 -17.40 20.53 -34.05
C MET A 219 -18.32 21.03 -35.15
N LYS A 220 -18.09 22.25 -35.67
CA LYS A 220 -18.90 22.73 -36.78
C LYS A 220 -18.66 21.87 -38.02
N ALA A 221 -17.39 21.56 -38.31
CA ALA A 221 -17.07 20.73 -39.47
C ALA A 221 -17.66 19.34 -39.36
N LEU A 222 -17.74 18.78 -38.15
CA LEU A 222 -18.34 17.47 -38.03
C LEU A 222 -19.84 17.53 -38.28
N VAL A 223 -20.51 18.56 -37.74
CA VAL A 223 -21.94 18.71 -37.97
C VAL A 223 -22.23 18.87 -39.46
N GLU A 224 -21.40 19.64 -40.15
CA GLU A 224 -21.58 19.82 -41.59
C GLU A 224 -21.42 18.50 -42.34
N LYS A 225 -20.35 17.74 -42.02
CA LYS A 225 -20.13 16.50 -42.76
C LYS A 225 -21.24 15.50 -42.50
N MET A 226 -21.66 15.38 -41.25
CA MET A 226 -22.74 14.45 -40.92
C MET A 226 -24.08 14.91 -41.50
N SER A 227 -24.34 16.23 -41.47
CA SER A 227 -25.64 16.72 -41.92
C SER A 227 -25.77 16.78 -43.44
N SER A 228 -24.66 16.77 -44.19
CA SER A 228 -24.76 16.87 -45.63
C SER A 228 -25.42 15.64 -46.25
N LEU A 229 -25.29 14.48 -45.61
CA LEU A 229 -25.83 13.24 -46.12
C LEU A 229 -27.10 12.79 -45.38
N SER A 230 -27.60 13.57 -44.42
CA SER A 230 -28.70 13.14 -43.56
C SER A 230 -29.85 14.13 -43.61
N PRO A 231 -31.03 13.73 -44.09
CA PRO A 231 -32.19 14.63 -44.00
C PRO A 231 -32.78 14.76 -42.61
N SER A 232 -32.46 13.87 -41.68
CA SER A 232 -33.09 13.93 -40.37
C SER A 232 -32.25 14.61 -39.31
N LEU A 233 -30.92 14.68 -39.48
CA LEU A 233 -30.05 15.14 -38.40
C LEU A 233 -30.37 16.58 -38.05
N LYS A 234 -30.70 16.81 -36.80
CA LYS A 234 -31.08 18.14 -36.35
C LYS A 234 -30.14 18.72 -35.30
N PHE A 235 -29.58 17.88 -34.43
CA PHE A 235 -28.72 18.36 -33.36
C PHE A 235 -27.61 17.35 -33.11
N VAL A 236 -26.43 17.86 -32.81
CA VAL A 236 -25.35 17.05 -32.26
C VAL A 236 -25.06 17.56 -30.86
N LEU A 237 -25.17 16.64 -29.89
CA LEU A 237 -24.76 16.91 -28.52
C LEU A 237 -23.38 16.29 -28.35
N PHE A 238 -22.35 17.13 -28.31
CA PHE A 238 -21.00 16.66 -28.01
C PHE A 238 -20.82 16.59 -26.50
N THR A 239 -20.42 15.41 -26.01
CA THR A 239 -20.03 15.26 -24.61
C THR A 239 -18.55 15.56 -24.48
N LEU A 240 -18.19 16.52 -23.62
CA LEU A 240 -16.83 17.01 -23.56
C LEU A 240 -16.17 16.84 -22.19
N GLY A 241 -16.68 15.92 -21.38
CA GLY A 241 -16.02 15.61 -20.12
C GLY A 241 -16.01 16.80 -19.17
N SER A 242 -14.81 17.19 -18.73
CA SER A 242 -14.73 18.30 -17.78
C SER A 242 -15.22 19.61 -18.37
N ARG A 243 -15.32 19.72 -19.70
CA ARG A 243 -15.83 20.93 -20.32
C ARG A 243 -17.35 20.95 -20.42
N GLY A 244 -18.04 19.88 -20.10
CA GLY A 244 -19.49 19.85 -20.18
C GLY A 244 -19.94 19.31 -21.53
N SER A 245 -20.89 19.99 -22.14
CA SER A 245 -21.41 19.54 -23.42
C SER A 245 -21.73 20.75 -24.29
N ARG A 246 -21.77 20.49 -25.60
CA ARG A 246 -22.09 21.46 -26.62
C ARG A 246 -23.22 20.90 -27.47
N ILE A 247 -24.25 21.69 -27.67
CA ILE A 247 -25.34 21.35 -28.59
C ILE A 247 -25.17 22.23 -29.82
N VAL A 248 -25.07 21.61 -30.99
CA VAL A 248 -24.95 22.34 -32.24
C VAL A 248 -26.11 21.92 -33.14
N GLN A 249 -26.85 22.89 -33.64
CA GLN A 249 -27.90 22.64 -34.61
C GLN A 249 -27.32 22.48 -36.01
N THR A 250 -27.88 21.56 -36.80
CA THR A 250 -27.47 21.44 -38.20
C THR A 250 -27.97 22.64 -39.01
N LYS A 251 -27.30 22.88 -40.15
CA LYS A 251 -27.64 23.89 -41.16
C LYS A 251 -27.34 25.31 -40.68
N SER A 252 -27.73 25.65 -39.45
CA SER A 252 -27.47 26.98 -38.89
C SER A 252 -26.25 27.02 -37.98
N TYR A 253 -25.87 25.89 -37.38
CA TYR A 253 -24.72 25.80 -36.49
C TYR A 253 -24.89 26.67 -35.24
N GLU A 254 -26.15 26.85 -34.84
CA GLU A 254 -26.47 27.45 -33.55
C GLU A 254 -25.92 26.56 -32.46
N SER A 255 -25.32 27.16 -31.43
CA SER A 255 -24.68 26.39 -30.38
C SER A 255 -25.19 26.82 -29.01
N ARG A 256 -25.30 25.85 -28.13
CA ARG A 256 -25.60 26.07 -26.72
C ARG A 256 -24.55 25.34 -25.90
N THR A 257 -23.96 26.02 -24.93
CA THR A 257 -23.02 25.38 -24.00
C THR A 257 -23.75 25.04 -22.70
N VAL A 258 -23.53 23.82 -22.21
CA VAL A 258 -24.11 23.37 -20.97
C VAL A 258 -22.98 22.82 -20.10
N GLY A 259 -22.80 23.41 -18.92
CA GLY A 259 -21.65 23.11 -18.12
C GLY A 259 -21.83 21.88 -17.25
N ILE A 260 -20.69 21.38 -16.77
CA ILE A 260 -20.70 20.32 -15.79
C ILE A 260 -21.44 20.81 -14.55
N TYR A 261 -22.30 19.95 -14.00
CA TYR A 261 -22.86 20.20 -12.68
C TYR A 261 -21.95 19.54 -11.64
N SER A 262 -21.55 20.31 -10.64
CA SER A 262 -20.69 19.81 -9.56
C SER A 262 -21.54 19.63 -8.31
N HIS A 263 -21.97 18.39 -8.08
CA HIS A 263 -22.75 18.09 -6.87
C HIS A 263 -21.86 17.90 -5.66
N GLY A 264 -20.65 17.39 -5.84
CA GLY A 264 -19.75 17.20 -4.73
C GLY A 264 -18.50 16.47 -5.17
N ARG A 265 -17.82 15.87 -4.19
CA ARG A 265 -16.60 15.12 -4.50
C ARG A 265 -16.91 13.89 -5.34
N ALA A 266 -16.09 13.66 -6.36
CA ALA A 266 -16.32 12.55 -7.30
C ALA A 266 -15.81 11.25 -6.67
N ILE A 267 -16.73 10.31 -6.44
CA ILE A 267 -16.39 9.01 -5.89
C ILE A 267 -16.33 7.93 -6.98
N ASP A 268 -17.29 7.95 -7.90
CA ASP A 268 -17.44 6.89 -8.91
C ASP A 268 -18.18 7.43 -10.12
N THR A 269 -17.48 7.55 -11.26
CA THR A 269 -18.07 8.02 -12.49
C THR A 269 -18.56 6.89 -13.41
N SER A 270 -18.57 5.65 -12.91
CA SER A 270 -19.05 4.53 -13.71
C SER A 270 -20.53 4.71 -14.03
N GLY A 271 -20.89 4.46 -15.29
CA GLY A 271 -22.26 4.65 -15.71
C GLY A 271 -22.71 6.08 -15.88
N ALA A 272 -21.84 7.07 -15.65
CA ALA A 272 -22.28 8.46 -15.67
C ALA A 272 -22.64 8.94 -17.06
N GLY A 273 -22.03 8.38 -18.11
CA GLY A 273 -22.45 8.72 -19.46
C GLY A 273 -23.82 8.15 -19.80
N ASP A 274 -24.07 6.91 -19.39
CA ASP A 274 -25.37 6.29 -19.64
C ASP A 274 -26.47 6.97 -18.85
N CYS A 275 -26.17 7.37 -17.61
CA CYS A 275 -27.12 8.15 -16.83
C CYS A 275 -27.41 9.47 -17.50
N PHE A 276 -26.40 10.08 -18.12
CA PHE A 276 -26.63 11.33 -18.85
C PHE A 276 -27.55 11.10 -20.04
N ILE A 277 -27.27 10.07 -20.82
CA ILE A 277 -28.09 9.80 -22.00
C ILE A 277 -29.51 9.43 -21.59
N GLY A 278 -29.66 8.63 -20.54
CA GLY A 278 -30.99 8.28 -20.05
C GLY A 278 -31.76 9.48 -19.53
N SER A 279 -31.12 10.28 -18.67
CA SER A 279 -31.78 11.46 -18.11
C SER A 279 -32.13 12.46 -19.20
N PHE A 280 -31.23 12.61 -20.17
CA PHE A 280 -31.45 13.49 -21.32
C PHE A 280 -32.72 13.09 -22.06
N CYS A 281 -32.92 11.78 -22.27
CA CYS A 281 -34.09 11.33 -23.00
C CYS A 281 -35.37 11.54 -22.19
N VAL A 282 -35.32 11.30 -20.88
CA VAL A 282 -36.48 11.50 -20.03
C VAL A 282 -37.00 12.92 -20.16
N ARG A 283 -36.10 13.90 -19.99
CA ARG A 283 -36.53 15.29 -20.07
C ARG A 283 -36.96 15.68 -21.48
N LEU A 284 -36.32 15.11 -22.50
CA LEU A 284 -36.73 15.37 -23.87
C LEU A 284 -38.16 14.91 -24.11
N MET A 285 -38.46 13.68 -23.69
CA MET A 285 -39.80 13.13 -23.86
C MET A 285 -40.84 13.92 -23.06
N GLU A 286 -40.46 14.46 -21.90
CA GLU A 286 -41.41 15.23 -21.10
C GLU A 286 -41.67 16.60 -21.71
N LEU A 287 -40.62 17.24 -22.23
CA LEU A 287 -40.76 18.54 -22.88
C LEU A 287 -41.60 18.44 -24.15
N ALA A 288 -41.63 17.27 -24.78
CA ALA A 288 -42.51 17.09 -25.93
C ALA A 288 -43.98 17.05 -25.54
N GLU A 289 -44.28 16.85 -24.26
CA GLU A 289 -45.65 16.88 -23.77
C GLU A 289 -46.00 18.16 -23.02
N GLU A 290 -45.04 18.80 -22.34
CA GLU A 290 -45.31 19.98 -21.55
C GLU A 290 -45.21 21.26 -22.37
N SER A 291 -45.51 21.20 -23.67
CA SER A 291 -45.26 22.29 -24.59
C SER A 291 -46.40 22.42 -25.57
N THR A 292 -46.77 23.67 -25.90
CA THR A 292 -47.86 23.90 -26.86
C THR A 292 -47.47 23.45 -28.27
N ARG A 293 -46.22 23.71 -28.68
CA ARG A 293 -45.80 23.36 -30.03
C ARG A 293 -45.79 21.84 -30.24
N GLY A 294 -45.78 21.06 -29.15
CA GLY A 294 -45.90 19.63 -29.24
C GLY A 294 -44.56 18.95 -29.34
N PRO A 295 -44.52 17.79 -29.96
CA PRO A 295 -43.22 17.15 -30.26
C PRO A 295 -42.33 17.98 -31.19
N SER A 296 -42.89 18.96 -31.90
CA SER A 296 -42.03 19.84 -32.67
C SER A 296 -41.24 20.78 -31.77
N ALA A 297 -41.50 20.77 -30.45
CA ALA A 297 -40.60 21.43 -29.50
C ALA A 297 -39.21 20.81 -29.53
N LEU A 298 -39.12 19.53 -29.91
CA LEU A 298 -37.82 18.86 -30.03
C LEU A 298 -37.01 19.35 -31.21
N ASN A 299 -37.53 20.29 -31.99
CA ASN A 299 -36.76 20.93 -33.05
C ASN A 299 -36.15 22.26 -32.64
N ASP A 300 -36.43 22.75 -31.43
CA ASP A 300 -35.90 24.03 -30.96
C ASP A 300 -34.68 23.76 -30.09
N ILE A 301 -33.60 24.51 -30.33
CA ILE A 301 -32.34 24.21 -29.64
C ILE A 301 -32.42 24.47 -28.14
N ASP A 302 -33.30 25.39 -27.70
CA ASP A 302 -33.41 25.64 -26.27
C ASP A 302 -34.09 24.49 -25.53
N THR A 303 -35.01 23.79 -26.20
CA THR A 303 -35.57 22.57 -25.63
C THR A 303 -34.48 21.53 -25.41
N ILE A 304 -33.61 21.35 -26.40
CA ILE A 304 -32.49 20.41 -26.26
C ILE A 304 -31.57 20.84 -25.13
N ALA A 305 -31.33 22.15 -25.00
CA ALA A 305 -30.44 22.66 -23.96
C ALA A 305 -31.02 22.45 -22.57
N GLU A 306 -32.32 22.62 -22.41
CA GLU A 306 -32.93 22.39 -21.09
C GLU A 306 -32.85 20.92 -20.71
N ALA A 307 -33.06 20.03 -21.68
CA ALA A 307 -32.91 18.61 -21.38
C ALA A 307 -31.48 18.29 -20.98
N ALA A 308 -30.50 18.95 -21.62
CA ALA A 308 -29.11 18.66 -21.31
C ALA A 308 -28.70 19.23 -19.97
N ARG A 309 -29.28 20.36 -19.57
CA ARG A 309 -29.07 20.85 -18.20
C ARG A 309 -29.62 19.86 -17.19
N PHE A 310 -30.79 19.30 -17.49
CA PHE A 310 -31.38 18.26 -16.64
C PHE A 310 -30.49 17.04 -16.58
N ALA A 311 -29.94 16.62 -17.72
CA ALA A 311 -29.06 15.45 -17.74
C ALA A 311 -27.74 15.74 -17.03
N SER A 312 -27.24 16.96 -17.15
CA SER A 312 -25.99 17.34 -16.48
C SER A 312 -26.14 17.23 -14.96
N VAL A 313 -27.27 17.70 -14.44
CA VAL A 313 -27.52 17.65 -12.99
C VAL A 313 -27.63 16.21 -12.51
N ALA A 314 -28.36 15.38 -13.25
CA ALA A 314 -28.49 13.97 -12.83
C ALA A 314 -27.16 13.24 -12.92
N ALA A 315 -26.40 13.46 -13.99
CA ALA A 315 -25.10 12.81 -14.10
C ALA A 315 -24.13 13.36 -13.05
N GLY A 316 -24.22 14.66 -12.76
CA GLY A 316 -23.36 15.25 -11.74
C GLY A 316 -23.63 14.69 -10.34
N ILE A 317 -24.89 14.33 -10.06
CA ILE A 317 -25.19 13.65 -8.81
C ILE A 317 -24.63 12.23 -8.85
N SER A 318 -24.73 11.57 -10.01
CA SER A 318 -24.32 10.19 -10.13
C SER A 318 -22.85 9.98 -9.78
N VAL A 319 -22.00 10.98 -10.03
CA VAL A 319 -20.56 10.79 -9.85
C VAL A 319 -20.13 10.93 -8.39
N THR A 320 -21.02 11.44 -7.52
CA THR A 320 -20.75 11.50 -6.09
C THR A 320 -21.13 10.23 -5.36
N ARG A 321 -21.67 9.24 -6.07
CA ARG A 321 -22.08 7.95 -5.53
C ARG A 321 -21.41 6.82 -6.31
N LYS A 322 -21.60 5.59 -5.84
CA LYS A 322 -20.95 4.41 -6.41
C LYS A 322 -21.98 3.33 -6.74
N GLY A 323 -21.65 2.51 -7.74
CA GLY A 323 -22.48 1.36 -8.06
C GLY A 323 -23.23 1.42 -9.38
N THR A 324 -22.70 2.18 -10.35
CA THR A 324 -23.30 2.31 -11.67
C THR A 324 -24.78 2.72 -11.59
N SER A 325 -25.68 1.76 -11.79
CA SER A 325 -27.12 2.06 -11.83
C SER A 325 -27.65 2.48 -10.47
N ALA A 326 -27.05 2.00 -9.39
CA ALA A 326 -27.46 2.42 -8.06
C ALA A 326 -27.06 3.86 -7.76
N SER A 327 -26.29 4.49 -8.64
CA SER A 327 -25.87 5.87 -8.48
C SER A 327 -26.83 6.85 -9.15
N VAL A 328 -27.73 6.36 -9.98
CA VAL A 328 -28.69 7.22 -10.66
C VAL A 328 -29.63 7.84 -9.62
N PRO A 329 -29.79 9.15 -9.60
CA PRO A 329 -30.54 9.83 -8.54
C PRO A 329 -32.05 9.70 -8.69
N ARG A 330 -32.74 10.10 -7.62
CA ARG A 330 -34.19 10.20 -7.69
C ARG A 330 -34.58 11.41 -8.51
N ARG A 331 -35.78 11.36 -9.09
CA ARG A 331 -36.28 12.52 -9.83
C ARG A 331 -36.31 13.75 -8.94
N GLN A 332 -36.72 13.59 -7.67
CA GLN A 332 -36.82 14.74 -6.76
C GLN A 332 -35.47 15.41 -6.53
N GLU A 333 -34.40 14.62 -6.35
CA GLU A 333 -33.08 15.21 -6.17
C GLU A 333 -32.67 16.05 -7.38
N VAL A 334 -32.95 15.57 -8.58
CA VAL A 334 -32.64 16.33 -9.78
C VAL A 334 -33.46 17.62 -9.80
N ASP A 335 -34.74 17.52 -9.45
CA ASP A 335 -35.59 18.70 -9.36
C ASP A 335 -35.05 19.70 -8.35
N ASP A 336 -34.56 19.21 -7.20
CA ASP A 336 -34.04 20.10 -6.16
C ASP A 336 -32.79 20.85 -6.64
N ALA A 337 -31.82 20.13 -7.19
CA ALA A 337 -30.57 20.78 -7.56
C ALA A 337 -30.75 21.75 -8.73
N LEU A 338 -31.76 21.52 -9.57
CA LEU A 338 -32.08 22.47 -10.64
C LEU A 338 -32.64 23.76 -10.07
N SER B 5 -3.87 -44.67 -0.35
CA SER B 5 -4.97 -44.03 0.37
C SER B 5 -4.47 -43.02 1.40
N THR B 6 -3.39 -43.37 2.10
CA THR B 6 -2.72 -42.39 2.93
C THR B 6 -2.16 -41.28 2.04
N ALA B 7 -2.38 -40.04 2.44
CA ALA B 7 -1.98 -38.92 1.59
C ALA B 7 -0.47 -38.74 1.72
N LYS B 8 0.22 -38.65 0.58
CA LYS B 8 1.65 -38.44 0.58
C LYS B 8 2.07 -37.07 0.08
N ILE B 9 1.20 -36.39 -0.69
CA ILE B 9 1.44 -35.03 -1.15
C ILE B 9 0.29 -34.18 -0.65
N VAL B 10 0.61 -33.16 0.14
CA VAL B 10 -0.38 -32.22 0.68
C VAL B 10 -0.10 -30.87 0.04
N ILE B 11 -1.09 -30.30 -0.63
CA ILE B 11 -0.96 -29.01 -1.29
C ILE B 11 -1.86 -28.01 -0.55
N ILE B 12 -1.25 -27.01 0.08
CA ILE B 12 -1.98 -25.99 0.80
C ILE B 12 -1.93 -24.72 -0.04
N GLY B 13 -3.05 -24.37 -0.65
CA GLY B 13 -3.05 -23.19 -1.48
C GLY B 13 -4.42 -22.81 -2.02
N SER B 14 -4.41 -22.07 -3.12
CA SER B 14 -5.59 -21.36 -3.56
C SER B 14 -6.40 -22.15 -4.58
N TYR B 15 -7.70 -21.84 -4.62
CA TYR B 15 -8.54 -22.15 -5.78
C TYR B 15 -9.11 -20.82 -6.28
N ASN B 16 -8.95 -20.58 -7.57
CA ASN B 16 -9.54 -19.43 -8.24
C ASN B 16 -10.36 -19.92 -9.42
N ARG B 17 -11.57 -19.39 -9.58
CA ARG B 17 -12.31 -19.55 -10.82
C ARG B 17 -11.74 -18.55 -11.82
N ASP B 18 -11.15 -19.06 -12.89
CA ASP B 18 -10.51 -18.21 -13.89
C ASP B 18 -11.57 -17.67 -14.84
N LEU B 19 -11.69 -16.34 -14.91
CA LEU B 19 -12.58 -15.69 -15.87
C LEU B 19 -11.72 -15.00 -16.93
N VAL B 20 -11.76 -15.52 -18.15
CA VAL B 20 -10.75 -15.26 -19.17
C VAL B 20 -11.42 -14.67 -20.40
N TRP B 21 -10.87 -13.57 -20.90
CA TRP B 21 -11.31 -12.97 -22.15
C TRP B 21 -10.14 -13.01 -23.15
N TYR B 22 -10.43 -13.50 -24.36
CA TYR B 22 -9.43 -13.60 -25.41
C TYR B 22 -9.62 -12.42 -26.36
N VAL B 23 -8.58 -11.59 -26.46
CA VAL B 23 -8.62 -10.36 -27.23
C VAL B 23 -7.48 -10.38 -28.24
N LYS B 24 -7.60 -9.53 -29.26
CA LYS B 24 -6.50 -9.37 -30.19
C LYS B 24 -5.28 -8.80 -29.49
N ASP B 25 -5.47 -7.67 -28.80
CA ASP B 25 -4.44 -7.02 -28.01
C ASP B 25 -5.07 -6.54 -26.71
N PHE B 26 -4.23 -6.36 -25.70
CA PHE B 26 -4.71 -5.82 -24.45
C PHE B 26 -5.34 -4.45 -24.72
N PRO B 27 -6.47 -4.15 -24.10
CA PRO B 27 -7.00 -2.79 -24.22
C PRO B 27 -6.07 -1.81 -23.52
N ILE B 28 -6.05 -0.59 -23.99
CA ILE B 28 -5.33 0.45 -23.27
C ILE B 28 -6.31 1.16 -22.34
N GLY B 29 -5.76 1.90 -21.38
CA GLY B 29 -6.58 2.61 -20.41
C GLY B 29 -7.61 3.52 -21.02
N GLY B 30 -8.87 3.33 -20.65
CA GLY B 30 -9.96 4.12 -21.21
C GLY B 30 -10.57 3.54 -22.47
N GLN B 31 -10.05 2.42 -22.97
CA GLN B 31 -10.52 1.81 -24.20
C GLN B 31 -11.46 0.64 -23.91
N THR B 32 -12.51 0.52 -24.73
CA THR B 32 -13.42 -0.61 -24.72
C THR B 32 -13.26 -1.41 -26.01
N ILE B 33 -12.89 -2.69 -25.88
CA ILE B 33 -12.73 -3.61 -27.00
C ILE B 33 -13.62 -4.83 -26.79
N ASN B 34 -13.75 -5.64 -27.85
CA ASN B 34 -14.47 -6.90 -27.83
C ASN B 34 -13.50 -8.07 -27.64
N GLY B 35 -14.01 -9.14 -27.04
CA GLY B 35 -13.24 -10.36 -26.85
C GLY B 35 -14.13 -11.58 -26.76
N SER B 36 -13.49 -12.73 -26.54
CA SER B 36 -14.15 -14.01 -26.40
C SER B 36 -13.91 -14.54 -24.99
N PHE B 37 -14.95 -15.04 -24.34
CA PHE B 37 -14.92 -15.38 -22.92
C PHE B 37 -14.92 -16.87 -22.68
N ALA B 38 -14.18 -17.31 -21.65
CA ALA B 38 -14.18 -18.68 -21.19
C ALA B 38 -13.96 -18.73 -19.68
N SER B 39 -14.65 -19.65 -19.02
CA SER B 39 -14.56 -19.84 -17.59
C SER B 39 -13.97 -21.21 -17.27
N SER B 40 -13.04 -21.24 -16.31
CA SER B 40 -12.33 -22.50 -16.06
C SER B 40 -11.75 -22.50 -14.65
N HIS B 41 -11.41 -23.70 -14.18
CA HIS B 41 -10.80 -23.90 -12.87
C HIS B 41 -9.35 -23.40 -12.86
N GLY B 42 -8.99 -22.70 -11.80
CA GLY B 42 -7.64 -22.20 -11.65
C GLY B 42 -7.22 -22.20 -10.19
N GLY B 43 -6.34 -21.27 -9.85
CA GLY B 43 -5.69 -21.27 -8.56
C GLY B 43 -4.43 -22.10 -8.64
N LYS B 44 -3.28 -21.53 -8.26
CA LYS B 44 -2.05 -22.29 -8.33
C LYS B 44 -2.07 -23.47 -7.36
N GLY B 45 -2.72 -23.30 -6.21
CA GLY B 45 -2.82 -24.42 -5.28
C GLY B 45 -3.61 -25.56 -5.88
N SER B 46 -4.79 -25.25 -6.43
CA SER B 46 -5.65 -26.31 -6.94
C SER B 46 -5.12 -26.90 -8.25
N ASN B 47 -4.50 -26.08 -9.10
CA ASN B 47 -3.93 -26.61 -10.33
C ASN B 47 -2.84 -27.63 -10.06
N GLN B 48 -1.99 -27.34 -9.07
CA GLN B 48 -0.91 -28.25 -8.75
C GLN B 48 -1.42 -29.52 -8.08
N ALA B 49 -2.51 -29.42 -7.31
CA ALA B 49 -3.12 -30.62 -6.73
C ALA B 49 -3.78 -31.48 -7.80
N ILE B 50 -4.40 -30.83 -8.81
CA ILE B 50 -5.06 -31.60 -9.86
C ILE B 50 -4.02 -32.28 -10.74
N ALA B 51 -2.89 -31.60 -11.01
CA ALA B 51 -1.81 -32.23 -11.76
C ALA B 51 -1.25 -33.44 -11.02
N CYS B 52 -1.13 -33.35 -9.69
CA CYS B 52 -0.72 -34.51 -8.90
C CYS B 52 -1.69 -35.67 -9.13
N GLY B 53 -2.98 -35.42 -8.92
CA GLY B 53 -3.96 -36.49 -9.08
C GLY B 53 -3.95 -37.15 -10.45
N LYS B 54 -3.67 -36.37 -11.51
CA LYS B 54 -3.69 -36.96 -12.84
C LYS B 54 -2.41 -37.71 -13.19
N VAL B 55 -1.27 -37.30 -12.64
CA VAL B 55 -0.01 -37.95 -12.95
C VAL B 55 0.26 -39.08 -11.97
N LEU B 56 -0.41 -39.09 -10.82
CA LEU B 56 -0.28 -40.16 -9.86
C LEU B 56 -0.89 -41.45 -10.42
N ARG B 57 -0.30 -42.57 -10.04
CA ARG B 57 -0.90 -43.88 -10.34
C ARG B 57 -2.26 -44.01 -9.67
N ASP B 58 -2.29 -43.82 -8.35
CA ASP B 58 -3.53 -43.77 -7.57
C ASP B 58 -3.73 -42.34 -7.08
N PRO B 59 -4.76 -41.63 -7.54
CA PRO B 59 -4.91 -40.20 -7.18
C PRO B 59 -5.07 -39.96 -5.69
N SER B 60 -5.46 -40.96 -4.90
CA SER B 60 -5.73 -40.71 -3.48
C SER B 60 -4.47 -40.36 -2.69
N ARG B 61 -3.29 -40.39 -3.31
CA ARG B 61 -2.06 -40.00 -2.63
C ARG B 61 -1.88 -38.48 -2.57
N ALA B 62 -2.64 -37.74 -3.37
CA ALA B 62 -2.64 -36.29 -3.29
C ALA B 62 -3.74 -35.82 -2.34
N PHE B 63 -3.54 -34.63 -1.77
CA PHE B 63 -4.49 -34.08 -0.81
C PHE B 63 -4.46 -32.57 -0.97
N PHE B 64 -5.60 -31.96 -1.28
CA PHE B 64 -5.66 -30.52 -1.49
C PHE B 64 -6.28 -29.86 -0.26
N VAL B 65 -5.65 -28.78 0.20
CA VAL B 65 -6.12 -28.01 1.34
C VAL B 65 -6.37 -26.59 0.85
N GLY B 66 -7.62 -26.15 0.90
CA GLY B 66 -7.99 -24.82 0.44
C GLY B 66 -9.35 -24.41 0.94
N ALA B 67 -9.69 -23.15 0.73
CA ALA B 67 -10.96 -22.58 1.17
C ALA B 67 -11.65 -21.87 0.01
N VAL B 68 -12.96 -22.12 -0.11
CA VAL B 68 -13.82 -21.52 -1.13
C VAL B 68 -15.08 -21.02 -0.45
N GLY B 69 -15.86 -20.23 -1.19
CA GLY B 69 -17.06 -19.64 -0.63
C GLY B 69 -18.23 -20.61 -0.62
N LYS B 70 -19.29 -20.20 0.07
CA LYS B 70 -20.55 -20.95 0.05
C LYS B 70 -21.40 -20.41 -1.09
N ASP B 71 -20.91 -20.66 -2.30
CA ASP B 71 -21.51 -20.17 -3.53
C ASP B 71 -21.41 -21.26 -4.58
N THR B 72 -21.87 -20.92 -5.79
CA THR B 72 -21.90 -21.88 -6.89
C THR B 72 -20.50 -22.39 -7.24
N PHE B 73 -19.56 -21.45 -7.46
CA PHE B 73 -18.19 -21.84 -7.78
C PHE B 73 -17.59 -22.75 -6.73
N GLY B 74 -17.85 -22.47 -5.45
CA GLY B 74 -17.35 -23.33 -4.40
C GLY B 74 -17.96 -24.72 -4.43
N ASP B 75 -19.26 -24.81 -4.70
CA ASP B 75 -19.90 -26.12 -4.81
C ASP B 75 -19.34 -26.90 -5.99
N GLU B 76 -19.11 -26.21 -7.12
CA GLU B 76 -18.66 -26.91 -8.32
C GLU B 76 -17.26 -27.48 -8.16
N ILE B 77 -16.37 -26.80 -7.42
CA ILE B 77 -15.02 -27.32 -7.34
C ILE B 77 -14.95 -28.51 -6.37
N LEU B 78 -15.76 -28.51 -5.30
CA LEU B 78 -15.83 -29.70 -4.45
C LEU B 78 -16.35 -30.89 -5.24
N ALA B 79 -17.37 -30.69 -6.06
CA ALA B 79 -17.88 -31.76 -6.90
C ALA B 79 -16.83 -32.19 -7.92
N HIS B 80 -16.07 -31.22 -8.45
CA HIS B 80 -15.07 -31.54 -9.45
C HIS B 80 -13.99 -32.44 -8.87
N TYR B 81 -13.58 -32.19 -7.63
CA TYR B 81 -12.57 -33.05 -7.00
C TYR B 81 -13.10 -34.46 -6.80
N ARG B 82 -14.39 -34.60 -6.51
CA ARG B 82 -14.97 -35.92 -6.36
C ARG B 82 -14.86 -36.72 -7.66
N GLU B 83 -15.25 -36.11 -8.78
CA GLU B 83 -15.16 -36.82 -10.05
C GLU B 83 -13.71 -37.19 -10.39
N LEU B 84 -12.74 -36.42 -9.90
CA LEU B 84 -11.34 -36.73 -10.13
C LEU B 84 -10.80 -37.76 -9.15
N GLY B 85 -11.49 -37.95 -8.01
CA GLY B 85 -11.04 -38.89 -7.01
C GLY B 85 -9.87 -38.43 -6.18
N ILE B 86 -9.73 -37.13 -5.97
CA ILE B 86 -8.60 -36.54 -5.26
C ILE B 86 -9.09 -36.12 -3.86
N PRO B 87 -8.59 -36.73 -2.79
CA PRO B 87 -9.01 -36.32 -1.45
C PRO B 87 -8.65 -34.86 -1.17
N ASN B 88 -9.43 -34.23 -0.32
CA ASN B 88 -9.18 -32.84 0.01
C ASN B 88 -9.91 -32.54 1.31
N CYS B 89 -9.58 -31.39 1.91
CA CYS B 89 -10.43 -30.81 2.95
C CYS B 89 -10.73 -29.35 2.57
N ILE B 90 -11.32 -29.17 1.39
CA ILE B 90 -11.77 -27.86 0.93
C ILE B 90 -12.88 -27.37 1.85
N LYS B 91 -12.56 -26.37 2.67
CA LYS B 91 -13.54 -25.78 3.58
C LYS B 91 -14.33 -24.69 2.87
N GLN B 92 -15.66 -24.74 2.98
CA GLN B 92 -16.51 -23.70 2.42
C GLN B 92 -16.84 -22.68 3.50
N VAL B 93 -16.52 -21.40 3.25
CA VAL B 93 -16.67 -20.32 4.23
C VAL B 93 -17.64 -19.28 3.70
N SER B 94 -18.29 -18.56 4.63
CA SER B 94 -19.27 -17.54 4.27
C SER B 94 -18.69 -16.13 4.29
N GLY B 95 -17.44 -15.97 4.72
CA GLY B 95 -16.88 -14.63 4.85
C GLY B 95 -16.69 -13.96 3.51
N ALA B 96 -16.13 -14.67 2.55
CA ALA B 96 -15.86 -14.16 1.23
C ALA B 96 -16.47 -15.07 0.18
N PRO B 97 -16.62 -14.59 -1.06
CA PRO B 97 -16.93 -15.51 -2.18
C PRO B 97 -15.69 -16.33 -2.55
N THR B 98 -15.94 -17.38 -3.34
CA THR B 98 -14.83 -18.12 -3.93
C THR B 98 -13.91 -17.18 -4.71
N GLY B 99 -12.60 -17.41 -4.59
CA GLY B 99 -11.66 -16.57 -5.32
C GLY B 99 -11.83 -16.68 -6.82
N ASN B 100 -11.48 -15.60 -7.53
CA ASN B 100 -11.47 -15.63 -8.97
C ASN B 100 -10.30 -14.83 -9.51
N ALA B 101 -10.13 -14.90 -10.83
CA ALA B 101 -9.15 -14.13 -11.56
C ALA B 101 -9.79 -13.62 -12.85
N GLY B 102 -9.58 -12.33 -13.14
CA GLY B 102 -10.00 -11.74 -14.39
C GLY B 102 -8.79 -11.63 -15.30
N ILE B 103 -8.84 -12.36 -16.42
CA ILE B 103 -7.67 -12.60 -17.24
C ILE B 103 -7.94 -12.09 -18.66
N TYR B 104 -6.98 -11.34 -19.20
CA TYR B 104 -6.92 -10.99 -20.61
C TYR B 104 -5.78 -11.76 -21.27
N VAL B 105 -6.10 -12.46 -22.35
CA VAL B 105 -5.10 -13.17 -23.15
C VAL B 105 -5.05 -12.52 -24.52
N ALA B 106 -3.90 -11.94 -24.87
CA ALA B 106 -3.71 -11.37 -26.18
C ALA B 106 -3.34 -12.47 -27.18
N GLU B 107 -3.43 -12.14 -28.48
CA GLU B 107 -3.08 -13.12 -29.51
C GLU B 107 -1.60 -13.48 -29.47
N SER B 108 -0.77 -12.67 -28.81
CA SER B 108 0.62 -13.03 -28.62
C SER B 108 0.78 -14.16 -27.61
N GLY B 109 -0.21 -14.40 -26.77
CA GLY B 109 -0.12 -15.36 -25.70
C GLY B 109 0.09 -14.74 -24.35
N GLU B 110 0.39 -13.45 -24.32
CA GLU B 110 0.64 -12.74 -23.08
C GLU B 110 -0.64 -12.63 -22.25
N ASN B 111 -0.47 -12.52 -20.94
CA ASN B 111 -1.58 -12.47 -20.00
C ASN B 111 -1.59 -11.16 -19.24
N MET B 112 -2.77 -10.80 -18.75
CA MET B 112 -2.94 -9.87 -17.66
C MET B 112 -3.84 -10.60 -16.67
N ILE B 113 -3.39 -10.71 -15.42
CA ILE B 113 -4.15 -11.45 -14.40
C ILE B 113 -4.36 -10.55 -13.20
N VAL B 114 -5.61 -10.43 -12.79
CA VAL B 114 -5.99 -9.78 -11.54
C VAL B 114 -6.72 -10.81 -10.70
N ILE B 115 -6.17 -11.10 -9.51
CA ILE B 115 -6.75 -12.07 -8.60
C ILE B 115 -7.56 -11.34 -7.53
N SER B 116 -8.77 -11.82 -7.29
CA SER B 116 -9.57 -11.44 -6.12
C SER B 116 -9.51 -12.67 -5.23
N GLU B 117 -8.65 -12.61 -4.21
CA GLU B 117 -8.34 -13.81 -3.44
C GLU B 117 -9.59 -14.37 -2.78
N GLY B 118 -10.49 -13.50 -2.33
CA GLY B 118 -11.76 -13.96 -1.77
C GLY B 118 -11.52 -14.94 -0.64
N ALA B 119 -12.18 -16.09 -0.74
CA ALA B 119 -12.14 -17.09 0.33
C ALA B 119 -10.74 -17.67 0.54
N ASN B 120 -9.84 -17.51 -0.43
CA ASN B 120 -8.47 -17.95 -0.22
C ASN B 120 -7.83 -17.22 0.95
N GLY B 121 -8.30 -16.00 1.24
CA GLY B 121 -7.79 -15.25 2.37
C GLY B 121 -8.23 -15.75 3.73
N MET B 122 -9.18 -16.69 3.80
CA MET B 122 -9.60 -17.27 5.07
C MET B 122 -8.89 -18.57 5.42
N LEU B 123 -8.08 -19.12 4.52
CA LEU B 123 -7.39 -20.39 4.76
C LEU B 123 -6.28 -20.16 5.78
N LYS B 124 -6.54 -20.59 7.01
CA LYS B 124 -5.64 -20.55 8.16
C LYS B 124 -5.54 -21.95 8.71
N PRO B 125 -4.53 -22.25 9.52
CA PRO B 125 -4.52 -23.56 10.20
C PRO B 125 -5.80 -23.84 10.97
N SER B 126 -6.34 -22.84 11.70
CA SER B 126 -7.53 -23.07 12.52
C SER B 126 -8.73 -23.50 11.68
N LEU B 127 -8.80 -23.11 10.41
CA LEU B 127 -9.87 -23.57 9.54
C LEU B 127 -9.74 -25.05 9.19
N VAL B 128 -8.53 -25.60 9.26
CA VAL B 128 -8.28 -27.00 8.94
C VAL B 128 -7.58 -27.61 10.16
N PRO B 129 -8.28 -27.78 11.27
CA PRO B 129 -7.62 -28.12 12.54
C PRO B 129 -6.93 -29.48 12.53
N ASP B 130 -7.29 -30.38 11.61
CA ASP B 130 -6.74 -31.73 11.58
C ASP B 130 -5.64 -31.90 10.57
N LEU B 131 -5.04 -30.79 10.12
CA LEU B 131 -3.99 -30.86 9.12
C LEU B 131 -2.74 -31.56 9.66
N MET B 132 -2.42 -31.32 10.94
CA MET B 132 -1.20 -31.87 11.53
C MET B 132 -1.18 -33.39 11.41
N ALA B 133 -2.33 -34.04 11.60
CA ALA B 133 -2.38 -35.49 11.54
C ALA B 133 -2.00 -36.00 10.15
N VAL B 134 -2.37 -35.27 9.11
CA VAL B 134 -2.05 -35.67 7.74
C VAL B 134 -0.58 -35.40 7.44
N LEU B 135 -0.07 -34.25 7.89
CA LEU B 135 1.29 -33.85 7.56
C LEU B 135 2.33 -34.77 8.18
N VAL B 136 2.06 -35.31 9.36
CA VAL B 136 3.06 -36.17 10.02
C VAL B 136 3.16 -37.55 9.38
N LYS B 137 2.33 -37.85 8.39
CA LYS B 137 2.44 -39.10 7.64
C LYS B 137 2.74 -38.87 6.16
N ALA B 138 2.84 -37.62 5.72
CA ALA B 138 3.08 -37.31 4.32
C ALA B 138 4.58 -37.22 4.02
N THR B 139 4.90 -37.19 2.72
CA THR B 139 6.28 -37.00 2.26
C THR B 139 6.55 -35.57 1.82
N LEU B 140 5.60 -34.96 1.12
CA LEU B 140 5.76 -33.61 0.57
C LEU B 140 4.59 -32.74 0.98
N VAL B 141 4.88 -31.48 1.28
CA VAL B 141 3.86 -30.46 1.45
C VAL B 141 4.25 -29.29 0.55
N VAL B 142 3.28 -28.75 -0.20
CA VAL B 142 3.53 -27.79 -1.27
C VAL B 142 2.70 -26.53 -1.03
N MET B 143 3.33 -25.36 -1.20
CA MET B 143 2.64 -24.09 -1.04
C MET B 143 3.09 -23.14 -2.14
N GLN B 144 2.25 -22.13 -2.40
CA GLN B 144 2.54 -21.08 -3.37
C GLN B 144 2.36 -19.71 -2.73
N CYS B 145 1.90 -18.72 -3.51
CA CYS B 145 1.76 -17.36 -3.02
C CYS B 145 0.39 -16.77 -3.33
N GLU B 146 -0.65 -17.59 -3.32
CA GLU B 146 -2.00 -17.12 -3.64
C GLU B 146 -2.97 -17.25 -2.47
N ILE B 147 -2.46 -17.35 -1.24
CA ILE B 147 -3.27 -17.12 -0.04
C ILE B 147 -2.67 -15.92 0.69
N SER B 148 -3.17 -15.61 1.88
CA SER B 148 -2.75 -14.39 2.56
C SER B 148 -1.35 -14.53 3.14
N PRO B 149 -0.57 -13.44 3.14
CA PRO B 149 0.79 -13.51 3.71
C PRO B 149 0.82 -13.95 5.16
N ASP B 150 -0.05 -13.40 6.00
CA ASP B 150 -0.04 -13.75 7.41
C ASP B 150 -0.46 -15.19 7.65
N ASN B 151 -1.40 -15.70 6.86
CA ASN B 151 -1.84 -17.08 7.01
C ASN B 151 -0.83 -18.06 6.47
N THR B 152 -0.07 -17.67 5.45
CA THR B 152 1.05 -18.49 5.01
C THR B 152 2.05 -18.70 6.15
N LEU B 153 2.34 -17.64 6.90
CA LEU B 153 3.29 -17.76 8.01
C LEU B 153 2.72 -18.63 9.13
N LEU B 154 1.39 -18.63 9.30
CA LEU B 154 0.80 -19.57 10.24
C LEU B 154 0.97 -21.01 9.74
N PHE B 155 0.77 -21.24 8.43
CA PHE B 155 0.98 -22.58 7.91
C PHE B 155 2.43 -22.99 7.98
N VAL B 156 3.35 -22.03 7.79
CA VAL B 156 4.78 -22.30 7.93
C VAL B 156 5.08 -22.85 9.32
N GLU B 157 4.49 -22.26 10.36
CA GLU B 157 4.73 -22.76 11.70
C GLU B 157 4.18 -24.17 11.88
N VAL B 158 3.03 -24.47 11.29
CA VAL B 158 2.50 -25.83 11.36
C VAL B 158 3.47 -26.81 10.73
N ILE B 159 4.01 -26.45 9.56
CA ILE B 159 4.91 -27.34 8.83
C ILE B 159 6.21 -27.53 9.63
N LYS B 160 6.71 -26.46 10.24
CA LYS B 160 7.91 -26.57 11.07
C LYS B 160 7.70 -27.58 12.20
N GLN B 161 6.51 -27.55 12.81
CA GLN B 161 6.18 -28.52 13.84
C GLN B 161 5.98 -29.92 13.28
N ALA B 162 5.48 -30.03 12.03
CA ALA B 162 5.27 -31.34 11.44
C ALA B 162 6.60 -31.98 11.04
N LYS B 163 7.55 -31.18 10.57
CA LYS B 163 8.83 -31.79 10.17
C LYS B 163 9.62 -32.27 11.39
N ALA B 164 9.43 -31.63 12.54
CA ALA B 164 10.13 -32.10 13.73
C ALA B 164 9.59 -33.45 14.17
N GLN B 165 8.34 -33.76 13.85
CA GLN B 165 7.77 -35.06 14.16
C GLN B 165 7.98 -36.09 13.05
N ASN B 166 8.05 -35.64 11.79
CA ASN B 166 8.15 -36.51 10.63
C ASN B 166 9.39 -36.08 9.83
N SER B 167 10.51 -36.75 10.07
CA SER B 167 11.76 -36.36 9.42
C SER B 167 11.80 -36.71 7.94
N SER B 168 10.77 -37.38 7.43
CA SER B 168 10.68 -37.67 6.01
C SER B 168 9.93 -36.59 5.24
N LEU B 169 9.30 -35.64 5.94
CA LEU B 169 8.51 -34.60 5.29
C LEU B 169 9.43 -33.54 4.69
N ARG B 170 9.19 -33.19 3.43
CA ARG B 170 9.91 -32.13 2.74
C ARG B 170 8.92 -31.05 2.32
N PHE B 171 9.31 -29.79 2.49
CA PHE B 171 8.51 -28.63 2.10
C PHE B 171 9.00 -28.13 0.74
N VAL B 172 8.14 -28.22 -0.26
CA VAL B 172 8.39 -27.67 -1.59
C VAL B 172 7.61 -26.36 -1.71
N PHE B 173 8.32 -25.26 -1.91
CA PHE B 173 7.74 -23.92 -2.02
C PHE B 173 7.94 -23.40 -3.43
N ASN B 174 6.82 -23.15 -4.14
CA ASN B 174 6.83 -22.52 -5.46
C ASN B 174 6.38 -21.07 -5.31
N PRO B 175 7.29 -20.09 -5.34
CA PRO B 175 6.92 -18.70 -4.98
C PRO B 175 6.18 -17.95 -6.08
N ALA B 176 4.98 -18.44 -6.43
CA ALA B 176 4.25 -17.91 -7.58
C ALA B 176 2.83 -17.47 -7.22
N PRO B 177 2.39 -16.30 -7.68
CA PRO B 177 3.17 -15.26 -8.37
C PRO B 177 3.97 -14.43 -7.39
N TYR B 178 4.97 -13.71 -7.88
CA TYR B 178 5.76 -12.87 -6.98
C TYR B 178 4.89 -11.84 -6.29
N ARG B 179 4.99 -11.80 -4.97
CA ARG B 179 4.24 -10.89 -4.12
C ARG B 179 5.25 -10.12 -3.28
N ALA B 180 5.21 -8.79 -3.34
CA ALA B 180 6.14 -8.03 -2.51
C ALA B 180 5.76 -8.11 -1.03
N ASP B 181 4.53 -8.50 -0.69
CA ASP B 181 4.10 -8.53 0.70
C ASP B 181 4.35 -9.87 1.38
N TYR B 182 4.99 -10.82 0.71
CA TYR B 182 5.30 -12.12 1.30
C TYR B 182 6.64 -12.09 2.01
N ASP B 183 6.66 -12.59 3.24
CA ASP B 183 7.89 -12.77 4.02
C ASP B 183 8.57 -14.04 3.52
N PHE B 184 9.27 -13.90 2.38
CA PHE B 184 9.94 -15.05 1.78
C PHE B 184 11.06 -15.58 2.66
N SER B 185 11.75 -14.68 3.37
CA SER B 185 12.81 -15.11 4.26
C SER B 185 12.27 -16.09 5.31
N LYS B 186 11.10 -15.77 5.89
CA LYS B 186 10.54 -16.66 6.89
C LYS B 186 10.06 -17.97 6.28
N ILE B 187 9.48 -17.91 5.08
CA ILE B 187 9.04 -19.15 4.43
C ILE B 187 10.24 -20.03 4.07
N LEU B 188 11.32 -19.42 3.57
CA LEU B 188 12.47 -20.22 3.17
C LEU B 188 13.13 -20.94 4.33
N SER B 189 12.98 -20.45 5.57
CA SER B 189 13.67 -21.06 6.68
C SER B 189 13.20 -22.48 6.98
N ILE B 190 12.01 -22.86 6.50
CA ILE B 190 11.56 -24.24 6.61
C ILE B 190 11.38 -24.88 5.25
N THR B 191 11.66 -24.14 4.16
CA THR B 191 11.61 -24.70 2.83
C THR B 191 12.76 -25.67 2.64
N ASP B 192 12.45 -26.83 2.07
CA ASP B 192 13.48 -27.79 1.72
C ASP B 192 13.89 -27.67 0.26
N ILE B 193 12.93 -27.47 -0.64
CA ILE B 193 13.16 -27.32 -2.07
C ILE B 193 12.42 -26.09 -2.57
N PHE B 194 13.17 -25.13 -3.11
CA PHE B 194 12.64 -23.86 -3.57
C PHE B 194 12.59 -23.87 -5.10
N CYS B 195 11.45 -23.49 -5.67
CA CYS B 195 11.19 -23.63 -7.11
C CYS B 195 10.78 -22.30 -7.74
N PRO B 196 11.70 -21.35 -7.85
CA PRO B 196 11.39 -20.11 -8.53
C PRO B 196 11.64 -20.24 -10.03
N ASN B 197 10.97 -19.38 -10.79
CA ASN B 197 11.42 -19.20 -12.17
C ASN B 197 12.44 -18.07 -12.17
N GLU B 198 12.94 -17.69 -13.35
CA GLU B 198 14.03 -16.70 -13.39
C GLU B 198 13.60 -15.38 -12.75
N LEU B 199 12.45 -14.84 -13.17
CA LEU B 199 12.00 -13.54 -12.68
C LEU B 199 11.63 -13.60 -11.20
N GLU B 200 10.97 -14.68 -10.77
CA GLU B 200 10.62 -14.79 -9.36
C GLU B 200 11.87 -14.84 -8.48
N ALA B 201 12.91 -15.55 -8.94
CA ALA B 201 14.16 -15.59 -8.19
C ALA B 201 14.82 -14.22 -8.16
N LEU B 202 14.70 -13.47 -9.26
CA LEU B 202 15.33 -12.15 -9.32
C LEU B 202 14.60 -11.14 -8.45
N GLU B 203 13.29 -11.26 -8.34
CA GLU B 203 12.53 -10.32 -7.53
C GLU B 203 12.68 -10.59 -6.04
N ILE B 204 12.95 -11.84 -5.65
CA ILE B 204 13.06 -12.15 -4.22
C ILE B 204 14.42 -11.79 -3.66
N SER B 205 15.39 -11.42 -4.49
CA SER B 205 16.71 -11.01 -4.04
C SER B 205 16.95 -9.51 -4.10
N GLY B 206 16.20 -8.77 -4.92
CA GLY B 206 16.35 -7.33 -5.01
C GLY B 206 16.55 -6.79 -6.42
N THR B 207 16.50 -7.61 -7.46
CA THR B 207 16.70 -7.14 -8.82
C THR B 207 15.39 -7.22 -9.60
N GLY B 208 15.44 -6.85 -10.87
CA GLY B 208 14.28 -6.88 -11.72
C GLY B 208 14.46 -7.77 -12.94
N ARG B 209 15.37 -7.39 -13.85
CA ARG B 209 15.64 -8.19 -15.04
C ARG B 209 17.07 -7.98 -15.54
N ILE B 213 18.65 -13.11 -19.66
CA ILE B 213 19.11 -14.34 -19.03
C ILE B 213 20.27 -14.07 -18.05
N CYS B 214 20.16 -14.63 -16.85
CA CYS B 214 21.17 -14.49 -15.80
C CYS B 214 22.06 -15.74 -15.82
N ASP B 215 23.37 -15.51 -15.75
CA ASP B 215 24.40 -16.52 -15.92
C ASP B 215 24.74 -17.28 -14.63
N ASP B 216 25.75 -18.16 -14.72
CA ASP B 216 26.10 -19.06 -13.63
C ASP B 216 26.63 -18.34 -12.40
N SER B 217 27.34 -17.23 -12.59
CA SER B 217 27.80 -16.46 -11.45
C SER B 217 26.63 -15.77 -10.76
N MET B 218 25.63 -15.35 -11.55
CA MET B 218 24.42 -14.76 -10.99
C MET B 218 23.60 -15.78 -10.21
N MET B 219 23.52 -17.02 -10.71
CA MET B 219 22.74 -18.01 -9.97
C MET B 219 23.39 -18.41 -8.66
N LYS B 220 24.73 -18.40 -8.59
CA LYS B 220 25.38 -18.70 -7.31
C LYS B 220 25.00 -17.66 -6.27
N ALA B 221 25.06 -16.39 -6.63
CA ALA B 221 24.67 -15.34 -5.69
C ALA B 221 23.21 -15.48 -5.30
N LEU B 222 22.35 -15.88 -6.24
CA LEU B 222 20.93 -16.04 -5.90
C LEU B 222 20.71 -17.23 -4.96
N VAL B 223 21.34 -18.36 -5.25
CA VAL B 223 21.26 -19.51 -4.35
C VAL B 223 21.87 -19.16 -3.00
N GLU B 224 22.95 -18.38 -3.02
CA GLU B 224 23.61 -17.94 -1.80
C GLU B 224 22.67 -17.15 -0.91
N LYS B 225 21.99 -16.16 -1.49
CA LYS B 225 21.07 -15.32 -0.72
C LYS B 225 19.89 -16.13 -0.20
N MET B 226 19.37 -17.03 -1.03
CA MET B 226 18.22 -17.83 -0.61
C MET B 226 18.55 -18.71 0.58
N SER B 227 19.75 -19.28 0.58
CA SER B 227 20.19 -20.19 1.62
C SER B 227 20.70 -19.51 2.87
N SER B 228 21.02 -18.21 2.81
CA SER B 228 21.78 -17.59 3.88
C SER B 228 21.07 -17.62 5.23
N LEU B 229 19.74 -17.50 5.24
CA LEU B 229 18.98 -17.49 6.48
C LEU B 229 18.18 -18.76 6.73
N SER B 230 18.39 -19.82 5.96
CA SER B 230 17.54 -21.00 6.04
C SER B 230 18.37 -22.19 6.50
N PRO B 231 18.03 -22.80 7.65
CA PRO B 231 18.69 -24.04 8.05
C PRO B 231 18.23 -25.26 7.26
N SER B 232 17.10 -25.18 6.55
CA SER B 232 16.55 -26.34 5.87
C SER B 232 16.79 -26.39 4.37
N LEU B 233 17.01 -25.26 3.70
CA LEU B 233 17.03 -25.26 2.23
C LEU B 233 18.16 -26.13 1.69
N LYS B 234 17.79 -27.07 0.83
CA LYS B 234 18.74 -28.04 0.29
C LYS B 234 18.94 -27.91 -1.22
N PHE B 235 17.90 -27.51 -1.95
CA PHE B 235 17.96 -27.39 -3.39
C PHE B 235 17.11 -26.22 -3.85
N VAL B 236 17.60 -25.51 -4.85
CA VAL B 236 16.81 -24.53 -5.58
C VAL B 236 16.64 -25.10 -6.98
N LEU B 237 15.38 -25.31 -7.38
CA LEU B 237 15.07 -25.75 -8.74
C LEU B 237 14.65 -24.49 -9.49
N PHE B 238 15.54 -23.98 -10.35
CA PHE B 238 15.22 -22.83 -11.18
C PHE B 238 14.41 -23.31 -12.39
N THR B 239 13.24 -22.74 -12.59
CA THR B 239 12.44 -22.94 -13.79
C THR B 239 12.81 -21.89 -14.82
N LEU B 240 13.20 -22.35 -16.01
CA LEU B 240 13.76 -21.46 -17.02
C LEU B 240 12.93 -21.47 -18.30
N GLY B 241 11.69 -21.92 -18.22
CA GLY B 241 10.81 -21.91 -19.37
C GLY B 241 11.35 -22.78 -20.48
N SER B 242 11.45 -22.20 -21.68
CA SER B 242 11.92 -22.96 -22.84
C SER B 242 13.36 -23.42 -22.68
N ARG B 243 14.14 -22.82 -21.77
CA ARG B 243 15.50 -23.28 -21.51
C ARG B 243 15.55 -24.49 -20.59
N GLY B 244 14.42 -24.94 -20.04
CA GLY B 244 14.37 -26.10 -19.17
C GLY B 244 14.42 -25.73 -17.70
N SER B 245 15.20 -26.47 -16.90
CA SER B 245 15.31 -26.15 -15.48
C SER B 245 16.74 -26.35 -15.02
N ARG B 246 17.00 -25.94 -13.78
CA ARG B 246 18.35 -25.95 -13.23
C ARG B 246 18.24 -26.24 -11.75
N ILE B 247 18.85 -27.33 -11.30
CA ILE B 247 18.87 -27.70 -9.89
C ILE B 247 20.24 -27.33 -9.33
N VAL B 248 20.25 -26.52 -8.29
CA VAL B 248 21.48 -26.13 -7.61
C VAL B 248 21.37 -26.57 -6.15
N GLN B 249 22.39 -27.28 -5.68
CA GLN B 249 22.47 -27.65 -4.27
C GLN B 249 22.99 -26.47 -3.46
N THR B 250 22.43 -26.26 -2.27
CA THR B 250 22.98 -25.24 -1.39
C THR B 250 24.35 -25.68 -0.83
N LYS B 251 25.13 -24.69 -0.42
CA LYS B 251 26.45 -24.87 0.22
C LYS B 251 27.53 -25.33 -0.74
N SER B 252 27.26 -26.36 -1.54
CA SER B 252 28.24 -26.90 -2.48
C SER B 252 28.08 -26.38 -3.90
N TYR B 253 26.87 -25.98 -4.27
CA TYR B 253 26.51 -25.48 -5.60
C TYR B 253 26.71 -26.52 -6.70
N GLU B 254 26.59 -27.82 -6.37
CA GLU B 254 26.47 -28.82 -7.42
C GLU B 254 25.22 -28.53 -8.23
N SER B 255 25.33 -28.69 -9.54
CA SER B 255 24.29 -28.29 -10.46
C SER B 255 23.93 -29.45 -11.38
N ARG B 256 22.64 -29.57 -11.69
CA ARG B 256 22.15 -30.51 -12.70
C ARG B 256 21.24 -29.75 -13.66
N THR B 257 21.49 -29.88 -14.95
CA THR B 257 20.68 -29.24 -15.99
C THR B 257 19.67 -30.24 -16.51
N VAL B 258 18.42 -29.82 -16.65
CA VAL B 258 17.34 -30.68 -17.11
C VAL B 258 16.65 -29.96 -18.27
N GLY B 259 16.95 -30.37 -19.49
CA GLY B 259 16.39 -29.72 -20.66
C GLY B 259 14.90 -29.96 -20.81
N ILE B 260 14.28 -29.14 -21.66
CA ILE B 260 12.88 -29.37 -21.98
C ILE B 260 12.75 -30.69 -22.74
N TYR B 261 11.57 -31.29 -22.63
CA TYR B 261 11.16 -32.38 -23.50
C TYR B 261 10.14 -31.81 -24.46
N SER B 262 10.45 -31.84 -25.76
CA SER B 262 9.52 -31.34 -26.76
C SER B 262 8.67 -32.50 -27.26
N HIS B 263 7.36 -32.40 -27.04
CA HIS B 263 6.42 -33.44 -27.43
C HIS B 263 5.77 -33.17 -28.78
N GLY B 264 5.80 -31.94 -29.24
CA GLY B 264 5.12 -31.55 -30.46
C GLY B 264 4.87 -30.07 -30.45
N ARG B 265 4.04 -29.63 -31.40
CA ARG B 265 3.77 -28.21 -31.58
C ARG B 265 3.15 -27.64 -30.31
N ALA B 266 3.78 -26.61 -29.76
CA ALA B 266 3.18 -25.90 -28.64
C ALA B 266 1.87 -25.26 -29.08
N ILE B 267 0.83 -25.47 -28.29
CA ILE B 267 -0.47 -24.85 -28.53
C ILE B 267 -0.84 -23.88 -27.42
N ASP B 268 -0.55 -24.23 -26.15
CA ASP B 268 -0.98 -23.43 -25.03
C ASP B 268 -0.09 -23.78 -23.84
N THR B 269 0.72 -22.82 -23.38
CA THR B 269 1.59 -23.02 -22.23
C THR B 269 0.90 -22.65 -20.91
N SER B 270 -0.40 -22.40 -20.96
CA SER B 270 -1.17 -22.11 -19.74
C SER B 270 -1.16 -23.32 -18.82
N GLY B 271 -0.86 -23.08 -17.54
CA GLY B 271 -0.84 -24.19 -16.62
C GLY B 271 0.39 -25.07 -16.68
N ALA B 272 1.39 -24.73 -17.49
CA ALA B 272 2.50 -25.67 -17.66
C ALA B 272 3.51 -25.59 -16.53
N GLY B 273 3.58 -24.47 -15.81
CA GLY B 273 4.40 -24.43 -14.61
C GLY B 273 3.79 -25.24 -13.50
N ASP B 274 2.46 -25.17 -13.35
CA ASP B 274 1.81 -25.94 -12.31
C ASP B 274 1.87 -27.43 -12.60
N CYS B 275 1.70 -27.80 -13.87
CA CYS B 275 1.85 -29.20 -14.23
C CYS B 275 3.26 -29.67 -13.94
N PHE B 276 4.26 -28.81 -14.18
CA PHE B 276 5.64 -29.18 -13.86
C PHE B 276 5.82 -29.38 -12.37
N ILE B 277 5.29 -28.44 -11.56
CA ILE B 277 5.46 -28.57 -10.12
C ILE B 277 4.74 -29.82 -9.61
N GLY B 278 3.52 -30.06 -10.11
CA GLY B 278 2.78 -31.24 -9.67
C GLY B 278 3.49 -32.54 -10.02
N SER B 279 3.93 -32.67 -11.28
CA SER B 279 4.61 -33.89 -11.71
C SER B 279 5.92 -34.08 -10.95
N PHE B 280 6.68 -32.98 -10.75
CA PHE B 280 7.90 -33.05 -9.98
C PHE B 280 7.64 -33.62 -8.59
N CYS B 281 6.54 -33.20 -7.95
CA CYS B 281 6.22 -33.72 -6.63
C CYS B 281 5.81 -35.17 -6.68
N VAL B 282 5.04 -35.57 -7.69
CA VAL B 282 4.65 -36.97 -7.82
C VAL B 282 5.88 -37.87 -7.91
N ARG B 283 6.79 -37.56 -8.84
CA ARG B 283 7.99 -38.38 -9.01
C ARG B 283 8.93 -38.27 -7.81
N LEU B 284 9.01 -37.10 -7.19
CA LEU B 284 9.81 -36.95 -5.99
C LEU B 284 9.31 -37.86 -4.89
N MET B 285 7.99 -37.85 -4.66
CA MET B 285 7.39 -38.69 -3.65
C MET B 285 7.59 -40.17 -3.95
N GLU B 286 7.58 -40.55 -5.24
CA GLU B 286 7.74 -41.95 -5.59
C GLU B 286 9.18 -42.41 -5.39
N LEU B 287 10.15 -41.56 -5.72
CA LEU B 287 11.54 -41.94 -5.55
C LEU B 287 11.90 -42.11 -4.07
N ALA B 288 11.18 -41.42 -3.18
CA ALA B 288 11.40 -41.56 -1.75
C ALA B 288 10.89 -42.90 -1.21
N GLU B 289 10.09 -43.63 -1.98
CA GLU B 289 9.61 -44.95 -1.58
C GLU B 289 10.38 -46.09 -2.23
N GLU B 290 10.89 -45.86 -3.44
CA GLU B 290 11.53 -46.87 -4.26
C GLU B 290 13.02 -46.96 -3.98
N SER B 291 13.44 -46.68 -2.76
CA SER B 291 14.86 -46.50 -2.48
C SER B 291 15.26 -47.25 -1.23
N THR B 292 16.50 -47.75 -1.26
CA THR B 292 17.09 -48.42 -0.11
C THR B 292 17.37 -47.43 1.02
N ARG B 293 17.77 -46.21 0.68
CA ARG B 293 18.25 -45.23 1.63
C ARG B 293 17.14 -44.37 2.24
N GLY B 294 15.88 -44.69 1.95
CA GLY B 294 14.77 -44.00 2.57
C GLY B 294 14.49 -42.64 1.98
N PRO B 295 13.65 -41.86 2.67
CA PRO B 295 13.37 -40.48 2.22
C PRO B 295 14.60 -39.58 2.18
N SER B 296 15.72 -40.00 2.77
CA SER B 296 16.96 -39.25 2.63
C SER B 296 17.51 -39.34 1.20
N ALA B 297 16.88 -40.14 0.35
CA ALA B 297 17.14 -40.06 -1.08
C ALA B 297 16.77 -38.68 -1.62
N LEU B 298 15.83 -38.00 -0.96
CA LEU B 298 15.48 -36.66 -1.39
C LEU B 298 16.56 -35.64 -1.05
N ASN B 299 17.67 -36.08 -0.46
CA ASN B 299 18.82 -35.22 -0.21
C ASN B 299 19.89 -35.35 -1.29
N ASP B 300 19.69 -36.23 -2.28
CA ASP B 300 20.63 -36.49 -3.36
C ASP B 300 20.23 -35.67 -4.60
N ILE B 301 21.21 -34.96 -5.18
CA ILE B 301 20.88 -34.07 -6.29
C ILE B 301 20.49 -34.86 -7.53
N ASP B 302 21.00 -36.09 -7.67
CA ASP B 302 20.60 -36.87 -8.83
C ASP B 302 19.16 -37.38 -8.70
N THR B 303 18.71 -37.68 -7.48
CA THR B 303 17.31 -38.02 -7.26
C THR B 303 16.42 -36.84 -7.60
N ILE B 304 16.82 -35.62 -7.18
CA ILE B 304 16.10 -34.42 -7.55
C ILE B 304 16.09 -34.25 -9.06
N ALA B 305 17.21 -34.59 -9.70
CA ALA B 305 17.29 -34.46 -11.15
C ALA B 305 16.35 -35.44 -11.85
N GLU B 306 16.25 -36.67 -11.34
CA GLU B 306 15.36 -37.63 -11.98
C GLU B 306 13.90 -37.20 -11.86
N ALA B 307 13.51 -36.63 -10.72
CA ALA B 307 12.15 -36.12 -10.58
C ALA B 307 11.89 -34.99 -11.57
N ALA B 308 12.88 -34.14 -11.82
CA ALA B 308 12.68 -33.04 -12.75
C ALA B 308 12.67 -33.49 -14.21
N ARG B 309 13.42 -34.54 -14.56
CA ARG B 309 13.30 -35.11 -15.90
C ARG B 309 11.87 -35.59 -16.17
N PHE B 310 11.28 -36.24 -15.18
CA PHE B 310 9.90 -36.68 -15.28
C PHE B 310 8.96 -35.48 -15.44
N ALA B 311 9.20 -34.42 -14.66
CA ALA B 311 8.34 -33.25 -14.73
C ALA B 311 8.45 -32.55 -16.07
N SER B 312 9.64 -32.55 -16.66
CA SER B 312 9.82 -31.95 -17.99
C SER B 312 8.98 -32.68 -19.05
N VAL B 313 8.99 -34.00 -19.03
CA VAL B 313 8.24 -34.77 -20.01
C VAL B 313 6.75 -34.49 -19.87
N ALA B 314 6.26 -34.43 -18.63
CA ALA B 314 4.85 -34.13 -18.41
C ALA B 314 4.52 -32.71 -18.84
N ALA B 315 5.38 -31.74 -18.51
CA ALA B 315 5.13 -30.37 -18.94
C ALA B 315 5.23 -30.24 -20.46
N GLY B 316 6.18 -30.96 -21.07
CA GLY B 316 6.30 -30.92 -22.52
C GLY B 316 5.09 -31.48 -23.22
N ILE B 317 4.41 -32.45 -22.61
CA ILE B 317 3.17 -32.93 -23.20
C ILE B 317 2.07 -31.90 -23.02
N SER B 318 1.99 -31.27 -21.83
CA SER B 318 0.91 -30.33 -21.54
C SER B 318 0.93 -29.12 -22.48
N VAL B 319 2.12 -28.67 -22.92
CA VAL B 319 2.17 -27.53 -23.82
C VAL B 319 1.71 -27.87 -25.23
N THR B 320 1.55 -29.14 -25.56
CA THR B 320 0.96 -29.53 -26.84
C THR B 320 -0.57 -29.58 -26.80
N ARG B 321 -1.17 -29.23 -25.67
CA ARG B 321 -2.61 -29.29 -25.49
C ARG B 321 -3.11 -27.99 -24.87
N LYS B 322 -4.37 -27.69 -25.13
CA LYS B 322 -5.03 -26.52 -24.55
C LYS B 322 -5.82 -26.94 -23.32
N GLY B 323 -5.86 -26.08 -22.31
CA GLY B 323 -6.82 -26.27 -21.23
C GLY B 323 -6.39 -26.20 -19.78
N THR B 324 -5.29 -25.50 -19.47
CA THR B 324 -4.77 -25.36 -18.11
C THR B 324 -4.49 -26.74 -17.50
N SER B 325 -5.41 -27.23 -16.65
CA SER B 325 -5.24 -28.56 -16.08
CA SER B 325 -5.29 -28.55 -16.07
C SER B 325 -5.90 -29.64 -16.93
N ALA B 326 -6.70 -29.26 -17.94
CA ALA B 326 -7.18 -30.24 -18.90
C ALA B 326 -6.05 -30.80 -19.75
N SER B 327 -4.95 -30.06 -19.87
CA SER B 327 -3.80 -30.50 -20.66
C SER B 327 -2.79 -31.28 -19.84
N VAL B 328 -3.01 -31.44 -18.54
CA VAL B 328 -2.12 -32.32 -17.78
C VAL B 328 -2.35 -33.75 -18.25
N PRO B 329 -1.31 -34.48 -18.64
CA PRO B 329 -1.51 -35.82 -19.21
C PRO B 329 -1.74 -36.88 -18.14
N ARG B 330 -2.24 -38.03 -18.60
CA ARG B 330 -2.36 -39.21 -17.74
C ARG B 330 -0.98 -39.85 -17.56
N ARG B 331 -0.82 -40.56 -16.44
CA ARG B 331 0.47 -41.16 -16.11
C ARG B 331 1.00 -42.07 -17.22
N GLN B 332 0.13 -42.90 -17.81
CA GLN B 332 0.61 -43.78 -18.88
C GLN B 332 1.18 -42.97 -20.03
N GLU B 333 0.54 -41.85 -20.36
CA GLU B 333 1.07 -40.97 -21.42
C GLU B 333 2.44 -40.46 -21.05
N VAL B 334 2.64 -40.06 -19.78
CA VAL B 334 3.96 -39.61 -19.33
C VAL B 334 4.96 -40.77 -19.35
N ASP B 335 4.57 -41.93 -18.81
CA ASP B 335 5.45 -43.10 -18.82
C ASP B 335 5.83 -43.51 -20.24
N ASP B 336 4.87 -43.47 -21.17
CA ASP B 336 5.16 -43.89 -22.53
C ASP B 336 6.19 -42.98 -23.18
N ALA B 337 5.99 -41.67 -23.10
CA ALA B 337 6.90 -40.73 -23.76
C ALA B 337 8.27 -40.70 -23.08
N LEU B 338 8.34 -41.03 -21.79
CA LEU B 338 9.63 -41.09 -21.10
C LEU B 338 10.46 -42.27 -21.60
N SER B 339 9.79 -43.34 -22.05
CA SER B 339 10.49 -44.51 -22.58
C SER B 339 11.11 -44.22 -23.93
N LYS B 340 10.36 -43.58 -24.82
CA LYS B 340 10.90 -43.22 -26.13
C LYS B 340 12.01 -42.18 -25.99
N PHE B 341 11.88 -41.26 -25.02
CA PHE B 341 12.91 -40.24 -24.79
C PHE B 341 14.19 -40.84 -24.24
N SER B 342 14.14 -42.04 -23.69
CA SER B 342 15.35 -42.73 -23.23
C SER B 342 15.77 -43.80 -24.23
N THR C 6 48.58 4.27 24.62
CA THR C 6 48.76 4.81 23.29
C THR C 6 47.64 4.38 22.34
N ALA C 7 47.10 5.33 21.58
CA ALA C 7 46.00 5.02 20.67
C ALA C 7 46.55 4.33 19.43
N LYS C 8 45.99 3.17 19.10
CA LYS C 8 46.36 2.47 17.89
C LYS C 8 45.24 2.46 16.86
N ILE C 9 44.00 2.70 17.29
CA ILE C 9 42.85 2.84 16.41
C ILE C 9 42.23 4.21 16.66
N VAL C 10 42.17 5.04 15.63
CA VAL C 10 41.60 6.38 15.70
C VAL C 10 40.35 6.41 14.84
N ILE C 11 39.22 6.77 15.43
CA ILE C 11 37.94 6.83 14.72
C ILE C 11 37.51 8.29 14.66
N ILE C 12 37.49 8.84 13.45
CA ILE C 12 37.11 10.23 13.19
C ILE C 12 35.72 10.18 12.57
N GLY C 13 34.71 10.55 13.34
CA GLY C 13 33.36 10.51 12.80
C GLY C 13 32.34 11.09 13.73
N SER C 14 31.10 10.64 13.54
CA SER C 14 29.92 11.29 14.07
C SER C 14 29.50 10.71 15.42
N TYR C 15 28.82 11.54 16.20
CA TYR C 15 27.99 11.09 17.31
C TYR C 15 26.57 11.57 17.06
N ASN C 16 25.61 10.66 17.19
CA ASN C 16 24.19 10.99 17.13
C ASN C 16 23.49 10.50 18.37
N ARG C 17 22.61 11.32 18.94
CA ARG C 17 21.69 10.85 19.96
C ARG C 17 20.56 10.12 19.26
N ASP C 18 20.46 8.80 19.48
CA ASP C 18 19.47 7.98 18.80
C ASP C 18 18.12 8.09 19.51
N LEU C 19 17.10 8.52 18.78
CA LEU C 19 15.72 8.52 19.26
C LEU C 19 14.97 7.42 18.51
N VAL C 20 14.58 6.37 19.24
CA VAL C 20 14.22 5.07 18.67
C VAL C 20 12.81 4.67 19.09
N TRP C 21 12.00 4.25 18.12
CA TRP C 21 10.67 3.71 18.40
C TRP C 21 10.60 2.26 17.97
N TYR C 22 10.14 1.40 18.86
CA TYR C 22 10.02 -0.03 18.60
C TYR C 22 8.57 -0.38 18.25
N VAL C 23 8.34 -0.84 17.03
CA VAL C 23 7.01 -1.09 16.50
C VAL C 23 6.94 -2.52 15.97
N LYS C 24 5.71 -3.03 15.85
CA LYS C 24 5.51 -4.34 15.22
C LYS C 24 5.90 -4.30 13.75
N ASP C 25 5.33 -3.36 13.01
CA ASP C 25 5.71 -3.18 11.61
C ASP C 25 5.88 -1.69 11.33
N PHE C 26 6.71 -1.39 10.34
CA PHE C 26 6.90 -0.02 9.92
C PHE C 26 5.57 0.58 9.50
N PRO C 27 5.29 1.83 9.87
CA PRO C 27 4.09 2.49 9.35
C PRO C 27 4.20 2.78 7.86
N ILE C 28 3.03 2.83 7.20
CA ILE C 28 2.97 3.29 5.81
C ILE C 28 2.66 4.79 5.83
N GLY C 29 2.84 5.46 4.70
CA GLY C 29 2.54 6.86 4.60
C GLY C 29 1.12 7.18 5.00
N GLY C 30 0.94 8.12 5.91
CA GLY C 30 -0.37 8.50 6.40
C GLY C 30 -0.86 7.71 7.60
N GLN C 31 -0.10 6.71 8.05
CA GLN C 31 -0.54 5.86 9.15
C GLN C 31 0.08 6.36 10.45
N THR C 32 -0.73 6.37 11.51
CA THR C 32 -0.25 6.64 12.86
C THR C 32 -0.40 5.37 13.66
N ILE C 33 0.73 4.83 14.13
CA ILE C 33 0.75 3.61 14.92
C ILE C 33 1.45 3.90 16.24
N ASN C 34 1.36 2.93 17.14
CA ASN C 34 2.03 3.02 18.43
C ASN C 34 3.37 2.32 18.39
N GLY C 35 4.28 2.80 19.22
CA GLY C 35 5.56 2.15 19.40
C GLY C 35 6.06 2.43 20.81
N SER C 36 7.19 1.83 21.13
CA SER C 36 7.81 1.97 22.44
C SER C 36 9.08 2.76 22.27
N PHE C 37 9.29 3.75 23.14
CA PHE C 37 10.36 4.71 22.90
C PHE C 37 11.55 4.42 23.81
N ALA C 38 12.75 4.62 23.25
CA ALA C 38 13.97 4.57 24.02
C ALA C 38 14.96 5.52 23.38
N SER C 39 15.75 6.17 24.24
CA SER C 39 16.78 7.10 23.81
C SER C 39 18.14 6.50 24.17
N SER C 40 19.09 6.58 23.24
CA SER C 40 20.35 5.87 23.44
C SER C 40 21.45 6.51 22.60
N HIS C 41 22.68 6.20 22.97
CA HIS C 41 23.86 6.68 22.24
C HIS C 41 23.99 5.99 20.88
N GLY C 42 24.25 6.79 19.86
CA GLY C 42 24.43 6.28 18.51
C GLY C 42 25.45 7.12 17.76
N GLY C 43 25.29 7.21 16.44
CA GLY C 43 26.29 7.81 15.58
C GLY C 43 27.29 6.78 15.11
N LYS C 44 27.52 6.70 13.79
CA LYS C 44 28.38 5.64 13.27
C LYS C 44 29.81 5.77 13.79
N GLY C 45 30.32 7.00 13.86
CA GLY C 45 31.68 7.19 14.37
C GLY C 45 31.80 6.74 15.81
N SER C 46 30.86 7.18 16.65
CA SER C 46 30.91 6.79 18.06
C SER C 46 30.54 5.32 18.23
N ASN C 47 29.64 4.79 17.40
CA ASN C 47 29.31 3.37 17.51
C ASN C 47 30.54 2.50 17.25
N GLN C 48 31.35 2.86 16.27
CA GLN C 48 32.53 2.05 15.96
C GLN C 48 33.62 2.22 17.01
N ALA C 49 33.72 3.40 17.61
CA ALA C 49 34.69 3.61 18.67
C ALA C 49 34.28 2.90 19.96
N ILE C 50 32.98 2.91 20.27
CA ILE C 50 32.53 2.22 21.47
C ILE C 50 32.62 0.71 21.28
N ALA C 51 32.33 0.24 20.06
CA ALA C 51 32.53 -1.17 19.74
C ALA C 51 33.99 -1.57 19.92
N CYS C 52 34.92 -0.70 19.51
CA CYS C 52 36.33 -0.94 19.75
C CYS C 52 36.62 -1.04 21.25
N GLY C 53 36.22 -0.01 22.00
CA GLY C 53 36.50 0.02 23.42
C GLY C 53 35.94 -1.18 24.18
N LYS C 54 34.80 -1.70 23.75
CA LYS C 54 34.21 -2.82 24.47
C LYS C 54 34.81 -4.16 24.08
N VAL C 55 35.25 -4.31 22.82
CA VAL C 55 35.81 -5.58 22.37
C VAL C 55 37.33 -5.60 22.53
N LEU C 56 37.95 -4.43 22.68
CA LEU C 56 39.37 -4.40 23.00
C LEU C 56 39.58 -4.91 24.42
N ARG C 57 40.70 -5.61 24.62
CA ARG C 57 41.04 -6.05 25.97
CA ARG C 57 41.06 -6.05 25.96
C ARG C 57 41.37 -4.86 26.87
N ASP C 58 41.99 -3.83 26.31
CA ASP C 58 42.29 -2.57 27.01
C ASP C 58 41.66 -1.44 26.23
N PRO C 59 40.64 -0.76 26.77
CA PRO C 59 39.93 0.26 25.99
C PRO C 59 40.79 1.45 25.59
N SER C 60 41.93 1.67 26.26
CA SER C 60 42.74 2.86 25.98
C SER C 60 43.38 2.82 24.60
N ARG C 61 43.28 1.72 23.88
CA ARG C 61 43.85 1.64 22.54
C ARG C 61 42.94 2.24 21.47
N ALA C 62 41.68 2.48 21.78
CA ALA C 62 40.76 3.19 20.90
C ALA C 62 40.82 4.68 21.20
N PHE C 63 40.50 5.49 20.19
CA PHE C 63 40.54 6.93 20.31
C PHE C 63 39.48 7.50 19.39
N PHE C 64 38.51 8.23 19.95
CA PHE C 64 37.40 8.77 19.18
C PHE C 64 37.57 10.27 18.96
N VAL C 65 37.31 10.71 17.73
CA VAL C 65 37.35 12.12 17.34
C VAL C 65 35.98 12.49 16.81
N GLY C 66 35.31 13.44 17.47
CA GLY C 66 33.98 13.82 17.03
C GLY C 66 33.58 15.16 17.61
N ALA C 67 32.46 15.68 17.13
CA ALA C 67 31.97 16.97 17.56
C ALA C 67 30.53 16.84 18.00
N VAL C 68 30.20 17.44 19.14
CA VAL C 68 28.85 17.44 19.68
C VAL C 68 28.52 18.86 20.11
N GLY C 69 27.25 19.10 20.40
CA GLY C 69 26.81 20.42 20.78
C GLY C 69 27.06 20.72 22.25
N LYS C 70 26.85 22.00 22.60
CA LYS C 70 26.88 22.42 24.00
C LYS C 70 25.48 22.28 24.58
N ASP C 71 25.06 21.02 24.71
CA ASP C 71 23.73 20.71 25.20
C ASP C 71 23.79 19.46 26.08
N THR C 72 22.62 19.08 26.61
CA THR C 72 22.55 17.96 27.53
C THR C 72 23.02 16.66 26.87
N PHE C 73 22.53 16.37 25.68
CA PHE C 73 23.01 15.21 24.93
C PHE C 73 24.53 15.24 24.77
N GLY C 74 25.07 16.42 24.47
CA GLY C 74 26.51 16.52 24.32
C GLY C 74 27.26 16.27 25.61
N ASP C 75 26.73 16.78 26.72
CA ASP C 75 27.37 16.53 28.01
C ASP C 75 27.30 15.05 28.37
N GLU C 76 26.19 14.38 28.07
CA GLU C 76 26.03 12.98 28.46
C GLU C 76 26.96 12.05 27.69
N ILE C 77 27.27 12.34 26.43
CA ILE C 77 28.12 11.42 25.70
C ILE C 77 29.57 11.54 26.16
N LEU C 78 30.00 12.74 26.54
CA LEU C 78 31.33 12.88 27.12
C LEU C 78 31.44 12.08 28.41
N ALA C 79 30.39 12.16 29.23
CA ALA C 79 30.39 11.39 30.47
C ALA C 79 30.40 9.89 30.19
N HIS C 80 29.69 9.44 29.14
CA HIS C 80 29.65 8.02 28.83
C HIS C 80 31.04 7.50 28.48
N TYR C 81 31.79 8.27 27.70
CA TYR C 81 33.14 7.86 27.32
C TYR C 81 34.05 7.77 28.55
N ARG C 82 33.86 8.68 29.52
CA ARG C 82 34.66 8.61 30.73
C ARG C 82 34.40 7.30 31.47
N GLU C 83 33.13 6.95 31.65
CA GLU C 83 32.77 5.70 32.34
C GLU C 83 33.24 4.47 31.56
N LEU C 84 33.36 4.59 30.24
CA LEU C 84 33.83 3.48 29.41
C LEU C 84 35.35 3.37 29.35
N GLY C 85 36.07 4.42 29.73
CA GLY C 85 37.52 4.39 29.69
C GLY C 85 38.11 4.47 28.30
N ILE C 86 37.43 5.14 27.38
CA ILE C 86 37.87 5.26 25.99
C ILE C 86 38.38 6.69 25.80
N PRO C 87 39.66 6.89 25.51
CA PRO C 87 40.13 8.24 25.22
C PRO C 87 39.42 8.84 24.02
N ASN C 88 39.31 10.17 24.03
CA ASN C 88 38.60 10.90 22.97
C ASN C 88 39.02 12.36 23.02
N CYS C 89 38.74 13.08 21.93
CA CYS C 89 38.75 14.54 21.92
C CYS C 89 37.43 15.03 21.33
N ILE C 90 36.33 14.60 21.96
CA ILE C 90 35.00 15.08 21.59
C ILE C 90 34.93 16.57 21.88
N LYS C 91 34.93 17.39 20.84
CA LYS C 91 34.82 18.82 21.01
C LYS C 91 33.35 19.24 21.11
N GLN C 92 33.04 20.07 22.09
CA GLN C 92 31.70 20.64 22.21
C GLN C 92 31.68 22.02 21.54
N VAL C 93 30.76 22.20 20.59
CA VAL C 93 30.68 23.41 19.79
C VAL C 93 29.34 24.09 20.07
N SER C 94 29.32 25.41 19.90
CA SER C 94 28.13 26.19 20.24
C SER C 94 27.21 26.49 19.06
N GLY C 95 27.63 26.17 17.84
CA GLY C 95 26.81 26.53 16.69
C GLY C 95 25.53 25.74 16.58
N ALA C 96 25.63 24.41 16.61
CA ALA C 96 24.50 23.54 16.35
C ALA C 96 24.24 22.61 17.53
N PRO C 97 23.05 22.02 17.60
CA PRO C 97 22.82 20.98 18.60
C PRO C 97 23.53 19.69 18.22
N THR C 98 23.70 18.83 19.24
CA THR C 98 24.24 17.51 19.00
C THR C 98 23.39 16.79 17.97
N GLY C 99 24.07 16.07 17.07
CA GLY C 99 23.36 15.32 16.06
C GLY C 99 22.43 14.29 16.66
N ASN C 100 21.40 13.92 15.91
CA ASN C 100 20.48 12.91 16.37
C ASN C 100 20.12 11.98 15.22
N ALA C 101 19.41 10.91 15.57
CA ALA C 101 18.86 9.98 14.60
C ALA C 101 17.46 9.58 15.05
N GLY C 102 16.52 9.58 14.11
CA GLY C 102 15.19 9.07 14.34
C GLY C 102 15.07 7.69 13.73
N ILE C 103 14.82 6.70 14.59
CA ILE C 103 14.93 5.29 14.21
C ILE C 103 13.60 4.60 14.50
N TYR C 104 13.11 3.84 13.52
CA TYR C 104 12.04 2.86 13.70
C TYR C 104 12.66 1.47 13.61
N VAL C 105 12.44 0.64 14.63
CA VAL C 105 12.89 -0.74 14.61
C VAL C 105 11.66 -1.63 14.62
N ALA C 106 11.48 -2.39 13.55
CA ALA C 106 10.35 -3.30 13.46
C ALA C 106 10.65 -4.58 14.24
N GLU C 107 9.60 -5.36 14.51
CA GLU C 107 9.80 -6.57 15.30
C GLU C 107 10.66 -7.60 14.57
N SER C 108 10.82 -7.46 13.26
CA SER C 108 11.73 -8.33 12.51
C SER C 108 13.19 -8.00 12.81
N GLY C 109 13.47 -6.83 13.36
CA GLY C 109 14.82 -6.37 13.54
C GLY C 109 15.25 -5.32 12.55
N GLU C 110 14.46 -5.12 11.50
CA GLU C 110 14.78 -4.13 10.48
C GLU C 110 14.61 -2.72 11.06
N ASN C 111 15.42 -1.79 10.56
CA ASN C 111 15.38 -0.42 11.03
C ASN C 111 15.11 0.54 9.87
N MET C 112 14.63 1.73 10.22
CA MET C 112 14.56 2.89 9.34
C MET C 112 15.25 4.02 10.08
N ILE C 113 16.24 4.65 9.47
CA ILE C 113 17.06 5.66 10.15
C ILE C 113 17.09 6.95 9.34
N VAL C 114 16.80 8.06 10.01
CA VAL C 114 17.02 9.40 9.47
C VAL C 114 17.94 10.14 10.43
N ILE C 115 19.11 10.55 9.95
CA ILE C 115 20.10 11.27 10.75
C ILE C 115 20.04 12.76 10.43
N SER C 116 20.11 13.59 11.48
CA SER C 116 20.29 15.04 11.37
C SER C 116 21.70 15.38 11.84
N GLU C 117 22.59 15.76 10.91
CA GLU C 117 24.01 15.84 11.24
C GLU C 117 24.28 16.80 12.40
N GLY C 118 23.60 17.94 12.43
CA GLY C 118 23.77 18.86 13.56
C GLY C 118 25.22 19.22 13.77
N ALA C 119 25.68 19.07 15.02
CA ALA C 119 27.03 19.49 15.39
C ALA C 119 28.12 18.67 14.71
N ASN C 120 27.77 17.50 14.14
CA ASN C 120 28.74 16.71 13.39
C ASN C 120 29.29 17.48 12.19
N GLY C 121 28.57 18.48 11.70
CA GLY C 121 29.04 19.26 10.58
C GLY C 121 30.18 20.21 10.90
N MET C 122 30.50 20.39 12.18
CA MET C 122 31.61 21.26 12.57
C MET C 122 32.90 20.48 12.80
N LEU C 123 32.88 19.15 12.72
CA LEU C 123 34.08 18.36 12.95
C LEU C 123 35.00 18.58 11.76
N LYS C 124 36.03 19.39 11.96
CA LYS C 124 37.06 19.67 10.99
C LYS C 124 38.42 19.52 11.65
N PRO C 125 39.50 19.38 10.87
CA PRO C 125 40.84 19.36 11.48
C PRO C 125 41.17 20.53 12.40
N SER C 126 40.79 21.77 12.07
CA SER C 126 41.15 22.90 12.94
C SER C 126 40.54 22.76 14.32
N LEU C 127 39.38 22.09 14.43
CA LEU C 127 38.74 21.88 15.72
C LEU C 127 39.52 20.91 16.59
N VAL C 128 40.32 20.05 15.99
CA VAL C 128 41.11 19.05 16.72
C VAL C 128 42.57 19.22 16.31
N PRO C 129 43.22 20.31 16.71
CA PRO C 129 44.54 20.62 16.14
C PRO C 129 45.62 19.61 16.45
N ASP C 130 45.49 18.81 17.51
CA ASP C 130 46.53 17.87 17.92
C ASP C 130 46.27 16.45 17.40
N LEU C 131 45.42 16.32 16.38
CA LEU C 131 45.12 14.99 15.86
C LEU C 131 46.34 14.39 15.19
N MET C 132 47.15 15.21 14.53
CA MET C 132 48.31 14.71 13.79
C MET C 132 49.24 13.91 14.69
N ALA C 133 49.46 14.37 15.92
CA ALA C 133 50.37 13.65 16.80
C ALA C 133 49.85 12.25 17.10
N VAL C 134 48.54 12.06 17.16
CA VAL C 134 47.98 10.74 17.42
C VAL C 134 48.05 9.86 16.18
N LEU C 135 47.79 10.42 14.99
CA LEU C 135 47.76 9.60 13.79
C LEU C 135 49.13 9.03 13.44
N VAL C 136 50.20 9.77 13.73
CA VAL C 136 51.54 9.31 13.38
C VAL C 136 52.06 8.22 14.29
N LYS C 137 51.30 7.84 15.33
CA LYS C 137 51.67 6.72 16.18
C LYS C 137 50.63 5.60 16.18
N ALA C 138 49.54 5.74 15.44
CA ALA C 138 48.44 4.77 15.42
C ALA C 138 48.64 3.73 14.32
N THR C 139 47.82 2.68 14.38
CA THR C 139 47.82 1.61 13.38
C THR C 139 46.69 1.74 12.36
N LEU C 140 45.48 2.08 12.83
CA LEU C 140 44.31 2.20 11.97
C LEU C 140 43.62 3.53 12.23
N VAL C 141 43.10 4.13 11.18
CA VAL C 141 42.21 5.30 11.28
C VAL C 141 40.95 4.99 10.47
N VAL C 142 39.79 5.27 11.05
CA VAL C 142 38.52 4.83 10.49
C VAL C 142 37.60 6.03 10.31
N MET C 143 36.95 6.11 9.15
CA MET C 143 35.99 7.18 8.88
C MET C 143 34.76 6.62 8.18
N GLN C 144 33.67 7.37 8.29
CA GLN C 144 32.40 7.02 7.66
C GLN C 144 31.87 8.20 6.85
N CYS C 145 30.55 8.35 6.76
CA CYS C 145 29.96 9.39 5.93
C CYS C 145 28.91 10.19 6.68
N GLU C 146 29.09 10.41 7.99
CA GLU C 146 28.09 11.12 8.78
C GLU C 146 28.63 12.44 9.34
N ILE C 147 29.69 12.98 8.76
CA ILE C 147 30.10 14.35 8.99
C ILE C 147 29.96 15.09 7.68
N SER C 148 30.44 16.32 7.60
CA SER C 148 30.20 17.11 6.40
C SER C 148 31.10 16.61 5.26
N PRO C 149 30.62 16.64 4.02
CA PRO C 149 31.45 16.19 2.88
C PRO C 149 32.75 16.94 2.74
N ASP C 150 32.71 18.27 2.84
CA ASP C 150 33.92 19.06 2.67
C ASP C 150 34.92 18.87 3.80
N ASN C 151 34.42 18.66 5.04
CA ASN C 151 35.33 18.47 6.16
C ASN C 151 35.97 17.08 6.13
N THR C 152 35.26 16.09 5.58
CA THR C 152 35.89 14.80 5.33
C THR C 152 37.11 14.97 4.46
N LEU C 153 37.02 15.81 3.43
CA LEU C 153 38.16 16.03 2.55
C LEU C 153 39.29 16.74 3.25
N LEU C 154 38.99 17.63 4.20
CA LEU C 154 40.05 18.21 5.01
C LEU C 154 40.71 17.15 5.87
N PHE C 155 39.92 16.25 6.45
CA PHE C 155 40.48 15.12 7.19
C PHE C 155 41.26 14.18 6.28
N VAL C 156 40.79 14.01 5.04
CA VAL C 156 41.54 13.22 4.07
C VAL C 156 42.96 13.76 3.91
N GLU C 157 43.09 15.08 3.83
CA GLU C 157 44.42 15.68 3.69
C GLU C 157 45.27 15.45 4.93
N VAL C 158 44.66 15.51 6.11
CA VAL C 158 45.40 15.23 7.35
C VAL C 158 45.87 13.78 7.35
N ILE C 159 45.01 12.85 6.95
CA ILE C 159 45.43 11.44 6.94
C ILE C 159 46.56 11.22 5.94
N LYS C 160 46.48 11.88 4.78
CA LYS C 160 47.53 11.75 3.78
C LYS C 160 48.88 12.22 4.34
N GLN C 161 48.89 13.30 5.13
CA GLN C 161 50.11 13.75 5.78
C GLN C 161 50.54 12.80 6.89
N ALA C 162 49.58 12.16 7.56
CA ALA C 162 49.92 11.25 8.66
C ALA C 162 50.53 9.95 8.13
N LYS C 163 50.05 9.49 6.96
CA LYS C 163 50.58 8.27 6.37
C LYS C 163 52.00 8.47 5.85
N ALA C 164 52.33 9.70 5.42
CA ALA C 164 53.68 10.00 4.95
C ALA C 164 54.70 10.00 6.08
N GLN C 165 54.26 10.25 7.31
CA GLN C 165 55.14 10.15 8.47
C GLN C 165 55.11 8.76 9.12
N ASN C 166 53.98 8.05 8.98
CA ASN C 166 53.77 6.73 9.57
C ASN C 166 53.30 5.77 8.48
N SER C 167 54.23 5.02 7.87
CA SER C 167 53.88 4.11 6.79
C SER C 167 53.16 2.84 7.25
N SER C 168 52.99 2.63 8.55
CA SER C 168 52.25 1.47 9.05
C SER C 168 50.76 1.75 9.22
N LEU C 169 50.35 3.00 9.07
CA LEU C 169 48.97 3.41 9.30
C LEU C 169 48.11 3.01 8.12
N ARG C 170 46.96 2.39 8.40
CA ARG C 170 46.01 1.98 7.38
C ARG C 170 44.71 2.76 7.55
N PHE C 171 44.17 3.24 6.43
CA PHE C 171 42.91 3.99 6.44
C PHE C 171 41.80 3.01 6.06
N VAL C 172 40.88 2.79 7.01
CA VAL C 172 39.69 1.97 6.79
C VAL C 172 38.53 2.94 6.55
N PHE C 173 37.93 2.88 5.36
CA PHE C 173 36.85 3.78 4.99
C PHE C 173 35.57 2.97 4.81
N ASN C 174 34.58 3.28 5.66
CA ASN C 174 33.27 2.66 5.63
C ASN C 174 32.28 3.65 5.00
N PRO C 175 31.94 3.51 3.71
CA PRO C 175 31.19 4.58 3.01
C PRO C 175 29.70 4.54 3.35
N ALA C 176 29.38 4.78 4.62
CA ALA C 176 28.02 4.65 5.11
C ALA C 176 27.59 5.94 5.79
N PRO C 177 26.36 6.41 5.54
CA PRO C 177 25.44 5.87 4.54
C PRO C 177 25.79 6.41 3.16
N TYR C 178 25.26 5.82 2.10
CA TYR C 178 25.57 6.35 0.79
C TYR C 178 25.11 7.80 0.71
N ARG C 179 26.04 8.69 0.38
CA ARG C 179 25.81 10.12 0.26
C ARG C 179 26.21 10.51 -1.14
N ALA C 180 25.30 11.10 -1.90
CA ALA C 180 25.67 11.53 -3.24
C ALA C 180 26.62 12.72 -3.23
N ASP C 181 26.70 13.46 -2.12
CA ASP C 181 27.54 14.65 -2.05
C ASP C 181 28.95 14.37 -1.54
N TYR C 182 29.31 13.10 -1.34
CA TYR C 182 30.66 12.76 -0.91
C TYR C 182 31.55 12.56 -2.13
N ASP C 183 32.74 13.14 -2.09
CA ASP C 183 33.74 12.93 -3.14
C ASP C 183 34.42 11.60 -2.82
N PHE C 184 33.76 10.50 -3.21
CA PHE C 184 34.30 9.18 -2.89
C PHE C 184 35.60 8.91 -3.63
N SER C 185 35.78 9.49 -4.82
CA SER C 185 37.04 9.30 -5.54
C SER C 185 38.22 9.85 -4.74
N LYS C 186 38.08 11.05 -4.19
CA LYS C 186 39.19 11.66 -3.46
C LYS C 186 39.48 10.89 -2.17
N ILE C 187 38.45 10.40 -1.50
CA ILE C 187 38.64 9.65 -0.27
C ILE C 187 39.33 8.31 -0.55
N LEU C 188 38.92 7.62 -1.62
CA LEU C 188 39.49 6.31 -1.93
C LEU C 188 40.96 6.40 -2.29
N SER C 189 41.42 7.57 -2.76
CA SER C 189 42.78 7.72 -3.24
C SER C 189 43.82 7.50 -2.14
N ILE C 190 43.42 7.58 -0.89
CA ILE C 190 44.27 7.27 0.24
C ILE C 190 43.72 6.15 1.11
N THR C 191 42.58 5.57 0.74
CA THR C 191 41.98 4.47 1.50
C THR C 191 42.79 3.19 1.29
N ASP C 192 43.04 2.47 2.39
CA ASP C 192 43.73 1.18 2.33
C ASP C 192 42.78 -0.02 2.34
N ILE C 193 41.72 0.04 3.15
CA ILE C 193 40.70 -1.00 3.23
C ILE C 193 39.34 -0.33 3.10
N PHE C 194 38.59 -0.68 2.06
CA PHE C 194 37.30 -0.10 1.75
C PHE C 194 36.21 -1.09 2.14
N CYS C 195 35.19 -0.63 2.88
CA CYS C 195 34.17 -1.50 3.47
C CYS C 195 32.76 -1.05 3.09
N PRO C 196 32.36 -1.22 1.84
CA PRO C 196 30.98 -0.91 1.47
C PRO C 196 30.07 -2.12 1.70
N ASN C 197 28.79 -1.82 1.89
CA ASN C 197 27.79 -2.87 1.79
C ASN C 197 27.33 -2.94 0.34
N GLU C 198 26.31 -3.75 0.05
CA GLU C 198 25.91 -3.99 -1.33
C GLU C 198 25.45 -2.71 -2.04
N LEU C 199 24.52 -1.98 -1.42
CA LEU C 199 23.98 -0.79 -2.09
C LEU C 199 25.04 0.28 -2.23
N GLU C 200 25.90 0.44 -1.23
CA GLU C 200 26.92 1.47 -1.29
C GLU C 200 27.88 1.20 -2.46
N ALA C 201 28.29 -0.05 -2.65
CA ALA C 201 29.18 -0.35 -3.76
C ALA C 201 28.50 -0.15 -5.11
N LEU C 202 27.20 -0.43 -5.21
CA LEU C 202 26.49 -0.30 -6.47
C LEU C 202 26.28 1.17 -6.85
N GLU C 203 26.04 2.04 -5.88
CA GLU C 203 25.83 3.44 -6.19
C GLU C 203 27.14 4.12 -6.58
N ILE C 204 28.25 3.60 -6.10
CA ILE C 204 29.59 4.07 -6.42
C ILE C 204 30.05 3.32 -7.68
N SER C 205 29.13 2.57 -8.32
CA SER C 205 29.42 1.85 -9.56
C SER C 205 28.97 2.67 -10.76
N ILE C 213 21.44 -7.29 -6.08
CA ILE C 213 22.39 -8.28 -5.59
C ILE C 213 23.70 -8.23 -6.37
N CYS C 214 24.81 -8.21 -5.65
CA CYS C 214 26.15 -8.23 -6.24
C CYS C 214 26.66 -9.65 -6.24
N ASP C 215 26.96 -10.18 -7.41
CA ASP C 215 27.52 -11.51 -7.50
C ASP C 215 29.04 -11.38 -7.54
N ASP C 216 29.73 -12.51 -7.77
CA ASP C 216 31.19 -12.51 -7.77
C ASP C 216 31.75 -11.71 -8.94
N SER C 217 31.08 -11.72 -10.10
CA SER C 217 31.58 -11.00 -11.26
C SER C 217 31.45 -9.49 -11.08
N MET C 218 30.37 -9.05 -10.44
CA MET C 218 30.19 -7.63 -10.19
C MET C 218 31.23 -7.12 -9.19
N MET C 219 31.55 -7.92 -8.18
CA MET C 219 32.48 -7.45 -7.15
C MET C 219 33.90 -7.30 -7.71
N LYS C 220 34.31 -8.16 -8.64
CA LYS C 220 35.62 -7.96 -9.26
C LYS C 220 35.65 -6.66 -10.07
N ALA C 221 34.60 -6.41 -10.86
CA ALA C 221 34.52 -5.19 -11.63
C ALA C 221 34.48 -3.96 -10.74
N LEU C 222 33.85 -4.08 -9.58
CA LEU C 222 33.82 -2.98 -8.63
C LEU C 222 35.21 -2.73 -8.03
N VAL C 223 35.91 -3.80 -7.66
CA VAL C 223 37.25 -3.64 -7.10
C VAL C 223 38.18 -3.00 -8.13
N GLU C 224 38.03 -3.38 -9.40
CA GLU C 224 38.84 -2.77 -10.45
C GLU C 224 38.58 -1.27 -10.56
N LYS C 225 37.30 -0.88 -10.66
CA LYS C 225 36.97 0.53 -10.80
C LYS C 225 37.39 1.31 -9.56
N MET C 226 37.19 0.73 -8.38
CA MET C 226 37.59 1.39 -7.13
C MET C 226 39.10 1.56 -7.09
N SER C 227 39.85 0.55 -7.56
CA SER C 227 41.30 0.57 -7.51
C SER C 227 41.90 1.47 -8.58
N SER C 228 41.14 1.80 -9.62
CA SER C 228 41.67 2.65 -10.68
C SER C 228 41.98 4.05 -10.18
N LEU C 229 41.29 4.50 -9.12
CA LEU C 229 41.48 5.84 -8.59
C LEU C 229 42.37 5.89 -7.37
N SER C 230 42.80 4.75 -6.85
CA SER C 230 43.53 4.70 -5.58
C SER C 230 44.83 3.94 -5.75
N PRO C 231 45.99 4.58 -5.57
CA PRO C 231 47.23 3.81 -5.49
C PRO C 231 47.39 3.06 -4.18
N SER C 232 46.61 3.41 -3.15
CA SER C 232 46.76 2.83 -1.82
C SER C 232 45.82 1.67 -1.53
N LEU C 233 44.72 1.54 -2.26
CA LEU C 233 43.68 0.56 -1.92
C LEU C 233 44.23 -0.86 -2.00
N LYS C 234 44.08 -1.62 -0.92
CA LYS C 234 44.60 -2.97 -0.85
C LYS C 234 43.55 -4.06 -0.73
N PHE C 235 42.44 -3.79 -0.05
CA PHE C 235 41.38 -4.76 0.14
C PHE C 235 40.03 -4.06 0.10
N VAL C 236 39.06 -4.73 -0.51
CA VAL C 236 37.67 -4.33 -0.39
C VAL C 236 36.95 -5.42 0.39
N LEU C 237 36.37 -5.05 1.53
CA LEU C 237 35.52 -5.94 2.30
C LEU C 237 34.09 -5.57 1.95
N PHE C 238 33.46 -6.40 1.13
CA PHE C 238 32.05 -6.21 0.78
C PHE C 238 31.18 -6.78 1.90
N THR C 239 30.29 -5.95 2.45
CA THR C 239 29.27 -6.42 3.37
C THR C 239 28.03 -6.80 2.57
N LEU C 240 27.56 -8.04 2.74
CA LEU C 240 26.54 -8.61 1.87
C LEU C 240 25.27 -9.01 2.62
N GLY C 241 25.01 -8.38 3.76
CA GLY C 241 23.80 -8.70 4.50
C GLY C 241 23.83 -10.12 5.03
N SER C 242 22.77 -10.90 4.74
CA SER C 242 22.67 -12.25 5.27
C SER C 242 23.71 -13.20 4.68
N ARG C 243 24.32 -12.84 3.56
CA ARG C 243 25.32 -13.68 2.92
C ARG C 243 26.70 -13.55 3.56
N GLY C 244 26.89 -12.63 4.49
CA GLY C 244 28.18 -12.45 5.15
C GLY C 244 29.00 -11.36 4.49
N SER C 245 30.26 -11.66 4.20
CA SER C 245 31.15 -10.69 3.57
C SER C 245 32.09 -11.40 2.62
N ARG C 246 32.64 -10.65 1.67
CA ARG C 246 33.67 -11.13 0.76
CA ARG C 246 33.66 -11.13 0.75
C ARG C 246 34.84 -10.17 0.79
N ILE C 247 36.04 -10.71 0.90
CA ILE C 247 37.26 -9.93 0.89
C ILE C 247 37.92 -10.13 -0.48
N VAL C 248 38.15 -9.04 -1.19
CA VAL C 248 38.78 -9.06 -2.50
C VAL C 248 40.03 -8.21 -2.44
N GLN C 249 41.16 -8.78 -2.84
CA GLN C 249 42.41 -8.04 -2.93
C GLN C 249 42.49 -7.29 -4.26
N THR C 250 42.99 -6.06 -4.23
CA THR C 250 43.23 -5.35 -5.48
C THR C 250 44.42 -5.96 -6.22
N LYS C 251 44.45 -5.71 -7.53
CA LYS C 251 45.53 -6.13 -8.41
C LYS C 251 45.52 -7.64 -8.66
N SER C 252 45.36 -8.44 -7.60
CA SER C 252 45.34 -9.89 -7.74
C SER C 252 43.93 -10.47 -7.75
N TYR C 253 42.97 -9.78 -7.14
CA TYR C 253 41.58 -10.23 -7.07
C TYR C 253 41.46 -11.59 -6.36
N GLU C 254 42.41 -11.87 -5.46
CA GLU C 254 42.29 -12.98 -4.53
C GLU C 254 41.11 -12.78 -3.59
N SER C 255 40.34 -13.84 -3.34
CA SER C 255 39.08 -13.75 -2.62
C SER C 255 39.02 -14.63 -1.39
N ARG C 256 38.38 -14.13 -0.33
CA ARG C 256 38.03 -14.90 0.84
C ARG C 256 36.57 -14.66 1.16
N THR C 257 35.81 -15.74 1.36
CA THR C 257 34.42 -15.67 1.76
C THR C 257 34.26 -15.96 3.25
N VAL C 258 33.50 -15.09 3.94
CA VAL C 258 33.25 -15.21 5.37
C VAL C 258 31.74 -15.10 5.58
N GLY C 259 31.11 -16.19 6.01
CA GLY C 259 29.67 -16.19 6.23
C GLY C 259 29.29 -15.44 7.49
N ILE C 260 27.97 -15.19 7.62
CA ILE C 260 27.45 -14.62 8.88
C ILE C 260 27.52 -15.66 9.97
N TYR C 261 27.55 -15.19 11.21
CA TYR C 261 27.40 -16.03 12.39
C TYR C 261 26.01 -15.79 12.95
N SER C 262 25.20 -16.85 12.98
CA SER C 262 23.83 -16.73 13.47
C SER C 262 23.81 -17.12 14.95
N HIS C 263 23.61 -16.13 15.81
CA HIS C 263 23.62 -16.33 17.26
C HIS C 263 22.23 -16.63 17.80
N GLY C 264 21.20 -16.09 17.16
CA GLY C 264 19.83 -16.30 17.60
C GLY C 264 18.90 -15.47 16.74
N ARG C 265 17.65 -15.38 17.20
CA ARG C 265 16.65 -14.58 16.50
C ARG C 265 17.01 -13.10 16.56
N ALA C 266 16.86 -12.43 15.42
CA ALA C 266 17.13 -11.00 15.35
C ALA C 266 16.09 -10.21 16.14
N ILE C 267 16.54 -9.24 16.91
CA ILE C 267 15.65 -8.36 17.67
C ILE C 267 15.83 -6.92 17.22
N ASP C 268 17.04 -6.58 16.75
CA ASP C 268 17.39 -5.21 16.41
C ASP C 268 18.76 -5.17 15.73
N THR C 269 18.80 -4.86 14.43
CA THR C 269 20.06 -4.83 13.69
C THR C 269 20.70 -3.44 13.64
N SER C 270 20.14 -2.46 14.35
CA SER C 270 20.75 -1.14 14.36
C SER C 270 22.10 -1.20 15.05
N GLY C 271 23.13 -0.66 14.41
CA GLY C 271 24.43 -0.73 15.00
C GLY C 271 25.20 -2.00 14.71
N ALA C 272 24.64 -2.91 13.92
CA ALA C 272 25.31 -4.19 13.71
C ALA C 272 26.42 -4.06 12.67
N GLY C 273 26.25 -3.17 11.69
CA GLY C 273 27.34 -2.88 10.79
C GLY C 273 28.45 -2.13 11.50
N ASP C 274 28.10 -1.22 12.41
CA ASP C 274 29.11 -0.48 13.15
C ASP C 274 29.85 -1.39 14.11
N CYS C 275 29.13 -2.31 14.75
CA CYS C 275 29.78 -3.30 15.59
C CYS C 275 30.71 -4.19 14.78
N PHE C 276 30.31 -4.52 13.54
CA PHE C 276 31.17 -5.34 12.68
C PHE C 276 32.46 -4.59 12.35
N ILE C 277 32.36 -3.32 11.96
CA ILE C 277 33.54 -2.55 11.59
C ILE C 277 34.46 -2.36 12.79
N GLY C 278 33.89 -2.05 13.96
CA GLY C 278 34.71 -1.89 15.15
C GLY C 278 35.43 -3.17 15.51
N SER C 279 34.70 -4.28 15.56
CA SER C 279 35.32 -5.57 15.86
C SER C 279 36.35 -5.95 14.80
N PHE C 280 36.03 -5.66 13.53
CA PHE C 280 36.98 -5.88 12.46
C PHE C 280 38.29 -5.12 12.69
N CYS C 281 38.20 -3.86 13.11
CA CYS C 281 39.40 -3.08 13.32
C CYS C 281 40.19 -3.58 14.53
N VAL C 282 39.48 -3.94 15.60
CA VAL C 282 40.14 -4.47 16.80
C VAL C 282 40.97 -5.69 16.45
N ARG C 283 40.35 -6.66 15.76
CA ARG C 283 41.08 -7.89 15.43
C ARG C 283 42.19 -7.62 14.44
N LEU C 284 42.00 -6.67 13.52
CA LEU C 284 43.09 -6.29 12.63
C LEU C 284 44.25 -5.73 13.42
N MET C 285 43.96 -4.78 14.33
CA MET C 285 45.00 -4.15 15.12
C MET C 285 45.71 -5.16 16.02
N GLU C 286 44.96 -6.14 16.54
CA GLU C 286 45.56 -7.15 17.40
C GLU C 286 46.43 -8.11 16.60
N LEU C 287 45.98 -8.50 15.41
CA LEU C 287 46.79 -9.38 14.58
C LEU C 287 48.06 -8.69 14.09
N ALA C 288 48.03 -7.37 14.00
CA ALA C 288 49.24 -6.63 13.67
C ALA C 288 50.27 -6.65 14.79
N GLU C 289 49.88 -7.10 15.99
CA GLU C 289 50.79 -7.20 17.12
C GLU C 289 51.26 -8.62 17.40
N GLU C 290 50.46 -9.62 17.03
CA GLU C 290 50.72 -11.01 17.40
C GLU C 290 51.63 -11.74 16.41
N SER C 291 52.50 -11.02 15.71
CA SER C 291 53.42 -11.62 14.76
C SER C 291 54.69 -10.79 14.74
N THR C 292 55.79 -11.39 14.26
CA THR C 292 56.95 -10.56 13.95
C THR C 292 56.63 -9.60 12.82
N ARG C 293 55.68 -9.97 11.95
CA ARG C 293 55.37 -9.17 10.76
C ARG C 293 54.86 -7.78 11.12
N GLY C 294 54.42 -7.57 12.36
CA GLY C 294 53.90 -6.28 12.75
C GLY C 294 52.76 -5.84 11.85
N PRO C 295 52.68 -4.54 11.58
CA PRO C 295 51.58 -4.02 10.76
C PRO C 295 51.60 -4.50 9.31
N SER C 296 52.72 -5.06 8.83
CA SER C 296 52.69 -5.59 7.48
C SER C 296 51.86 -6.88 7.39
N ALA C 297 51.42 -7.42 8.52
CA ALA C 297 50.45 -8.51 8.48
C ALA C 297 49.15 -8.06 7.84
N LEU C 298 48.84 -6.77 7.92
CA LEU C 298 47.63 -6.19 7.35
C LEU C 298 47.64 -6.17 5.83
N ASN C 299 48.72 -6.65 5.20
CA ASN C 299 48.80 -6.78 3.75
C ASN C 299 48.45 -8.19 3.29
N ASP C 300 48.20 -9.11 4.22
CA ASP C 300 47.90 -10.50 3.90
C ASP C 300 46.40 -10.72 3.95
N ILE C 301 45.84 -11.33 2.90
CA ILE C 301 44.39 -11.48 2.83
C ILE C 301 43.90 -12.41 3.93
N ASP C 302 44.75 -13.32 4.40
CA ASP C 302 44.32 -14.22 5.46
C ASP C 302 44.21 -13.49 6.79
N THR C 303 45.07 -12.49 7.03
CA THR C 303 44.88 -11.65 8.20
C THR C 303 43.55 -10.91 8.13
N ILE C 304 43.23 -10.37 6.96
CA ILE C 304 41.95 -9.67 6.79
C ILE C 304 40.80 -10.64 7.00
N ALA C 305 40.94 -11.86 6.49
CA ALA C 305 39.88 -12.86 6.62
C ALA C 305 39.67 -13.29 8.06
N GLU C 306 40.75 -13.45 8.83
CA GLU C 306 40.59 -13.84 10.22
C GLU C 306 39.91 -12.74 11.02
N ALA C 307 40.27 -11.48 10.76
CA ALA C 307 39.62 -10.37 11.44
C ALA C 307 38.14 -10.33 11.12
N ALA C 308 37.76 -10.64 9.88
CA ALA C 308 36.36 -10.60 9.48
C ALA C 308 35.58 -11.76 10.06
N ARG C 309 36.23 -12.90 10.29
CA ARG C 309 35.58 -13.98 11.02
C ARG C 309 35.22 -13.53 12.44
N PHE C 310 36.15 -12.82 13.07
CA PHE C 310 35.93 -12.29 14.41
C PHE C 310 34.81 -11.27 14.41
N ALA C 311 34.75 -10.42 13.38
CA ALA C 311 33.70 -9.42 13.32
C ALA C 311 32.32 -10.06 13.09
N SER C 312 32.26 -11.14 12.32
CA SER C 312 30.97 -11.78 12.09
C SER C 312 30.37 -12.27 13.40
N VAL C 313 31.18 -12.89 14.24
CA VAL C 313 30.67 -13.43 15.49
C VAL C 313 30.17 -12.30 16.38
N ALA C 314 30.94 -11.20 16.48
CA ALA C 314 30.50 -10.07 17.28
C ALA C 314 29.25 -9.43 16.70
N ALA C 315 29.20 -9.28 15.38
CA ALA C 315 28.02 -8.68 14.74
C ALA C 315 26.78 -9.56 14.87
N GLY C 316 26.95 -10.89 14.81
CA GLY C 316 25.82 -11.79 14.98
C GLY C 316 25.23 -11.77 16.37
N ILE C 317 26.07 -11.56 17.38
CA ILE C 317 25.58 -11.41 18.74
C ILE C 317 24.82 -10.09 18.87
N SER C 318 25.32 -9.03 18.23
CA SER C 318 24.72 -7.71 18.33
C SER C 318 23.28 -7.70 17.83
N VAL C 319 22.98 -8.50 16.81
CA VAL C 319 21.67 -8.52 16.19
C VAL C 319 20.60 -9.10 17.12
N THR C 320 20.97 -9.96 18.07
CA THR C 320 20.01 -10.55 18.99
C THR C 320 19.72 -9.68 20.20
N ARG C 321 20.20 -8.43 20.22
CA ARG C 321 20.00 -7.54 21.36
C ARG C 321 19.50 -6.18 20.88
N LYS C 322 18.61 -5.58 21.66
CA LYS C 322 18.19 -4.20 21.43
C LYS C 322 19.16 -3.25 22.13
N GLY C 323 19.65 -2.24 21.41
CA GLY C 323 20.40 -1.20 22.09
C GLY C 323 21.55 -0.51 21.38
N THR C 324 21.90 -0.97 20.19
CA THR C 324 23.11 -0.51 19.50
C THR C 324 24.34 -0.66 20.40
N SER C 325 24.71 0.39 21.12
CA SER C 325 25.89 0.32 21.98
C SER C 325 25.69 -0.67 23.12
N ALA C 326 24.44 -0.88 23.56
CA ALA C 326 24.15 -1.93 24.51
C ALA C 326 24.14 -3.32 23.87
N SER C 327 24.16 -3.40 22.55
CA SER C 327 24.14 -4.69 21.84
C SER C 327 25.55 -5.18 21.51
N VAL C 328 26.56 -4.33 21.60
CA VAL C 328 27.94 -4.78 21.34
C VAL C 328 28.33 -5.78 22.42
N PRO C 329 28.80 -6.97 22.06
CA PRO C 329 29.08 -7.99 23.06
C PRO C 329 30.39 -7.72 23.80
N ARG C 330 30.56 -8.44 24.90
CA ARG C 330 31.81 -8.46 25.63
C ARG C 330 32.82 -9.34 24.91
N ARG C 331 34.10 -9.04 25.11
CA ARG C 331 35.15 -9.80 24.44
C ARG C 331 35.02 -11.30 24.72
N GLN C 332 34.75 -11.68 25.98
CA GLN C 332 34.60 -13.09 26.31
C GLN C 332 33.45 -13.72 25.52
N GLU C 333 32.33 -13.01 25.38
CA GLU C 333 31.23 -13.54 24.58
C GLU C 333 31.68 -13.80 23.16
N VAL C 334 32.44 -12.85 22.58
CA VAL C 334 32.97 -13.03 21.23
C VAL C 334 33.95 -14.19 21.19
N ASP C 335 34.89 -14.23 22.15
CA ASP C 335 35.85 -15.32 22.18
C ASP C 335 35.15 -16.68 22.31
N ASP C 336 34.18 -16.77 23.23
CA ASP C 336 33.51 -18.05 23.50
C ASP C 336 32.74 -18.56 22.29
N ALA C 337 31.92 -17.70 21.69
CA ALA C 337 31.11 -18.14 20.56
C ALA C 337 31.97 -18.43 19.34
N LEU C 338 33.15 -17.80 19.25
CA LEU C 338 34.09 -18.09 18.17
C LEU C 338 34.68 -19.48 18.28
N SER C 339 34.90 -19.97 19.49
CA SER C 339 35.39 -21.34 19.66
C SER C 339 34.33 -22.36 19.24
N LYS C 340 33.09 -22.19 19.73
CA LYS C 340 32.03 -23.13 19.38
C LYS C 340 31.74 -23.14 17.89
N PHE C 341 31.90 -22.00 17.22
CA PHE C 341 31.67 -21.92 15.78
C PHE C 341 32.66 -22.78 15.00
N THR D 6 -9.02 33.93 37.99
CA THR D 6 -9.45 32.55 38.21
C THR D 6 -9.72 31.85 36.87
N ALA D 7 -9.26 30.62 36.75
CA ALA D 7 -9.28 29.92 35.46
C ALA D 7 -10.69 29.51 35.07
N LYS D 8 -11.08 29.85 33.83
CA LYS D 8 -12.40 29.56 33.32
C LYS D 8 -12.44 28.48 32.24
N ILE D 9 -11.30 28.14 31.63
CA ILE D 9 -11.22 27.06 30.65
C ILE D 9 -10.21 26.02 31.14
N VAL D 10 -10.66 24.78 31.31
CA VAL D 10 -9.84 23.68 31.78
C VAL D 10 -9.66 22.67 30.65
N ILE D 11 -8.42 22.38 30.29
CA ILE D 11 -8.09 21.43 29.22
C ILE D 11 -7.39 20.23 29.85
N ILE D 12 -8.06 19.09 29.83
CA ILE D 12 -7.52 17.84 30.38
C ILE D 12 -7.14 16.95 29.20
N GLY D 13 -5.83 16.78 28.99
CA GLY D 13 -5.40 15.92 27.90
C GLY D 13 -3.91 15.68 27.87
N SER D 14 -3.39 15.38 26.69
CA SER D 14 -2.05 14.85 26.53
C SER D 14 -1.03 15.95 26.24
N TYR D 15 0.22 15.66 26.54
CA TYR D 15 1.36 16.37 25.96
C TYR D 15 2.24 15.36 25.25
N ASN D 16 2.60 15.66 24.00
CA ASN D 16 3.58 14.87 23.26
C ASN D 16 4.69 15.78 22.76
N ARG D 17 5.92 15.33 22.92
CA ARG D 17 7.07 15.98 22.30
C ARG D 17 7.18 15.51 20.87
N ASP D 18 6.95 16.40 19.91
CA ASP D 18 6.99 16.04 18.51
C ASP D 18 8.45 16.11 18.04
N LEU D 19 8.99 14.98 17.64
CA LEU D 19 10.33 14.91 17.05
C LEU D 19 10.17 14.58 15.58
N VAL D 20 10.51 15.52 14.72
CA VAL D 20 10.11 15.49 13.31
C VAL D 20 11.34 15.55 12.43
N TRP D 21 11.41 14.63 11.47
CA TRP D 21 12.48 14.59 10.47
C TRP D 21 11.88 14.84 9.09
N TYR D 22 12.47 15.78 8.35
CA TYR D 22 12.00 16.15 7.01
C TYR D 22 12.92 15.56 5.95
N VAL D 23 12.38 14.67 5.12
CA VAL D 23 13.16 13.93 4.13
C VAL D 23 12.55 14.09 2.75
N LYS D 24 13.37 13.80 1.72
CA LYS D 24 12.88 13.76 0.35
C LYS D 24 11.91 12.60 0.14
N ASP D 25 12.34 11.39 0.51
CA ASP D 25 11.50 10.20 0.48
C ASP D 25 11.70 9.43 1.77
N PHE D 26 10.66 8.69 2.17
CA PHE D 26 10.79 7.82 3.32
C PHE D 26 11.91 6.82 3.09
N PRO D 27 12.71 6.51 4.10
CA PRO D 27 13.71 5.45 3.96
C PRO D 27 13.02 4.09 3.84
N ILE D 28 13.69 3.18 3.14
CA ILE D 28 13.22 1.80 3.09
C ILE D 28 13.92 1.00 4.19
N GLY D 29 13.42 -0.19 4.46
CA GLY D 29 14.00 -1.05 5.48
C GLY D 29 15.48 -1.28 5.28
N GLY D 30 16.27 -0.99 6.31
CA GLY D 30 17.70 -1.13 6.26
C GLY D 30 18.45 0.08 5.76
N GLN D 31 17.74 1.13 5.34
CA GLN D 31 18.39 2.30 4.79
C GLN D 31 18.48 3.42 5.82
N THR D 32 19.62 4.10 5.81
CA THR D 32 19.85 5.32 6.58
C THR D 32 19.98 6.47 5.59
N ILE D 33 19.15 7.49 5.74
CA ILE D 33 19.23 8.64 4.86
C ILE D 33 19.53 9.86 5.71
N ASN D 34 19.93 10.94 5.04
CA ASN D 34 20.17 12.20 5.71
C ASN D 34 18.89 13.03 5.63
N GLY D 35 18.65 13.82 6.67
CA GLY D 35 17.48 14.66 6.68
C GLY D 35 17.69 15.88 7.54
N SER D 36 16.63 16.67 7.68
CA SER D 36 16.60 17.86 8.51
C SER D 36 15.64 17.65 9.67
N PHE D 37 16.07 18.02 10.87
CA PHE D 37 15.35 17.75 12.12
C PHE D 37 14.72 19.03 12.67
N ALA D 38 13.54 18.89 13.25
CA ALA D 38 12.93 19.97 14.01
C ALA D 38 12.10 19.33 15.13
N SER D 39 12.14 19.95 16.28
CA SER D 39 11.41 19.50 17.45
C SER D 39 10.38 20.57 17.81
N SER D 40 9.21 20.13 18.26
CA SER D 40 8.12 21.07 18.52
C SER D 40 7.25 20.53 19.64
N HIS D 41 6.60 21.45 20.35
CA HIS D 41 5.66 21.05 21.39
C HIS D 41 4.37 20.57 20.74
N GLY D 42 3.87 19.43 21.20
CA GLY D 42 2.66 18.89 20.63
C GLY D 42 1.80 18.19 21.64
N GLY D 43 1.00 17.24 21.17
CA GLY D 43 -0.05 16.68 22.00
C GLY D 43 -1.31 17.48 21.83
N LYS D 44 -2.42 16.80 21.53
CA LYS D 44 -3.66 17.51 21.26
C LYS D 44 -4.16 18.28 22.49
N GLY D 45 -3.95 17.73 23.68
CA GLY D 45 -4.34 18.43 24.90
C GLY D 45 -3.54 19.70 25.12
N SER D 46 -2.21 19.60 25.00
CA SER D 46 -1.38 20.78 25.23
C SER D 46 -1.49 21.78 24.10
N ASN D 47 -1.63 21.30 22.86
CA ASN D 47 -1.78 22.22 21.74
C ASN D 47 -3.03 23.07 21.88
N GLN D 48 -4.13 22.46 22.33
CA GLN D 48 -5.38 23.21 22.49
C GLN D 48 -5.31 24.16 23.68
N ALA D 49 -4.58 23.79 24.74
CA ALA D 49 -4.40 24.69 25.87
C ALA D 49 -3.48 25.85 25.52
N ILE D 50 -2.43 25.58 24.74
CA ILE D 50 -1.53 26.65 24.32
C ILE D 50 -2.24 27.59 23.35
N ALA D 51 -3.11 27.04 22.51
CA ALA D 51 -3.92 27.89 21.64
C ALA D 51 -4.79 28.85 22.44
N CYS D 52 -5.35 28.37 23.55
CA CYS D 52 -6.14 29.24 24.44
C CYS D 52 -5.30 30.40 24.98
N GLY D 53 -4.17 30.07 25.64
CA GLY D 53 -3.36 31.11 26.25
C GLY D 53 -2.90 32.18 25.28
N LYS D 54 -2.67 31.81 24.01
CA LYS D 54 -2.19 32.76 23.02
C LYS D 54 -3.32 33.61 22.47
N VAL D 55 -4.54 33.06 22.41
CA VAL D 55 -5.70 33.79 21.90
C VAL D 55 -6.48 34.47 23.02
N LEU D 56 -6.28 34.04 24.27
CA LEU D 56 -6.91 34.69 25.40
C LEU D 56 -6.32 36.09 25.62
N ARG D 57 -7.17 37.03 26.01
CA ARG D 57 -6.69 38.35 26.41
CA ARG D 57 -6.66 38.34 26.40
C ARG D 57 -5.81 38.24 27.65
N ASP D 58 -6.20 37.42 28.61
CA ASP D 58 -5.43 37.15 29.82
C ASP D 58 -5.22 35.65 29.89
N PRO D 59 -3.98 35.16 29.73
CA PRO D 59 -3.76 33.70 29.69
C PRO D 59 -4.11 32.99 30.99
N SER D 60 -4.18 33.71 32.12
CA SER D 60 -4.41 33.05 33.41
C SER D 60 -5.79 32.43 33.54
N ARG D 61 -6.69 32.68 32.59
CA ARG D 61 -8.00 32.04 32.63
C ARG D 61 -7.98 30.63 32.06
N ALA D 62 -6.92 30.24 31.36
CA ALA D 62 -6.78 28.86 30.89
C ALA D 62 -6.04 28.04 31.94
N PHE D 63 -6.29 26.73 31.93
CA PHE D 63 -5.72 25.83 32.92
C PHE D 63 -5.53 24.47 32.27
N PHE D 64 -4.28 23.97 32.25
CA PHE D 64 -3.97 22.72 31.60
C PHE D 64 -3.73 21.61 32.62
N VAL D 65 -4.31 20.44 32.36
CA VAL D 65 -4.16 19.25 33.21
C VAL D 65 -3.54 18.15 32.36
N GLY D 66 -2.35 17.71 32.75
CA GLY D 66 -1.64 16.68 32.02
C GLY D 66 -0.54 16.07 32.86
N ALA D 67 0.06 15.02 32.33
CA ALA D 67 1.13 14.29 32.99
C ALA D 67 2.30 14.13 32.02
N VAL D 68 3.50 14.40 32.50
CA VAL D 68 4.72 14.26 31.71
C VAL D 68 5.73 13.47 32.53
N GLY D 69 6.78 12.99 31.85
CA GLY D 69 7.78 12.19 32.52
C GLY D 69 8.79 13.03 33.28
N LYS D 70 9.58 12.34 34.11
CA LYS D 70 10.67 12.99 34.84
C LYS D 70 11.95 12.93 34.01
N ASP D 71 11.92 13.68 32.90
CA ASP D 71 13.04 13.75 31.97
C ASP D 71 13.13 15.18 31.42
N THR D 72 14.06 15.40 30.49
CA THR D 72 14.29 16.73 29.95
C THR D 72 13.04 17.28 29.27
N PHE D 73 12.43 16.48 28.40
CA PHE D 73 11.21 16.88 27.70
C PHE D 73 10.12 17.33 28.68
N GLY D 74 9.99 16.63 29.81
CA GLY D 74 9.00 17.01 30.80
C GLY D 74 9.31 18.34 31.45
N ASP D 75 10.58 18.58 31.80
CA ASP D 75 10.96 19.86 32.37
C ASP D 75 10.81 20.98 31.36
N GLU D 76 11.14 20.73 30.09
CA GLU D 76 11.08 21.80 29.10
C GLU D 76 9.64 22.23 28.83
N ILE D 77 8.66 21.32 28.92
CA ILE D 77 7.29 21.75 28.69
C ILE D 77 6.74 22.50 29.90
N LEU D 78 7.15 22.12 31.12
CA LEU D 78 6.73 22.91 32.29
C LEU D 78 7.27 24.33 32.21
N ALA D 79 8.55 24.46 31.83
CA ALA D 79 9.15 25.79 31.70
C ALA D 79 8.46 26.58 30.59
N HIS D 80 8.08 25.93 29.50
CA HIS D 80 7.44 26.63 28.40
C HIS D 80 6.11 27.24 28.82
N TYR D 81 5.33 26.54 29.65
CA TYR D 81 4.07 27.09 30.13
C TYR D 81 4.31 28.30 31.01
N ARG D 82 5.38 28.28 31.80
CA ARG D 82 5.70 29.44 32.63
C ARG D 82 6.01 30.66 31.77
N GLU D 83 6.83 30.49 30.73
CA GLU D 83 7.14 31.62 29.84
C GLU D 83 5.88 32.12 29.13
N LEU D 84 4.89 31.24 28.94
CA LEU D 84 3.63 31.63 28.33
C LEU D 84 2.65 32.23 29.32
N GLY D 85 2.84 31.99 30.62
CA GLY D 85 1.91 32.50 31.61
C GLY D 85 0.59 31.76 31.70
N ILE D 86 0.58 30.46 31.44
CA ILE D 86 -0.64 29.65 31.44
C ILE D 86 -0.64 28.79 32.70
N PRO D 87 -1.57 28.99 33.63
CA PRO D 87 -1.63 28.12 34.81
C PRO D 87 -1.89 26.68 34.43
N ASN D 88 -1.35 25.77 35.23
CA ASN D 88 -1.51 24.36 34.97
C ASN D 88 -1.14 23.58 36.22
N CYS D 89 -1.53 22.31 36.23
CA CYS D 89 -1.03 21.36 37.21
C CYS D 89 -0.43 20.17 36.49
N ILE D 90 0.52 20.43 35.61
CA ILE D 90 1.24 19.35 34.93
C ILE D 90 2.03 18.62 36.00
N LYS D 91 1.55 17.44 36.38
CA LYS D 91 2.25 16.65 37.37
C LYS D 91 3.31 15.81 36.67
N GLN D 92 4.52 15.82 37.21
CA GLN D 92 5.60 15.01 36.67
C GLN D 92 5.66 13.66 37.36
N VAL D 93 5.67 12.61 36.56
CA VAL D 93 5.63 11.23 37.04
C VAL D 93 6.95 10.56 36.65
N SER D 94 7.34 9.57 37.45
CA SER D 94 8.58 8.86 37.22
C SER D 94 8.39 7.52 36.51
N GLY D 95 7.15 7.09 36.29
CA GLY D 95 6.92 5.75 35.76
C GLY D 95 7.37 5.59 34.32
N ALA D 96 6.92 6.49 33.43
CA ALA D 96 7.20 6.37 32.01
C ALA D 96 7.88 7.65 31.52
N PRO D 97 8.47 7.64 30.33
CA PRO D 97 8.98 8.90 29.76
C PRO D 97 7.83 9.80 29.34
N THR D 98 8.18 11.08 29.17
CA THR D 98 7.24 12.03 28.58
C THR D 98 6.81 11.51 27.22
N GLY D 99 5.51 11.66 26.92
CA GLY D 99 5.02 11.20 25.64
C GLY D 99 5.71 11.91 24.50
N ASN D 100 5.88 11.20 23.39
CA ASN D 100 6.49 11.78 22.21
C ASN D 100 5.88 11.16 20.96
N ALA D 101 6.27 11.71 19.81
CA ALA D 101 5.91 11.17 18.52
C ALA D 101 7.13 11.26 17.61
N GLY D 102 7.41 10.19 16.88
CA GLY D 102 8.46 10.17 15.89
C GLY D 102 7.87 10.30 14.49
N ILE D 103 8.22 11.38 13.81
CA ILE D 103 7.55 11.77 12.58
C ILE D 103 8.56 11.88 11.45
N TYR D 104 8.25 11.25 10.32
CA TYR D 104 8.92 11.48 9.05
C TYR D 104 7.94 12.23 8.15
N VAL D 105 8.37 13.36 7.62
CA VAL D 105 7.57 14.15 6.67
C VAL D 105 8.30 14.10 5.34
N ALA D 106 7.71 13.44 4.36
CA ALA D 106 8.34 13.37 3.06
C ALA D 106 8.01 14.60 2.21
N GLU D 107 8.84 14.82 1.19
CA GLU D 107 8.60 15.93 0.27
C GLU D 107 7.39 15.68 -0.62
N SER D 108 6.89 14.44 -0.66
CA SER D 108 5.63 14.16 -1.32
C SER D 108 4.44 14.73 -0.54
N GLY D 109 4.62 15.03 0.75
CA GLY D 109 3.57 15.52 1.62
C GLY D 109 3.01 14.49 2.59
N GLU D 110 3.28 13.21 2.39
CA GLU D 110 2.80 12.17 3.29
C GLU D 110 3.56 12.17 4.62
N ASN D 111 2.91 11.68 5.67
CA ASN D 111 3.48 11.61 7.00
C ASN D 111 3.57 10.17 7.47
N MET D 112 4.48 9.94 8.42
CA MET D 112 4.49 8.72 9.24
C MET D 112 4.59 9.15 10.69
N ILE D 113 3.69 8.65 11.54
CA ILE D 113 3.64 9.05 12.95
C ILE D 113 3.70 7.79 13.80
N VAL D 114 4.63 7.76 14.75
CA VAL D 114 4.70 6.70 15.76
C VAL D 114 4.58 7.36 17.13
N ILE D 115 3.53 7.02 17.87
CA ILE D 115 3.24 7.61 19.17
C ILE D 115 3.66 6.70 20.31
N SER D 116 4.34 7.27 21.29
CA SER D 116 4.59 6.63 22.59
C SER D 116 3.78 7.39 23.64
N GLU D 117 2.67 6.82 24.10
CA GLU D 117 1.81 7.58 25.02
C GLU D 117 2.59 7.99 26.26
N GLY D 118 3.48 7.11 26.73
CA GLY D 118 4.36 7.45 27.83
C GLY D 118 3.61 7.89 29.06
N ALA D 119 4.00 9.05 29.58
CA ALA D 119 3.42 9.56 30.82
C ALA D 119 1.96 9.97 30.66
N ASN D 120 1.49 10.16 29.43
CA ASN D 120 0.07 10.44 29.23
C ASN D 120 -0.80 9.30 29.73
N GLY D 121 -0.22 8.10 29.85
CA GLY D 121 -0.95 6.94 30.34
C GLY D 121 -1.19 6.91 31.84
N MET D 122 -0.57 7.81 32.61
CA MET D 122 -0.80 7.86 34.05
C MET D 122 -1.82 8.90 34.47
N LEU D 123 -2.26 9.77 33.56
CA LEU D 123 -3.11 10.87 33.96
C LEU D 123 -4.47 10.36 34.36
N LYS D 124 -4.72 10.33 35.66
CA LYS D 124 -5.97 9.95 36.29
C LYS D 124 -6.36 11.08 37.24
N PRO D 125 -7.64 11.16 37.62
CA PRO D 125 -8.03 12.15 38.64
C PRO D 125 -7.21 12.07 39.91
N SER D 126 -6.82 10.88 40.36
CA SER D 126 -6.02 10.77 41.58
C SER D 126 -4.70 11.50 41.45
N LEU D 127 -4.15 11.58 40.22
CA LEU D 127 -2.91 12.30 39.99
C LEU D 127 -3.08 13.80 40.14
N VAL D 128 -4.29 14.31 39.97
CA VAL D 128 -4.56 15.75 40.05
C VAL D 128 -5.67 15.99 41.07
N PRO D 129 -5.39 15.85 42.36
CA PRO D 129 -6.47 15.86 43.37
C PRO D 129 -7.20 17.17 43.49
N ASP D 130 -6.62 18.29 43.06
CA ASP D 130 -7.25 19.60 43.23
C ASP D 130 -8.03 20.02 42.00
N LEU D 131 -8.36 19.07 41.12
CA LEU D 131 -9.09 19.39 39.89
C LEU D 131 -10.53 19.77 40.19
N MET D 132 -11.18 19.09 41.14
CA MET D 132 -12.58 19.34 41.42
C MET D 132 -12.84 20.79 41.81
N ALA D 133 -11.96 21.38 42.62
CA ALA D 133 -12.13 22.77 43.06
C ALA D 133 -12.05 23.73 41.89
N VAL D 134 -11.22 23.43 40.89
CA VAL D 134 -11.10 24.32 39.73
C VAL D 134 -12.32 24.19 38.84
N LEU D 135 -12.83 22.97 38.66
CA LEU D 135 -13.90 22.74 37.71
C LEU D 135 -15.21 23.39 38.16
N VAL D 136 -15.47 23.44 39.46
CA VAL D 136 -16.75 23.99 39.92
C VAL D 136 -16.82 25.51 39.82
N LYS D 137 -15.72 26.16 39.45
CA LYS D 137 -15.71 27.59 39.21
C LYS D 137 -15.40 27.93 37.76
N ALA D 138 -15.18 26.93 36.91
CA ALA D 138 -14.83 27.11 35.51
C ALA D 138 -16.08 27.15 34.64
N THR D 139 -15.90 27.58 33.38
CA THR D 139 -16.96 27.61 32.37
C THR D 139 -16.88 26.47 31.37
N LEU D 140 -15.69 26.11 30.89
CA LEU D 140 -15.53 25.07 29.89
C LEU D 140 -14.48 24.06 30.36
N VAL D 141 -14.71 22.78 30.07
CA VAL D 141 -13.70 21.74 30.24
C VAL D 141 -13.62 20.97 28.93
N VAL D 142 -12.40 20.72 28.47
CA VAL D 142 -12.13 20.19 27.14
C VAL D 142 -11.30 18.92 27.23
N MET D 143 -11.68 17.90 26.46
CA MET D 143 -10.91 16.66 26.43
C MET D 143 -10.82 16.16 25.00
N GLN D 144 -9.81 15.33 24.75
CA GLN D 144 -9.58 14.71 23.44
C GLN D 144 -9.47 13.20 23.58
N CYS D 145 -8.66 12.56 22.76
CA CYS D 145 -8.55 11.10 22.76
C CYS D 145 -7.11 10.64 22.76
N GLU D 146 -6.24 11.37 23.46
CA GLU D 146 -4.82 11.03 23.51
C GLU D 146 -4.35 10.68 24.90
N ILE D 147 -5.25 10.34 25.82
CA ILE D 147 -4.86 9.72 27.08
C ILE D 147 -5.46 8.32 27.11
N SER D 148 -5.34 7.61 28.23
CA SER D 148 -5.78 6.23 28.26
C SER D 148 -7.31 6.17 28.31
N PRO D 149 -7.92 5.17 27.65
CA PRO D 149 -9.39 5.09 27.65
C PRO D 149 -10.02 5.01 29.03
N ASP D 150 -9.49 4.17 29.92
CA ASP D 150 -10.09 4.03 31.24
C ASP D 150 -9.91 5.28 32.09
N ASN D 151 -8.78 6.00 31.89
CA ASN D 151 -8.58 7.23 32.64
C ASN D 151 -9.48 8.35 32.15
N THR D 152 -9.82 8.35 30.85
CA THR D 152 -10.81 9.29 30.33
C THR D 152 -12.14 9.13 31.04
N LEU D 153 -12.59 7.89 31.23
CA LEU D 153 -13.86 7.66 31.89
C LEU D 153 -13.82 8.10 33.35
N LEU D 154 -12.64 8.01 33.98
CA LEU D 154 -12.50 8.53 35.33
C LEU D 154 -12.69 10.04 35.36
N PHE D 155 -12.09 10.75 34.41
CA PHE D 155 -12.28 12.20 34.34
C PHE D 155 -13.72 12.53 33.99
N VAL D 156 -14.34 11.72 33.12
CA VAL D 156 -15.75 11.95 32.78
C VAL D 156 -16.60 11.92 34.03
N GLU D 157 -16.34 10.98 34.93
CA GLU D 157 -17.11 10.92 36.17
C GLU D 157 -16.85 12.15 37.03
N VAL D 158 -15.60 12.62 37.05
CA VAL D 158 -15.28 13.85 37.79
C VAL D 158 -16.03 15.04 37.20
N ILE D 159 -16.07 15.13 35.87
CA ILE D 159 -16.75 16.25 35.22
C ILE D 159 -18.24 16.23 35.52
N LYS D 160 -18.86 15.04 35.57
CA LYS D 160 -20.27 14.96 35.93
C LYS D 160 -20.51 15.56 37.31
N GLN D 161 -19.62 15.29 38.27
CA GLN D 161 -19.78 15.84 39.61
C GLN D 161 -19.58 17.34 39.64
N ALA D 162 -18.73 17.88 38.75
CA ALA D 162 -18.54 19.32 38.72
C ALA D 162 -19.75 20.03 38.12
N LYS D 163 -20.42 19.37 37.16
CA LYS D 163 -21.60 19.94 36.51
C LYS D 163 -22.80 19.98 37.46
N ALA D 164 -22.86 19.08 38.44
CA ALA D 164 -23.99 19.13 39.37
C ALA D 164 -23.93 20.34 40.27
N GLN D 165 -22.73 20.85 40.55
CA GLN D 165 -22.56 22.05 41.36
C GLN D 165 -22.46 23.33 40.54
N ASN D 166 -21.95 23.24 39.32
CA ASN D 166 -21.70 24.42 38.50
C ASN D 166 -22.51 24.24 37.23
N SER D 167 -23.71 24.84 37.24
CA SER D 167 -24.64 24.75 36.13
C SER D 167 -24.21 25.58 34.93
N SER D 168 -23.12 26.34 35.08
CA SER D 168 -22.54 27.11 34.01
C SER D 168 -21.46 26.33 33.26
N LEU D 169 -21.05 25.16 33.78
CA LEU D 169 -19.96 24.40 33.21
C LEU D 169 -20.43 23.61 31.99
N ARG D 170 -19.72 23.75 30.88
CA ARG D 170 -20.00 23.00 29.67
C ARG D 170 -18.79 22.15 29.29
N PHE D 171 -19.04 20.90 28.90
CA PHE D 171 -17.98 19.96 28.53
C PHE D 171 -17.86 19.95 27.00
N VAL D 172 -16.70 20.39 26.50
CA VAL D 172 -16.38 20.36 25.08
C VAL D 172 -15.50 19.14 24.81
N PHE D 173 -15.98 18.21 23.99
CA PHE D 173 -15.25 16.97 23.70
C PHE D 173 -14.84 16.97 22.23
N ASN D 174 -13.53 16.95 21.97
CA ASN D 174 -12.99 16.84 20.62
C ASN D 174 -12.45 15.44 20.41
N PRO D 175 -13.17 14.55 19.71
CA PRO D 175 -12.83 13.12 19.67
C PRO D 175 -11.69 12.80 18.70
N ALA D 176 -10.51 13.36 18.98
CA ALA D 176 -9.39 13.25 18.07
C ALA D 176 -8.19 12.70 18.84
N PRO D 177 -7.47 11.72 18.29
CA PRO D 177 -7.83 11.00 17.06
C PRO D 177 -8.87 9.94 17.33
N TYR D 178 -9.51 9.41 16.29
CA TYR D 178 -10.48 8.35 16.51
C TYR D 178 -9.80 7.12 17.11
N ARG D 179 -10.36 6.63 18.22
CA ARG D 179 -9.83 5.48 18.95
C ARG D 179 -10.95 4.46 19.06
N ALA D 180 -10.69 3.24 18.59
CA ALA D 180 -11.71 2.21 18.72
C ALA D 180 -11.89 1.73 20.16
N ASP D 181 -10.92 1.98 21.04
CA ASP D 181 -10.98 1.51 22.42
C ASP D 181 -11.60 2.53 23.37
N TYR D 182 -12.12 3.64 22.86
CA TYR D 182 -12.79 4.65 23.67
C TYR D 182 -14.28 4.34 23.77
N ASP D 183 -14.81 4.41 24.99
CA ASP D 183 -16.25 4.27 25.24
C ASP D 183 -16.90 5.62 24.93
N PHE D 184 -17.16 5.84 23.64
CA PHE D 184 -17.67 7.14 23.22
C PHE D 184 -19.07 7.41 23.75
N SER D 185 -19.92 6.37 23.84
CA SER D 185 -21.26 6.58 24.38
C SER D 185 -21.20 7.11 25.80
N LYS D 186 -20.32 6.55 26.62
CA LYS D 186 -20.21 7.02 27.99
C LYS D 186 -19.66 8.43 28.04
N ILE D 187 -18.71 8.76 27.15
CA ILE D 187 -18.18 10.11 27.11
C ILE D 187 -19.25 11.09 26.66
N LEU D 188 -20.01 10.72 25.63
CA LEU D 188 -21.04 11.58 25.08
C LEU D 188 -22.19 11.82 26.07
N SER D 189 -22.38 10.93 27.04
CA SER D 189 -23.51 11.01 27.95
C SER D 189 -23.46 12.23 28.86
N ILE D 190 -22.28 12.85 29.03
CA ILE D 190 -22.18 14.13 29.73
C ILE D 190 -21.58 15.22 28.84
N THR D 191 -21.30 14.93 27.58
CA THR D 191 -20.76 15.92 26.66
C THR D 191 -21.82 16.96 26.33
N ASP D 192 -21.42 18.23 26.35
CA ASP D 192 -22.32 19.30 25.95
C ASP D 192 -22.14 19.74 24.51
N ILE D 193 -20.89 19.87 24.06
CA ILE D 193 -20.57 20.26 22.69
C ILE D 193 -19.58 19.25 22.12
N PHE D 194 -19.97 18.59 21.05
CA PHE D 194 -19.19 17.54 20.43
C PHE D 194 -18.60 18.09 19.13
N CYS D 195 -17.29 17.89 18.94
CA CYS D 195 -16.55 18.50 17.84
C CYS D 195 -15.80 17.45 17.03
N PRO D 196 -16.52 16.61 16.27
CA PRO D 196 -15.86 15.65 15.39
C PRO D 196 -15.55 16.23 14.02
N ASN D 197 -14.59 15.60 13.35
CA ASN D 197 -14.42 15.85 11.94
C ASN D 197 -15.28 14.86 11.16
N GLU D 198 -15.17 14.85 9.83
CA GLU D 198 -16.06 14.03 9.02
C GLU D 198 -15.90 12.54 9.36
N LEU D 199 -14.66 12.04 9.35
CA LEU D 199 -14.43 10.62 9.58
C LEU D 199 -14.71 10.23 11.03
N GLU D 200 -14.33 11.09 11.99
CA GLU D 200 -14.54 10.77 13.40
C GLU D 200 -16.02 10.62 13.71
N ALA D 201 -16.87 11.51 13.17
CA ALA D 201 -18.30 11.38 13.40
C ALA D 201 -18.84 10.10 12.76
N LEU D 202 -18.25 9.70 11.63
CA LEU D 202 -18.71 8.51 10.94
C LEU D 202 -18.30 7.23 11.69
N GLU D 203 -17.11 7.23 12.27
CA GLU D 203 -16.62 6.03 12.94
C GLU D 203 -17.28 5.82 14.29
N ILE D 204 -17.72 6.89 14.95
CA ILE D 204 -18.34 6.77 16.27
C ILE D 204 -19.78 6.35 16.16
N SER D 205 -20.32 6.32 14.95
CA SER D 205 -21.68 5.88 14.72
C SER D 205 -21.74 4.45 14.24
N GLY D 206 -20.62 3.89 13.78
CA GLY D 206 -20.55 2.57 13.21
C GLY D 206 -20.46 2.51 11.69
N THR D 207 -19.97 3.55 11.04
CA THR D 207 -19.96 3.64 9.58
C THR D 207 -18.56 3.84 9.00
N ILE D 213 -18.45 11.24 1.30
CA ILE D 213 -18.86 12.52 1.87
C ILE D 213 -20.33 12.45 2.34
N CYS D 214 -20.56 12.92 3.56
CA CYS D 214 -21.88 12.93 4.19
C CYS D 214 -22.56 14.29 4.00
N ASP D 215 -23.81 14.27 3.55
CA ASP D 215 -24.58 15.47 3.27
C ASP D 215 -25.35 15.91 4.53
N ASP D 216 -26.22 16.91 4.36
CA ASP D 216 -26.91 17.51 5.50
C ASP D 216 -27.82 16.51 6.21
N SER D 217 -28.44 15.60 5.45
CA SER D 217 -29.35 14.63 6.03
C SER D 217 -28.61 13.56 6.83
N MET D 218 -27.39 13.19 6.41
CA MET D 218 -26.63 12.22 7.17
C MET D 218 -26.20 12.80 8.52
N MET D 219 -25.87 14.09 8.55
CA MET D 219 -25.47 14.71 9.80
C MET D 219 -26.66 14.85 10.76
N LYS D 220 -27.86 15.06 10.21
CA LYS D 220 -29.05 15.11 11.06
C LYS D 220 -29.30 13.78 11.74
N ALA D 221 -29.16 12.68 10.98
CA ALA D 221 -29.29 11.34 11.56
C ALA D 221 -28.18 11.05 12.57
N LEU D 222 -26.97 11.57 12.35
CA LEU D 222 -25.89 11.34 13.31
C LEU D 222 -26.17 12.07 14.61
N VAL D 223 -26.61 13.33 14.54
CA VAL D 223 -26.97 14.06 15.75
C VAL D 223 -28.16 13.40 16.43
N GLU D 224 -29.11 12.89 15.64
CA GLU D 224 -30.27 12.22 16.22
C GLU D 224 -29.84 11.01 17.03
N LYS D 225 -28.99 10.16 16.45
CA LYS D 225 -28.54 8.96 17.13
C LYS D 225 -27.73 9.29 18.38
N MET D 226 -26.83 10.29 18.27
CA MET D 226 -26.02 10.65 19.43
C MET D 226 -26.87 11.24 20.55
N SER D 227 -27.88 12.04 20.19
CA SER D 227 -28.65 12.71 21.22
C SER D 227 -29.62 11.76 21.90
N SER D 228 -29.98 10.66 21.24
CA SER D 228 -30.92 9.71 21.82
C SER D 228 -30.32 9.00 23.02
N LEU D 229 -29.00 8.87 23.07
CA LEU D 229 -28.32 8.18 24.16
C LEU D 229 -27.70 9.14 25.17
N SER D 230 -27.82 10.45 24.96
CA SER D 230 -27.16 11.43 25.80
C SER D 230 -28.18 12.43 26.31
N PRO D 231 -28.37 12.56 27.63
CA PRO D 231 -29.24 13.62 28.13
C PRO D 231 -28.60 15.00 28.07
N SER D 232 -27.28 15.08 27.89
CA SER D 232 -26.58 16.35 27.98
C SER D 232 -26.25 16.98 26.64
N LEU D 233 -26.15 16.20 25.56
CA LEU D 233 -25.62 16.73 24.32
C LEU D 233 -26.51 17.84 23.77
N LYS D 234 -25.92 19.01 23.52
CA LYS D 234 -26.66 20.16 23.05
C LYS D 234 -26.27 20.62 21.67
N PHE D 235 -25.01 20.49 21.28
CA PHE D 235 -24.57 20.94 19.96
C PHE D 235 -23.50 19.98 19.44
N VAL D 236 -23.55 19.71 18.15
CA VAL D 236 -22.48 19.02 17.43
C VAL D 236 -21.90 19.97 16.41
N LEU D 237 -20.60 20.25 16.52
CA LEU D 237 -19.87 21.04 15.54
C LEU D 237 -19.09 20.06 14.66
N PHE D 238 -19.58 19.86 13.44
CA PHE D 238 -18.89 19.01 12.47
C PHE D 238 -17.79 19.80 11.78
N THR D 239 -16.57 19.29 11.84
CA THR D 239 -15.47 19.84 11.06
C THR D 239 -15.42 19.13 9.72
N LEU D 240 -15.54 19.90 8.63
CA LEU D 240 -15.76 19.32 7.31
C LEU D 240 -14.70 19.73 6.27
N GLY D 241 -13.55 20.24 6.73
CA GLY D 241 -12.49 20.59 5.79
C GLY D 241 -12.87 21.70 4.85
N SER D 242 -12.72 21.45 3.54
CA SER D 242 -12.99 22.48 2.54
C SER D 242 -14.45 22.90 2.50
N ARG D 243 -15.36 22.08 3.04
CA ARG D 243 -16.75 22.49 3.12
C ARG D 243 -17.02 23.37 4.33
N GLY D 244 -16.02 23.56 5.20
CA GLY D 244 -16.17 24.42 6.36
C GLY D 244 -16.59 23.63 7.58
N SER D 245 -17.56 24.15 8.32
CA SER D 245 -18.05 23.50 9.53
C SER D 245 -19.56 23.73 9.64
N ARG D 246 -20.22 22.82 10.33
CA ARG D 246 -21.68 22.86 10.46
C ARG D 246 -22.06 22.59 11.91
N ILE D 247 -22.88 23.46 12.48
CA ILE D 247 -23.39 23.32 13.82
C ILE D 247 -24.82 22.81 13.74
N VAL D 248 -25.10 21.70 14.45
CA VAL D 248 -26.44 21.16 14.55
C VAL D 248 -26.82 21.13 16.01
N GLN D 249 -27.97 21.72 16.34
CA GLN D 249 -28.50 21.64 17.70
C GLN D 249 -29.28 20.34 17.87
N THR D 250 -29.10 19.70 19.02
CA THR D 250 -29.91 18.52 19.33
C THR D 250 -31.34 18.94 19.62
N LYS D 251 -32.24 17.95 19.48
CA LYS D 251 -33.67 18.12 19.77
C LYS D 251 -34.36 18.94 18.70
N SER D 252 -33.76 20.05 18.26
CA SER D 252 -34.36 20.85 17.19
C SER D 252 -33.74 20.61 15.81
N TYR D 253 -32.48 20.20 15.76
CA TYR D 253 -31.76 19.95 14.50
C TYR D 253 -31.65 21.22 13.65
N GLU D 254 -31.63 22.37 14.31
CA GLU D 254 -31.23 23.61 13.66
C GLU D 254 -29.80 23.50 13.16
N SER D 255 -29.54 24.06 11.99
CA SER D 255 -28.24 23.95 11.35
C SER D 255 -27.73 25.36 11.05
N ARG D 256 -26.42 25.56 11.28
CA ARG D 256 -25.74 26.79 10.88
C ARG D 256 -24.46 26.40 10.16
N THR D 257 -24.22 27.00 9.01
CA THR D 257 -22.99 26.78 8.27
C THR D 257 -22.02 27.91 8.59
N VAL D 258 -20.78 27.54 8.86
CA VAL D 258 -19.72 28.49 9.16
C VAL D 258 -18.51 28.22 8.28
N ASP D 268 -9.90 25.92 4.24
CA ASP D 268 -9.82 24.61 4.88
C ASP D 268 -8.92 24.67 6.10
N THR D 269 -9.54 24.53 7.28
CA THR D 269 -8.89 24.60 8.57
C THR D 269 -8.44 23.24 9.09
N SER D 270 -8.36 22.24 8.21
CA SER D 270 -7.90 20.92 8.64
C SER D 270 -6.47 20.94 9.17
N GLY D 271 -5.63 21.88 8.74
CA GLY D 271 -4.24 21.84 9.18
C GLY D 271 -3.99 22.35 10.58
N ALA D 272 -5.02 22.84 11.27
CA ALA D 272 -4.88 23.44 12.60
C ALA D 272 -6.18 23.20 13.37
N GLY D 273 -6.47 21.92 13.61
CA GLY D 273 -7.64 21.56 14.39
C GLY D 273 -7.50 21.93 15.86
N ASP D 274 -6.30 21.79 16.41
CA ASP D 274 -6.08 22.15 17.80
C ASP D 274 -6.20 23.66 18.00
N CYS D 275 -5.70 24.44 17.05
CA CYS D 275 -5.89 25.89 17.12
C CYS D 275 -7.36 26.25 17.00
N PHE D 276 -8.11 25.50 16.18
CA PHE D 276 -9.54 25.73 16.03
C PHE D 276 -10.29 25.46 17.33
N ILE D 277 -10.03 24.31 17.96
CA ILE D 277 -10.75 23.98 19.19
C ILE D 277 -10.39 24.95 20.31
N GLY D 278 -9.11 25.29 20.45
CA GLY D 278 -8.73 26.21 21.51
C GLY D 278 -9.38 27.57 21.35
N SER D 279 -9.28 28.16 20.14
CA SER D 279 -9.89 29.46 19.89
C SER D 279 -11.40 29.41 20.06
N PHE D 280 -12.02 28.30 19.61
CA PHE D 280 -13.46 28.11 19.80
C PHE D 280 -13.85 28.20 21.26
N CYS D 281 -13.05 27.59 22.15
CA CYS D 281 -13.37 27.65 23.56
C CYS D 281 -13.16 29.05 24.12
N VAL D 282 -12.12 29.76 23.68
CA VAL D 282 -11.88 31.13 24.13
C VAL D 282 -13.09 32.01 23.82
N ARG D 283 -13.55 31.99 22.57
CA ARG D 283 -14.69 32.83 22.20
C ARG D 283 -15.96 32.39 22.93
N LEU D 284 -16.12 31.08 23.16
CA LEU D 284 -17.25 30.59 23.94
C LEU D 284 -17.22 31.14 25.35
N MET D 285 -16.04 31.08 25.98
CA MET D 285 -15.91 31.56 27.35
C MET D 285 -16.18 33.06 27.45
N GLU D 286 -15.78 33.81 26.43
CA GLU D 286 -15.96 35.26 26.47
C GLU D 286 -17.42 35.65 26.27
N LEU D 287 -18.12 34.94 25.37
CA LEU D 287 -19.52 35.25 25.12
C LEU D 287 -20.40 34.93 26.33
N ALA D 288 -19.96 34.00 27.18
CA ALA D 288 -20.68 33.64 28.40
C ALA D 288 -20.64 34.72 29.46
N GLU D 289 -19.76 35.70 29.31
CA GLU D 289 -19.67 36.85 30.20
C GLU D 289 -20.33 38.09 29.62
N GLU D 290 -20.38 38.19 28.30
CA GLU D 290 -20.91 39.35 27.59
C GLU D 290 -22.41 39.25 27.35
N SER D 291 -23.16 38.63 28.26
CA SER D 291 -24.57 38.35 28.02
C SER D 291 -25.41 38.60 29.27
N PRO D 295 -25.23 33.02 31.84
CA PRO D 295 -24.44 31.80 31.59
C PRO D 295 -25.14 30.86 30.62
N SER D 296 -26.44 31.07 30.43
CA SER D 296 -27.23 30.33 29.46
C SER D 296 -26.98 30.75 28.02
N ALA D 297 -26.12 31.74 27.77
CA ALA D 297 -25.78 32.12 26.40
C ALA D 297 -25.19 30.96 25.62
N LEU D 298 -24.57 30.00 26.30
CA LEU D 298 -24.04 28.83 25.61
C LEU D 298 -25.13 27.86 25.13
N ASN D 299 -26.40 28.17 25.36
CA ASN D 299 -27.52 27.38 24.85
C ASN D 299 -28.07 27.87 23.53
N ASP D 300 -27.53 28.97 23.01
CA ASP D 300 -27.98 29.60 21.78
C ASP D 300 -27.10 29.17 20.62
N ILE D 301 -27.73 28.68 19.54
CA ILE D 301 -26.94 28.14 18.44
C ILE D 301 -26.18 29.25 17.73
N ASP D 302 -26.70 30.48 17.79
CA ASP D 302 -25.99 31.59 17.15
C ASP D 302 -24.76 32.00 17.97
N THR D 303 -24.84 31.87 19.30
CA THR D 303 -23.65 32.06 20.13
C THR D 303 -22.58 31.03 19.79
N ILE D 304 -22.99 29.77 19.60
CA ILE D 304 -22.04 28.74 19.16
C ILE D 304 -21.46 29.10 17.79
N ALA D 305 -22.31 29.63 16.90
CA ALA D 305 -21.87 29.96 15.56
C ALA D 305 -20.84 31.08 15.57
N GLU D 306 -21.01 32.07 16.43
CA GLU D 306 -20.04 33.16 16.51
C GLU D 306 -18.69 32.65 17.01
N ALA D 307 -18.71 31.78 18.00
CA ALA D 307 -17.46 31.20 18.48
C ALA D 307 -16.78 30.40 17.37
N ALA D 308 -17.57 29.70 16.55
CA ALA D 308 -16.98 28.94 15.45
C ALA D 308 -16.55 29.86 14.31
N ARG D 309 -17.28 30.96 14.10
CA ARG D 309 -16.83 31.97 13.14
C ARG D 309 -15.50 32.58 13.59
N PHE D 310 -15.38 32.86 14.90
CA PHE D 310 -14.13 33.36 15.45
C PHE D 310 -13.01 32.33 15.33
N ALA D 311 -13.31 31.06 15.63
CA ALA D 311 -12.27 30.02 15.60
C ALA D 311 -11.77 29.77 14.19
N SER D 312 -12.65 29.86 13.19
CA SER D 312 -12.21 29.67 11.81
C SER D 312 -11.19 30.73 11.42
N VAL D 313 -11.42 31.98 11.83
CA VAL D 313 -10.49 33.05 11.50
C VAL D 313 -9.13 32.80 12.13
N ALA D 314 -9.11 32.36 13.39
CA ALA D 314 -7.83 32.08 14.05
C ALA D 314 -7.12 30.92 13.37
N ALA D 315 -7.86 29.87 13.02
CA ALA D 315 -7.26 28.73 12.34
C ALA D 315 -6.77 29.12 10.95
N GLY D 316 -7.49 30.01 10.27
CA GLY D 316 -7.08 30.43 8.94
C GLY D 316 -5.76 31.18 8.93
N ILE D 317 -5.46 31.94 9.99
CA ILE D 317 -4.16 32.60 10.09
C ILE D 317 -3.04 31.60 10.33
N SER D 318 -3.27 30.66 11.24
CA SER D 318 -2.24 29.69 11.62
C SER D 318 -1.83 28.80 10.45
N ALA D 326 0.81 23.47 13.55
CA ALA D 326 0.54 24.85 13.18
C ALA D 326 0.76 25.79 14.38
N SER D 327 1.29 26.99 14.11
CA SER D 327 1.59 27.96 15.15
C SER D 327 0.38 28.85 15.40
N VAL D 328 -0.14 28.80 16.61
CA VAL D 328 -1.32 29.58 17.01
C VAL D 328 -0.99 31.07 16.99
N PRO D 329 -1.78 31.91 16.33
CA PRO D 329 -1.44 33.32 16.23
C PRO D 329 -1.74 34.06 17.54
N ARG D 330 -1.21 35.27 17.63
CA ARG D 330 -1.50 36.14 18.77
C ARG D 330 -2.90 36.72 18.65
N ARG D 331 -3.49 37.04 19.80
CA ARG D 331 -4.85 37.60 19.80
C ARG D 331 -4.94 38.85 18.93
N GLN D 332 -3.96 39.75 19.05
CA GLN D 332 -3.97 40.96 18.24
C GLN D 332 -3.94 40.61 16.76
N GLU D 333 -3.13 39.62 16.38
CA GLU D 333 -3.10 39.17 14.99
C GLU D 333 -4.47 38.65 14.56
N VAL D 334 -5.16 37.93 15.45
CA VAL D 334 -6.52 37.48 15.16
C VAL D 334 -7.46 38.67 15.02
N ASP D 335 -7.31 39.67 15.89
CA ASP D 335 -8.12 40.88 15.80
C ASP D 335 -7.95 41.54 14.45
N ASP D 336 -6.71 41.59 13.94
CA ASP D 336 -6.45 42.24 12.66
C ASP D 336 -7.19 41.52 11.54
N ALA D 337 -7.10 40.20 11.50
CA ALA D 337 -7.72 39.42 10.42
C ALA D 337 -9.24 39.49 10.46
N LEU D 338 -9.83 39.91 11.58
CA LEU D 338 -11.27 40.00 11.65
C LEU D 338 -11.81 41.02 10.66
N SER D 339 -11.06 42.09 10.41
CA SER D 339 -11.47 43.14 9.48
C SER D 339 -11.21 42.71 8.03
C1 EDO E . -20.71 -1.11 -20.07
O1 EDO E . -21.25 -1.48 -18.79
C2 EDO E . -20.02 -2.32 -20.68
O2 EDO E . -20.84 -3.48 -20.46
C1 EDO F . -3.32 -18.64 -11.44
O1 EDO F . -3.02 -17.37 -10.89
C2 EDO F . -4.76 -18.68 -11.93
O2 EDO F . -5.60 -18.06 -10.95
C1 EDO G . 23.92 5.21 13.16
O1 EDO G . 23.67 5.72 11.84
C2 EDO G . 22.67 5.35 14.02
O2 EDO G . 22.70 6.64 14.66
#